data_5T16
#
_entry.id   5T16
#
_cell.length_a   62.037
_cell.length_b   164.065
_cell.length_c   176.855
_cell.angle_alpha   90.00
_cell.angle_beta   96.78
_cell.angle_gamma   90.00
#
_symmetry.space_group_name_H-M   'P 1 21 1'
#
loop_
_entity.id
_entity.type
_entity.pdbx_description
1 polymer 'Ribonuclease 3'
2 polymer 'Ribonuclease 3'
3 polymer 'RNA substrate analog'
4 non-polymer 1,2-ETHANEDIOL
5 water water
#
loop_
_entity_poly.entity_id
_entity_poly.type
_entity_poly.pdbx_seq_one_letter_code
_entity_poly.pdbx_strand_id
1 'polypeptide(L)'
;YDPTKAGDIVKATKWPPKLPEIQDLAIRARVFIHKSTIKDKVYLSGSEMINAHNERLEFLGDSILNSVMTLIIYNKFPDY
SEGQLSTLRMNLVSNEQIKQWSIMYNFHEKLKTNFDLKDENSNFQNGKLKLYADVFEAYIGGLMEDDPRNNLPKIRKWLR
KLAKPVIEEATRNQVALEKTDKLDMNAKRQLYSLIGYASLRLHYVTVKKPTAVDPNSIVECRVGDGTVLGTGVGRNIKIA
GIRAAENALRDKKMLDFYAKQRAAIPRSESVLKDPS
;
A,B,I,J
2 'polypeptide(L)'
;ISNYKYLEVIQLEHAVTKLVESYNKIIELSPNLVAYNEAVNNQDRVPVQILPSLSRYQLKLAAELKTLHDLKKDAILTEI
TDYENEFDTEQKQPILQEISKADMEKLEKLEQVKREKRE
;
C,D,E,F,K,L,M,N
3 'polyribonucleotide' GC(73W)AUGUCAUGUCAUGAGUCCAUGGCAUGGCAUG G,H,O,P
#
# COMPACT_ATOMS: atom_id res chain seq x y z
N TYR A 1 32.52 -18.86 18.00
CA TYR A 1 33.26 -17.58 18.08
C TYR A 1 32.51 -16.46 18.84
N ASP A 2 32.51 -16.50 20.19
CA ASP A 2 33.56 -17.16 21.01
C ASP A 2 34.97 -16.81 20.44
N PRO A 3 35.44 -15.55 20.68
CA PRO A 3 36.70 -15.09 20.03
C PRO A 3 37.82 -16.09 20.29
N THR A 4 38.54 -16.50 19.24
CA THR A 4 39.70 -17.38 19.38
C THR A 4 40.74 -17.00 20.46
N LYS A 5 40.70 -15.76 20.95
CA LYS A 5 41.48 -15.38 22.14
C LYS A 5 40.95 -16.12 23.39
N ALA A 6 39.68 -16.53 23.39
CA ALA A 6 39.08 -17.18 24.60
C ALA A 6 39.35 -18.69 24.54
N GLY A 7 38.90 -19.42 25.56
CA GLY A 7 39.40 -20.78 25.78
C GLY A 7 39.23 -21.87 24.73
N ASP A 8 38.43 -21.64 23.69
CA ASP A 8 38.37 -22.63 22.61
C ASP A 8 39.02 -22.08 21.33
N ILE A 9 40.30 -22.39 21.25
CA ILE A 9 41.24 -21.89 20.27
C ILE A 9 41.23 -22.64 18.95
N VAL A 10 41.22 -23.95 19.10
CA VAL A 10 41.36 -24.89 18.00
C VAL A 10 40.01 -25.19 17.33
N LYS A 11 38.99 -24.43 17.68
CA LYS A 11 37.68 -24.60 17.07
C LYS A 11 37.80 -24.14 15.60
N ALA A 12 37.02 -24.79 14.71
CA ALA A 12 37.01 -24.46 13.28
C ALA A 12 36.65 -22.97 13.07
N THR A 13 37.19 -22.39 12.00
CA THR A 13 37.03 -20.95 11.79
C THR A 13 35.76 -20.60 11.01
N LYS A 14 35.19 -19.44 11.33
CA LYS A 14 33.95 -18.97 10.69
C LYS A 14 34.22 -18.36 9.30
N TRP A 15 35.49 -18.34 8.89
CA TRP A 15 35.89 -17.59 7.73
C TRP A 15 36.56 -18.45 6.66
N PRO A 16 36.28 -18.19 5.37
CA PRO A 16 35.32 -17.28 4.73
C PRO A 16 33.89 -17.82 4.78
N PRO A 17 32.87 -16.94 4.59
CA PRO A 17 31.45 -17.32 4.58
C PRO A 17 31.17 -18.44 3.60
N LYS A 18 30.21 -19.30 3.91
CA LYS A 18 30.00 -20.45 3.05
C LYS A 18 29.65 -19.98 1.66
N LEU A 19 30.40 -20.49 0.68
CA LEU A 19 30.20 -20.16 -0.72
C LEU A 19 28.88 -20.75 -1.20
N PRO A 20 28.00 -19.95 -1.79
CA PRO A 20 26.83 -20.54 -2.42
C PRO A 20 27.30 -21.41 -3.55
N GLU A 21 26.56 -22.46 -3.90
CA GLU A 21 27.07 -23.45 -4.84
C GLU A 21 26.27 -23.51 -6.14
N ILE A 22 27.00 -23.68 -7.25
CA ILE A 22 26.41 -23.78 -8.58
C ILE A 22 26.08 -25.24 -8.89
N GLN A 23 24.81 -25.53 -9.10
CA GLN A 23 24.43 -26.92 -9.26
C GLN A 23 24.67 -27.46 -10.66
N ASP A 24 24.70 -26.60 -11.67
CA ASP A 24 24.92 -27.10 -13.02
C ASP A 24 26.42 -27.14 -13.33
N LEU A 25 26.95 -28.34 -13.53
CA LEU A 25 28.37 -28.52 -13.74
C LEU A 25 28.85 -27.86 -15.02
N ALA A 26 27.98 -27.79 -16.01
CA ALA A 26 28.30 -27.09 -17.24
C ALA A 26 28.76 -25.66 -16.91
N ILE A 27 27.99 -24.98 -16.07
CA ILE A 27 28.24 -23.60 -15.68
C ILE A 27 29.37 -23.48 -14.65
N ARG A 28 29.39 -24.40 -13.70
CA ARG A 28 30.43 -24.35 -12.68
C ARG A 28 31.79 -24.42 -13.35
N ALA A 29 31.90 -25.25 -14.39
CA ALA A 29 33.17 -25.44 -15.12
C ALA A 29 33.55 -24.20 -15.90
N ARG A 30 32.55 -23.61 -16.55
CA ARG A 30 32.78 -22.50 -17.47
C ARG A 30 33.39 -21.30 -16.71
N VAL A 31 33.01 -21.16 -15.44
CA VAL A 31 33.54 -20.13 -14.57
C VAL A 31 35.06 -20.14 -14.54
N PHE A 32 35.64 -21.32 -14.61
CA PHE A 32 37.08 -21.44 -14.41
C PHE A 32 37.86 -21.56 -15.70
N ILE A 33 37.17 -21.42 -16.82
CA ILE A 33 37.85 -21.49 -18.10
C ILE A 33 38.12 -20.10 -18.68
N HIS A 34 39.38 -19.72 -18.62
CA HIS A 34 39.86 -18.49 -19.20
C HIS A 34 39.99 -18.64 -20.70
N LYS A 35 39.96 -17.52 -21.41
CA LYS A 35 39.83 -17.54 -22.85
C LYS A 35 41.13 -17.97 -23.51
N SER A 36 42.26 -17.86 -22.80
CA SER A 36 43.54 -18.27 -23.38
C SER A 36 43.50 -19.77 -23.68
N THR A 37 42.64 -20.46 -22.96
CA THR A 37 42.36 -21.88 -23.13
C THR A 37 41.54 -22.19 -24.38
N ILE A 38 40.83 -21.18 -24.86
CA ILE A 38 39.82 -21.36 -25.90
C ILE A 38 40.17 -20.71 -27.23
N LYS A 39 40.45 -19.41 -27.23
CA LYS A 39 40.58 -18.63 -28.46
C LYS A 39 41.71 -19.16 -29.38
N ASP A 40 42.55 -20.07 -28.89
CA ASP A 40 43.61 -20.68 -29.70
C ASP A 40 43.19 -21.97 -30.37
N LYS A 41 41.93 -22.37 -30.22
CA LYS A 41 41.45 -23.59 -30.83
C LYS A 41 40.86 -23.26 -32.16
N VAL A 42 41.58 -23.61 -33.22
CA VAL A 42 41.26 -23.15 -34.57
C VAL A 42 40.01 -23.79 -35.12
N TYR A 43 39.59 -24.89 -34.52
CA TYR A 43 38.44 -25.61 -35.01
C TYR A 43 37.14 -25.14 -34.38
N LEU A 44 37.20 -24.05 -33.61
CA LEU A 44 35.99 -23.52 -33.01
C LEU A 44 35.46 -22.31 -33.74
N SER A 45 34.15 -22.25 -33.92
CA SER A 45 33.53 -21.02 -34.45
C SER A 45 33.58 -19.99 -33.34
N GLY A 46 33.46 -18.71 -33.71
CA GLY A 46 33.41 -17.66 -32.70
C GLY A 46 32.28 -17.84 -31.71
N SER A 47 31.16 -18.37 -32.18
CA SER A 47 30.03 -18.56 -31.30
C SER A 47 30.37 -19.60 -30.24
N GLU A 48 31.04 -20.66 -30.64
CA GLU A 48 31.37 -21.71 -29.71
C GLU A 48 32.39 -21.24 -28.69
N MET A 49 33.25 -20.31 -29.09
CA MET A 49 34.24 -19.78 -28.17
C MET A 49 33.60 -19.01 -27.04
N ILE A 50 32.72 -18.10 -27.38
CA ILE A 50 31.99 -17.28 -26.44
C ILE A 50 31.21 -18.13 -25.42
N ASN A 51 30.71 -19.27 -25.83
CA ASN A 51 29.90 -20.09 -24.94
C ASN A 51 30.75 -21.05 -24.10
N ALA A 52 32.07 -21.00 -24.32
CA ALA A 52 33.03 -21.86 -23.65
C ALA A 52 33.70 -21.17 -22.47
N HIS A 53 34.38 -20.03 -22.69
CA HIS A 53 35.10 -19.39 -21.60
C HIS A 53 34.19 -18.49 -20.75
N ASN A 54 34.77 -17.77 -19.78
CA ASN A 54 33.98 -17.15 -18.70
C ASN A 54 33.58 -15.67 -18.84
N GLU A 55 33.88 -15.05 -19.98
CA GLU A 55 33.72 -13.61 -20.13
C GLU A 55 32.27 -13.12 -20.13
N ARG A 56 31.35 -13.93 -20.63
CA ARG A 56 29.95 -13.53 -20.53
C ARG A 56 29.52 -13.50 -19.08
N LEU A 57 30.06 -14.42 -18.31
CA LEU A 57 29.68 -14.60 -16.90
C LEU A 57 30.31 -13.51 -16.04
N GLU A 58 31.51 -13.12 -16.42
CA GLU A 58 32.24 -12.09 -15.72
C GLU A 58 31.43 -10.83 -15.85
N PHE A 59 30.96 -10.59 -17.07
CA PHE A 59 30.10 -9.46 -17.36
C PHE A 59 28.83 -9.48 -16.50
N LEU A 60 28.10 -10.58 -16.54
CA LEU A 60 26.90 -10.70 -15.71
C LEU A 60 27.22 -10.48 -14.24
N GLY A 61 28.27 -11.14 -13.75
CA GLY A 61 28.67 -11.04 -12.36
C GLY A 61 29.03 -9.66 -11.85
N ASP A 62 29.83 -8.93 -12.62
CA ASP A 62 30.22 -7.58 -12.27
C ASP A 62 28.98 -6.73 -12.02
N SER A 63 27.92 -6.92 -12.78
CA SER A 63 26.74 -6.11 -12.58
C SER A 63 26.03 -6.46 -11.27
N ILE A 64 25.79 -7.74 -11.05
CA ILE A 64 25.12 -8.18 -9.81
C ILE A 64 25.97 -7.80 -8.60
N LEU A 65 27.28 -7.93 -8.72
CA LEU A 65 28.15 -7.55 -7.65
C LEU A 65 27.93 -6.11 -7.30
N ASN A 66 27.92 -5.29 -8.33
CA ASN A 66 27.80 -3.86 -8.22
C ASN A 66 26.40 -3.39 -7.76
N SER A 67 25.38 -4.04 -8.26
CA SER A 67 24.02 -3.83 -7.79
C SER A 67 23.79 -4.17 -6.31
N VAL A 68 24.24 -5.35 -5.87
CA VAL A 68 23.98 -5.78 -4.51
C VAL A 68 24.73 -4.92 -3.49
N MET A 69 25.99 -4.62 -3.79
CA MET A 69 26.75 -3.73 -2.93
C MET A 69 26.06 -2.38 -2.83
N THR A 70 25.44 -1.93 -3.91
CA THR A 70 24.83 -0.62 -3.92
C THR A 70 23.65 -0.54 -2.95
N LEU A 71 22.73 -1.47 -3.07
CA LEU A 71 21.63 -1.64 -2.13
C LEU A 71 22.08 -1.80 -0.70
N ILE A 72 23.07 -2.67 -0.49
CA ILE A 72 23.56 -2.97 0.86
C ILE A 72 23.95 -1.70 1.61
N ILE A 73 24.86 -0.91 1.03
CA ILE A 73 25.35 0.29 1.68
C ILE A 73 24.30 1.41 1.64
N TYR A 74 23.39 1.35 0.67
CA TYR A 74 22.35 2.35 0.60
C TYR A 74 21.44 2.27 1.82
N ASN A 75 20.98 1.06 2.09
CA ASN A 75 20.10 0.83 3.22
C ASN A 75 20.81 0.96 4.57
N LYS A 76 22.08 0.60 4.65
CA LYS A 76 22.78 0.61 5.93
C LYS A 76 23.20 2.05 6.33
N PHE A 77 23.30 2.95 5.37
CA PHE A 77 23.65 4.34 5.65
C PHE A 77 22.68 5.36 5.06
N PRO A 78 21.47 5.46 5.65
CA PRO A 78 20.40 6.33 5.16
C PRO A 78 20.77 7.81 5.04
N ASP A 79 21.71 8.28 5.85
CA ASP A 79 22.12 9.69 5.76
C ASP A 79 23.42 10.00 4.99
N TYR A 80 24.00 9.01 4.32
CA TYR A 80 25.17 9.24 3.46
C TYR A 80 24.84 10.00 2.18
N SER A 81 25.72 10.91 1.80
CA SER A 81 25.56 11.61 0.56
C SER A 81 25.88 10.68 -0.60
N GLU A 82 25.68 11.14 -1.83
CA GLU A 82 25.95 10.31 -2.99
C GLU A 82 27.45 10.15 -3.15
N GLY A 83 28.21 11.16 -2.79
CA GLY A 83 29.64 11.08 -2.92
C GLY A 83 30.18 10.12 -1.89
N GLN A 84 29.57 10.15 -0.72
CA GLN A 84 29.97 9.24 0.33
C GLN A 84 29.62 7.81 -0.04
N LEU A 85 28.38 7.61 -0.50
CA LEU A 85 27.96 6.29 -0.96
C LEU A 85 28.89 5.79 -2.06
N SER A 86 29.21 6.68 -3.00
CA SER A 86 30.02 6.31 -4.14
C SER A 86 31.45 5.99 -3.67
N THR A 87 32.00 6.77 -2.76
CA THR A 87 33.35 6.48 -2.29
C THR A 87 33.41 5.15 -1.54
N LEU A 88 32.44 4.91 -0.67
CA LEU A 88 32.37 3.65 0.03
C LEU A 88 32.23 2.49 -0.95
N ARG A 89 31.42 2.68 -1.97
CA ARG A 89 31.23 1.60 -2.95
C ARG A 89 32.51 1.25 -3.69
N MET A 90 33.38 2.23 -3.89
CA MET A 90 34.62 1.97 -4.60
C MET A 90 35.45 0.96 -3.81
N ASN A 91 35.43 1.08 -2.49
CA ASN A 91 36.11 0.12 -1.63
C ASN A 91 35.56 -1.30 -1.80
N LEU A 92 34.28 -1.45 -2.07
CA LEU A 92 33.74 -2.79 -2.14
C LEU A 92 33.97 -3.49 -3.47
N VAL A 93 33.92 -2.75 -4.57
CA VAL A 93 34.06 -3.32 -5.91
C VAL A 93 35.43 -3.18 -6.58
N SER A 94 36.44 -2.71 -5.86
CA SER A 94 37.73 -2.44 -6.48
C SER A 94 38.39 -3.72 -6.98
N ASN A 95 39.38 -3.58 -7.86
CA ASN A 95 40.13 -4.74 -8.34
C ASN A 95 40.75 -5.46 -7.17
N GLU A 96 41.50 -4.70 -6.37
CA GLU A 96 42.21 -5.25 -5.21
C GLU A 96 41.27 -5.98 -4.29
N GLN A 97 40.11 -5.41 -4.05
CA GLN A 97 39.24 -6.01 -3.06
C GLN A 97 38.66 -7.29 -3.58
N ILE A 98 38.24 -7.28 -4.83
CA ILE A 98 37.62 -8.48 -5.41
C ILE A 98 38.65 -9.58 -5.55
N LYS A 99 39.85 -9.20 -5.96
CA LYS A 99 40.99 -10.10 -6.07
C LYS A 99 41.26 -10.82 -4.74
N GLN A 100 41.27 -10.04 -3.68
CA GLN A 100 41.50 -10.54 -2.34
C GLN A 100 40.39 -11.53 -2.05
N TRP A 101 39.15 -11.17 -2.36
CA TRP A 101 38.06 -12.09 -2.15
C TRP A 101 38.22 -13.37 -2.93
N SER A 102 38.88 -13.26 -4.07
CA SER A 102 39.02 -14.39 -4.98
C SER A 102 40.00 -15.41 -4.39
N ILE A 103 41.09 -14.91 -3.86
CA ILE A 103 42.09 -15.74 -3.21
C ILE A 103 41.52 -16.44 -1.98
N MET A 104 40.67 -15.71 -1.27
CA MET A 104 39.93 -16.23 -0.14
C MET A 104 39.28 -17.59 -0.43
N TYR A 105 38.78 -17.76 -1.65
CA TYR A 105 38.20 -19.03 -2.10
C TYR A 105 39.12 -19.90 -2.96
N ASN A 106 40.39 -19.49 -3.07
CA ASN A 106 41.37 -20.21 -3.87
C ASN A 106 40.92 -20.36 -5.30
N PHE A 107 40.11 -19.41 -5.75
CA PHE A 107 39.70 -19.40 -7.14
C PHE A 107 40.90 -19.27 -8.07
N HIS A 108 41.94 -18.57 -7.62
CA HIS A 108 43.10 -18.34 -8.45
C HIS A 108 43.86 -19.61 -8.75
N GLU A 109 43.77 -20.56 -7.83
CA GLU A 109 44.43 -21.84 -8.01
C GLU A 109 43.59 -22.79 -8.86
N LYS A 110 42.30 -22.49 -9.01
CA LYS A 110 41.41 -23.32 -9.83
C LYS A 110 41.26 -22.81 -11.28
N LEU A 111 41.71 -21.58 -11.51
CA LEU A 111 41.54 -20.97 -12.81
C LEU A 111 42.40 -21.64 -13.87
N LYS A 112 41.77 -22.07 -14.95
CA LYS A 112 42.47 -22.73 -16.04
C LYS A 112 43.00 -21.72 -17.04
N THR A 113 44.31 -21.66 -17.25
CA THR A 113 44.86 -20.82 -18.31
C THR A 113 45.89 -21.55 -19.13
N ASN A 114 46.38 -20.89 -20.18
CA ASN A 114 47.25 -21.51 -21.15
C ASN A 114 48.71 -21.19 -20.89
N PHE A 115 48.95 -20.39 -19.87
CA PHE A 115 50.30 -19.95 -19.58
C PHE A 115 50.55 -20.16 -18.10
N ASP A 116 51.76 -19.84 -17.66
CA ASP A 116 52.17 -20.18 -16.30
C ASP A 116 51.70 -19.09 -15.35
N LEU A 117 50.84 -19.46 -14.40
CA LEU A 117 50.30 -18.50 -13.43
C LEU A 117 51.30 -18.29 -12.28
N LYS A 118 52.09 -19.32 -12.03
CA LYS A 118 53.03 -19.30 -10.91
C LYS A 118 54.43 -18.78 -11.32
N ASP A 119 54.65 -18.63 -12.63
CA ASP A 119 55.91 -18.07 -13.08
C ASP A 119 56.06 -16.67 -12.55
N GLU A 120 57.14 -16.43 -11.82
CA GLU A 120 57.34 -15.14 -11.17
C GLU A 120 58.16 -14.16 -12.02
N ASN A 121 58.71 -14.66 -13.13
CA ASN A 121 59.35 -13.77 -14.10
C ASN A 121 58.40 -13.39 -15.23
N SER A 122 57.23 -14.05 -15.24
CA SER A 122 56.24 -13.77 -16.25
C SER A 122 55.80 -12.32 -16.11
N ASN A 123 55.51 -11.67 -17.24
CA ASN A 123 55.07 -10.28 -17.18
C ASN A 123 53.65 -10.25 -16.66
N PHE A 124 53.05 -11.41 -16.43
CA PHE A 124 51.74 -11.41 -15.84
C PHE A 124 51.82 -10.93 -14.38
N GLN A 125 52.98 -11.05 -13.77
CA GLN A 125 53.11 -10.78 -12.36
C GLN A 125 53.27 -9.32 -12.00
N ASN A 126 53.67 -8.52 -12.97
CA ASN A 126 53.87 -7.10 -12.72
C ASN A 126 52.65 -6.26 -13.16
N GLY A 127 51.57 -6.92 -13.54
CA GLY A 127 50.32 -6.21 -13.80
C GLY A 127 49.34 -6.16 -12.64
N LYS A 128 48.09 -5.82 -12.97
CA LYS A 128 47.00 -5.72 -12.00
C LYS A 128 46.46 -7.08 -11.61
N LEU A 129 46.85 -8.11 -12.36
CA LEU A 129 46.36 -9.46 -12.15
C LEU A 129 44.82 -9.51 -12.10
N LYS A 130 44.18 -8.79 -13.03
CA LYS A 130 42.72 -8.69 -13.07
C LYS A 130 41.99 -10.03 -13.32
N LEU A 131 42.64 -11.00 -13.93
CA LEU A 131 42.03 -12.32 -14.11
C LEU A 131 41.47 -12.93 -12.83
N TYR A 132 42.15 -12.69 -11.71
CA TYR A 132 41.73 -13.29 -10.47
C TYR A 132 40.44 -12.66 -10.05
N ALA A 133 40.35 -11.35 -10.22
CA ALA A 133 39.11 -10.63 -9.91
C ALA A 133 37.98 -11.11 -10.84
N ASP A 134 38.30 -11.29 -12.11
CA ASP A 134 37.31 -11.69 -13.09
C ASP A 134 36.61 -12.99 -12.69
N VAL A 135 37.37 -13.96 -12.16
CA VAL A 135 36.84 -15.32 -11.99
C VAL A 135 35.85 -15.31 -10.83
N PHE A 136 36.11 -14.42 -9.87
CA PHE A 136 35.23 -14.25 -8.74
C PHE A 136 33.91 -13.68 -9.21
N GLU A 137 33.99 -12.68 -10.09
CA GLU A 137 32.78 -12.13 -10.68
C GLU A 137 32.10 -13.17 -11.53
N ALA A 138 32.89 -13.95 -12.26
CA ALA A 138 32.34 -14.99 -13.11
C ALA A 138 31.61 -16.02 -12.28
N TYR A 139 32.07 -16.26 -11.05
CA TYR A 139 31.38 -17.19 -10.18
C TYR A 139 29.99 -16.67 -9.88
N ILE A 140 29.91 -15.40 -9.52
CA ILE A 140 28.62 -14.77 -9.28
C ILE A 140 27.75 -14.89 -10.54
N GLY A 141 28.34 -14.66 -11.70
CA GLY A 141 27.61 -14.77 -12.94
C GLY A 141 27.10 -16.18 -13.13
N GLY A 142 27.93 -17.14 -12.75
CA GLY A 142 27.56 -18.54 -12.83
C GLY A 142 26.35 -18.84 -11.98
N LEU A 143 26.37 -18.31 -10.76
CA LEU A 143 25.25 -18.47 -9.84
C LEU A 143 23.94 -17.95 -10.42
N MET A 144 23.97 -16.80 -11.09
CA MET A 144 22.73 -16.21 -11.59
C MET A 144 22.18 -17.02 -12.74
N GLU A 145 23.05 -17.43 -13.65
CA GLU A 145 22.60 -18.11 -14.85
C GLU A 145 22.03 -19.48 -14.51
N ASP A 146 22.54 -20.06 -13.42
CA ASP A 146 22.12 -21.38 -12.97
C ASP A 146 20.68 -21.43 -12.49
N ASP A 147 20.37 -20.63 -11.47
CA ASP A 147 19.01 -20.49 -10.97
C ASP A 147 18.78 -19.05 -10.46
N PRO A 148 18.38 -18.13 -11.37
CA PRO A 148 18.27 -16.70 -11.07
C PRO A 148 17.34 -16.47 -9.90
N ARG A 149 16.25 -17.24 -9.78
CA ARG A 149 15.35 -17.08 -8.62
C ARG A 149 15.95 -17.40 -7.24
N ASN A 150 16.43 -18.62 -7.06
CA ASN A 150 16.88 -19.05 -5.75
C ASN A 150 18.25 -18.51 -5.40
N ASN A 151 19.08 -18.24 -6.40
CA ASN A 151 20.44 -17.88 -6.08
C ASN A 151 20.64 -16.38 -5.83
N LEU A 152 19.73 -15.54 -6.28
CA LEU A 152 19.90 -14.11 -6.03
C LEU A 152 19.90 -13.79 -4.52
N PRO A 153 18.94 -14.36 -3.74
CA PRO A 153 19.02 -14.14 -2.29
C PRO A 153 20.30 -14.69 -1.67
N LYS A 154 20.72 -15.88 -2.09
CA LYS A 154 21.91 -16.46 -1.49
C LYS A 154 23.12 -15.60 -1.82
N ILE A 155 23.13 -15.03 -3.01
CA ILE A 155 24.18 -14.08 -3.35
C ILE A 155 24.11 -12.88 -2.40
N ARG A 156 22.89 -12.40 -2.13
CA ARG A 156 22.71 -11.29 -1.23
C ARG A 156 23.32 -11.56 0.14
N LYS A 157 22.95 -12.69 0.74
CA LYS A 157 23.36 -12.96 2.12
C LYS A 157 24.86 -13.21 2.15
N TRP A 158 25.36 -13.93 1.14
CA TRP A 158 26.78 -14.21 1.03
C TRP A 158 27.64 -12.93 0.96
N LEU A 159 27.22 -11.98 0.11
CA LEU A 159 28.01 -10.77 -0.05
C LEU A 159 27.93 -9.85 1.14
N ARG A 160 26.78 -9.82 1.81
CA ARG A 160 26.63 -9.00 3.02
C ARG A 160 27.64 -9.46 4.06
N LYS A 161 27.83 -10.78 4.14
CA LYS A 161 28.84 -11.34 5.03
C LYS A 161 30.24 -10.94 4.56
N LEU A 162 30.49 -10.95 3.26
CA LEU A 162 31.81 -10.61 2.77
C LEU A 162 32.17 -9.14 3.04
N ALA A 163 31.16 -8.31 2.88
CA ALA A 163 31.32 -6.87 2.93
C ALA A 163 31.51 -6.26 4.33
N LYS A 164 30.88 -6.86 5.32
CA LYS A 164 30.84 -6.30 6.67
C LYS A 164 32.24 -5.87 7.19
N PRO A 165 33.23 -6.77 7.16
CA PRO A 165 34.52 -6.29 7.67
C PRO A 165 35.09 -5.15 6.86
N VAL A 166 34.88 -5.17 5.54
CA VAL A 166 35.47 -4.19 4.64
C VAL A 166 34.84 -2.82 4.86
N ILE A 167 33.54 -2.82 5.08
CA ILE A 167 32.81 -1.60 5.36
C ILE A 167 33.26 -1.04 6.69
N GLU A 168 33.15 -1.88 7.71
CA GLU A 168 33.50 -1.53 9.05
C GLU A 168 34.90 -0.91 9.18
N GLU A 169 35.85 -1.41 8.41
CA GLU A 169 37.20 -0.85 8.46
C GLU A 169 37.20 0.53 7.79
N ALA A 170 36.42 0.66 6.72
CA ALA A 170 36.46 1.88 5.91
C ALA A 170 35.69 3.06 6.54
N THR A 171 34.61 2.79 7.26
CA THR A 171 33.84 3.87 7.81
C THR A 171 34.61 4.55 8.95
N ARG A 172 35.35 3.74 9.72
CA ARG A 172 36.13 4.25 10.84
C ARG A 172 37.43 4.97 10.45
N ASN A 173 38.21 4.34 9.57
CA ASN A 173 39.53 4.86 9.18
C ASN A 173 39.66 5.63 7.84
N GLN A 174 38.56 5.85 7.11
CA GLN A 174 38.68 6.62 5.85
C GLN A 174 38.28 8.09 6.13
N VAL A 175 39.04 9.03 5.60
CA VAL A 175 38.81 10.44 5.94
C VAL A 175 37.55 10.96 5.24
N ALA A 176 37.36 10.57 3.98
CA ALA A 176 36.27 11.07 3.12
C ALA A 176 34.89 10.61 3.58
N LEU A 177 34.90 9.57 4.40
CA LEU A 177 33.72 8.88 4.91
C LEU A 177 33.35 9.35 6.33
N GLU A 178 34.02 10.38 6.86
CA GLU A 178 33.83 10.75 8.26
C GLU A 178 32.62 11.67 8.42
N LYS A 179 32.22 11.91 9.66
CA LYS A 179 30.95 12.59 9.89
C LYS A 179 31.14 14.08 10.10
N THR A 180 30.32 14.80 9.35
CA THR A 180 30.26 16.25 9.28
C THR A 180 29.17 16.90 10.15
N ASP A 181 28.56 16.11 11.02
CA ASP A 181 27.28 16.45 11.69
C ASP A 181 27.35 17.44 12.87
N LYS A 182 28.50 17.56 13.53
CA LYS A 182 28.63 18.51 14.65
C LYS A 182 29.28 19.84 14.23
N LEU A 183 29.61 19.95 12.94
CA LEU A 183 30.10 21.19 12.34
C LEU A 183 29.06 22.29 12.31
N ASP A 184 29.40 23.51 12.71
CA ASP A 184 28.43 24.58 12.53
C ASP A 184 28.73 25.29 11.21
N MET A 185 27.85 25.11 10.23
CA MET A 185 28.12 25.67 8.92
C MET A 185 28.10 27.21 8.94
N ASN A 186 27.60 27.78 10.04
CA ASN A 186 27.55 29.22 10.21
C ASN A 186 28.70 29.81 11.04
N ALA A 187 29.66 28.98 11.43
CA ALA A 187 30.75 29.39 12.30
C ALA A 187 31.59 30.59 11.78
N LYS A 188 32.11 30.56 10.55
CA LYS A 188 32.90 31.70 10.06
C LYS A 188 32.09 32.99 10.09
N ARG A 189 30.80 32.86 9.79
CA ARG A 189 29.90 33.98 9.87
C ARG A 189 29.73 34.51 11.28
N GLN A 190 29.50 33.58 12.21
CA GLN A 190 29.29 33.95 13.59
C GLN A 190 30.47 34.80 14.04
N LEU A 191 31.64 34.36 13.65
CA LEU A 191 32.88 34.98 14.10
C LEU A 191 32.98 36.39 13.58
N TYR A 192 32.73 36.58 12.29
CA TYR A 192 32.80 37.91 11.69
C TYR A 192 31.79 38.89 12.32
N SER A 193 30.63 38.38 12.70
CA SER A 193 29.64 39.20 13.35
C SER A 193 30.20 39.72 14.64
N LEU A 194 30.88 38.87 15.37
CA LEU A 194 31.31 39.23 16.70
C LEU A 194 32.53 40.15 16.68
N ILE A 195 33.57 39.76 15.96
CA ILE A 195 34.76 40.58 15.94
C ILE A 195 35.05 41.29 14.63
N GLY A 196 34.30 40.98 13.58
CA GLY A 196 34.72 41.38 12.25
C GLY A 196 34.42 42.80 11.82
N TYR A 197 35.35 43.40 11.09
CA TYR A 197 35.11 44.66 10.39
C TYR A 197 36.13 44.74 9.26
N ALA A 198 35.83 45.48 8.21
CA ALA A 198 36.59 45.35 6.96
C ALA A 198 38.11 45.56 7.08
N SER A 199 38.53 46.51 7.90
CA SER A 199 39.95 46.89 7.99
C SER A 199 40.74 45.95 8.88
N LEU A 200 40.04 45.05 9.55
CA LEU A 200 40.69 44.04 10.36
C LEU A 200 41.37 42.99 9.47
N ARG A 201 40.94 42.91 8.20
CA ARG A 201 41.44 41.94 7.23
C ARG A 201 41.46 40.51 7.79
N LEU A 202 40.35 40.11 8.40
CA LEU A 202 40.19 38.79 8.97
C LEU A 202 40.02 37.77 7.87
N HIS A 203 40.96 36.85 7.76
CA HIS A 203 40.96 35.96 6.60
C HIS A 203 41.46 34.58 7.00
N TYR A 204 41.18 33.59 6.16
CA TYR A 204 41.59 32.23 6.41
C TYR A 204 42.71 31.85 5.48
N VAL A 205 43.70 31.18 6.02
CA VAL A 205 44.85 30.79 5.22
C VAL A 205 44.99 29.29 5.25
N THR A 206 45.30 28.71 4.11
CA THR A 206 45.58 27.28 4.06
C THR A 206 47.07 27.06 4.29
N VAL A 207 47.43 26.53 5.45
CA VAL A 207 48.82 26.20 5.72
C VAL A 207 49.20 24.81 5.19
N LYS A 208 48.24 23.89 5.11
CA LYS A 208 48.53 22.58 4.50
C LYS A 208 47.39 22.09 3.60
N LYS A 209 47.69 21.83 2.33
CA LYS A 209 46.71 21.30 1.38
C LYS A 209 46.70 19.79 1.30
N PRO A 210 45.52 19.18 1.10
CA PRO A 210 45.45 17.71 1.08
C PRO A 210 46.26 17.13 -0.06
N THR A 211 46.97 16.05 0.23
CA THR A 211 47.77 15.38 -0.78
C THR A 211 47.49 13.90 -0.73
N ALA A 212 47.93 13.18 -1.77
CA ALA A 212 47.77 11.74 -1.84
C ALA A 212 48.28 11.03 -0.58
N VAL A 213 49.48 11.42 -0.13
CA VAL A 213 50.06 10.84 1.08
C VAL A 213 49.31 11.21 2.36
N ASP A 214 48.89 12.48 2.44
CA ASP A 214 48.25 13.07 3.63
C ASP A 214 46.93 13.75 3.31
N PRO A 215 45.82 13.01 3.38
CA PRO A 215 44.54 13.61 2.97
C PRO A 215 43.93 14.53 4.04
N ASN A 216 44.70 15.47 4.57
CA ASN A 216 44.15 16.40 5.54
C ASN A 216 44.64 17.77 5.29
N SER A 217 43.98 18.71 5.93
CA SER A 217 44.26 20.09 5.68
C SER A 217 44.28 20.87 6.98
N ILE A 218 45.06 21.94 7.00
CA ILE A 218 45.12 22.82 8.15
C ILE A 218 44.85 24.24 7.68
N VAL A 219 43.88 24.91 8.29
CA VAL A 219 43.59 26.30 7.96
C VAL A 219 43.72 27.18 9.20
N GLU A 220 44.48 28.26 9.09
CA GLU A 220 44.60 29.19 10.20
C GLU A 220 43.68 30.38 9.96
N CYS A 221 43.03 30.80 11.02
CA CYS A 221 42.21 31.99 11.00
C CYS A 221 43.08 33.15 11.47
N ARG A 222 43.21 34.20 10.67
CA ARG A 222 44.12 35.31 11.02
C ARG A 222 43.55 36.73 10.83
N VAL A 223 44.11 37.69 11.56
CA VAL A 223 43.85 39.10 11.33
C VAL A 223 45.01 39.67 10.51
N GLY A 224 44.95 40.98 10.22
CA GLY A 224 45.83 41.62 9.27
C GLY A 224 47.29 41.59 9.67
N ASP A 225 47.54 41.79 10.97
CA ASP A 225 48.91 41.87 11.47
C ASP A 225 49.55 40.47 11.63
N GLY A 226 48.80 39.42 11.28
CA GLY A 226 49.32 38.07 11.31
C GLY A 226 48.85 37.18 12.45
N THR A 227 48.28 37.78 13.48
CA THR A 227 47.83 37.08 14.68
C THR A 227 46.89 35.94 14.33
N VAL A 228 47.16 34.75 14.85
CA VAL A 228 46.31 33.59 14.64
C VAL A 228 45.24 33.49 15.72
N LEU A 229 43.98 33.56 15.33
CA LEU A 229 42.91 33.46 16.31
C LEU A 229 42.38 32.04 16.45
N GLY A 230 42.77 31.16 15.55
CA GLY A 230 42.25 29.81 15.56
C GLY A 230 42.96 28.89 14.59
N THR A 231 42.87 27.60 14.84
CA THR A 231 43.41 26.61 13.91
C THR A 231 42.41 25.45 13.80
N GLY A 232 42.36 24.82 12.64
CA GLY A 232 41.46 23.71 12.43
C GLY A 232 42.02 22.78 11.38
N VAL A 233 41.64 21.51 11.47
CA VAL A 233 42.16 20.48 10.56
C VAL A 233 40.98 19.60 10.15
N GLY A 234 40.92 19.27 8.87
CA GLY A 234 39.78 18.55 8.35
C GLY A 234 40.06 18.03 6.97
N ARG A 235 39.06 17.41 6.36
CA ARG A 235 39.24 16.68 5.12
C ARG A 235 39.60 17.63 3.97
N ASN A 236 38.96 18.79 3.94
CA ASN A 236 39.24 19.81 2.93
C ASN A 236 39.27 21.22 3.54
N ILE A 237 39.69 22.20 2.73
CA ILE A 237 39.80 23.57 3.20
C ILE A 237 38.49 24.11 3.81
N LYS A 238 37.35 23.67 3.29
CA LYS A 238 36.08 24.14 3.83
C LYS A 238 35.94 23.69 5.29
N ILE A 239 36.10 22.39 5.53
CA ILE A 239 35.97 21.84 6.88
C ILE A 239 37.00 22.39 7.86
N ALA A 240 38.24 22.47 7.41
CA ALA A 240 39.32 22.95 8.23
C ALA A 240 39.03 24.35 8.67
N GLY A 241 38.57 25.17 7.73
CA GLY A 241 38.25 26.56 8.04
C GLY A 241 37.14 26.62 9.06
N ILE A 242 36.17 25.74 8.93
CA ILE A 242 35.06 25.73 9.86
C ILE A 242 35.56 25.41 11.26
N ARG A 243 36.54 24.52 11.37
CA ARG A 243 37.02 24.15 12.69
C ARG A 243 37.94 25.23 13.24
N ALA A 244 38.68 25.89 12.35
CA ALA A 244 39.46 27.05 12.74
C ALA A 244 38.51 28.09 13.34
N ALA A 245 37.38 28.31 12.67
CA ALA A 245 36.39 29.25 13.18
C ALA A 245 35.92 28.87 14.57
N GLU A 246 35.56 27.60 14.73
CA GLU A 246 35.07 27.07 15.99
C GLU A 246 36.13 27.14 17.06
N ASN A 247 37.38 27.01 16.66
CA ASN A 247 38.48 27.17 17.59
C ASN A 247 38.48 28.60 18.19
N ALA A 248 38.41 29.59 17.30
CA ALA A 248 38.40 31.00 17.68
C ALA A 248 37.21 31.37 18.56
N LEU A 249 36.09 30.73 18.29
CA LEU A 249 34.84 31.01 19.00
C LEU A 249 34.89 30.53 20.45
N ARG A 250 35.81 29.60 20.73
CA ARG A 250 35.93 29.05 22.07
C ARG A 250 36.82 29.90 22.95
N ASP A 251 37.61 30.79 22.34
CA ASP A 251 38.53 31.59 23.14
C ASP A 251 37.83 32.89 23.48
N LYS A 252 37.21 32.97 24.66
CA LYS A 252 36.30 34.09 24.84
C LYS A 252 36.97 35.38 25.29
N LYS A 253 38.14 35.26 25.91
CA LYS A 253 38.86 36.45 26.35
C LYS A 253 39.35 37.19 25.14
N MET A 254 39.75 36.42 24.13
CA MET A 254 40.25 36.95 22.87
C MET A 254 39.16 37.63 22.07
N LEU A 255 38.00 36.96 21.99
CA LEU A 255 36.84 37.51 21.31
C LEU A 255 36.44 38.86 21.92
N ASP A 256 36.36 38.89 23.24
CA ASP A 256 36.02 40.11 23.94
C ASP A 256 37.04 41.21 23.63
N PHE A 257 38.30 40.82 23.49
CA PHE A 257 39.30 41.79 23.19
C PHE A 257 39.05 42.43 21.84
N TYR A 258 38.76 41.61 20.84
CA TYR A 258 38.62 42.13 19.50
C TYR A 258 37.30 42.87 19.30
N ALA A 259 36.25 42.43 19.99
CA ALA A 259 34.98 43.13 19.92
C ALA A 259 35.11 44.56 20.43
N LYS A 260 35.73 44.72 21.60
CA LYS A 260 36.07 46.04 22.10
C LYS A 260 36.97 46.80 21.14
N GLN A 261 37.92 46.14 20.51
CA GLN A 261 38.84 46.84 19.62
C GLN A 261 38.00 47.49 18.52
N ARG A 262 37.08 46.70 17.94
CA ARG A 262 36.20 47.18 16.91
C ARG A 262 35.43 48.42 17.38
N ALA A 263 34.84 48.32 18.56
CA ALA A 263 33.98 49.36 19.10
C ALA A 263 34.72 50.69 19.17
N ALA A 264 36.05 50.62 19.30
CA ALA A 264 36.86 51.80 19.49
C ALA A 264 37.29 52.45 18.18
N ILE A 265 37.10 51.74 17.08
CA ILE A 265 37.55 52.24 15.80
C ILE A 265 36.41 52.93 15.06
N PRO A 266 36.68 54.14 14.53
CA PRO A 266 35.64 54.89 13.80
C PRO A 266 35.22 54.22 12.52
N ARG A 267 33.92 54.20 12.25
CA ARG A 267 33.39 53.68 10.98
C ARG A 267 33.99 54.70 10.02
N SER A 268 34.21 54.39 8.75
CA SER A 268 35.60 54.38 8.27
C SER A 268 36.50 55.42 8.89
N GLU A 269 37.64 54.95 9.43
CA GLU A 269 38.49 53.83 8.99
C GLU A 269 37.97 52.40 8.90
N SER A 270 37.11 52.04 9.82
CA SER A 270 36.59 50.68 9.98
C SER A 270 36.09 49.96 8.70
N VAL A 271 35.41 50.68 7.83
CA VAL A 271 34.66 50.03 6.76
C VAL A 271 35.47 49.89 5.46
N LEU A 272 36.73 50.29 5.52
CA LEU A 272 37.65 50.24 4.39
C LEU A 272 38.65 49.11 4.59
N LYS A 273 39.11 48.49 3.53
CA LYS A 273 40.06 47.41 3.66
C LYS A 273 41.47 47.93 3.97
N ASP A 274 41.79 49.12 3.44
CA ASP A 274 43.11 49.75 3.56
C ASP A 274 42.97 51.23 3.83
N PRO A 275 42.76 51.67 5.08
CA PRO A 275 42.43 53.11 5.15
C PRO A 275 43.55 54.12 4.65
N SER A 276 43.87 54.00 3.36
CA SER A 276 44.83 54.86 2.63
C SER A 276 44.29 55.37 1.28
N TYR B 1 0.48 -1.36 -33.74
CA TYR B 1 0.44 -1.43 -35.21
C TYR B 1 0.35 -0.01 -35.80
N ASP B 2 1.38 0.82 -35.68
CA ASP B 2 1.17 2.18 -36.19
C ASP B 2 2.15 2.51 -37.33
N PRO B 3 1.80 2.16 -38.60
CA PRO B 3 2.46 2.67 -39.81
C PRO B 3 2.50 4.20 -39.87
N THR B 4 1.46 4.84 -39.34
CA THR B 4 1.37 6.29 -39.13
C THR B 4 1.48 7.06 -40.47
N LYS B 5 1.58 6.32 -41.58
CA LYS B 5 1.47 6.93 -42.89
C LYS B 5 0.20 6.35 -43.56
N ALA B 6 -0.54 5.47 -42.87
CA ALA B 6 -1.75 4.93 -43.49
C ALA B 6 -3.12 5.56 -43.04
N GLY B 7 -3.65 5.09 -41.91
CA GLY B 7 -4.94 5.48 -41.35
C GLY B 7 -4.73 5.93 -39.92
N ASP B 8 -3.49 5.80 -39.48
CA ASP B 8 -3.03 6.06 -38.12
C ASP B 8 -2.43 7.49 -37.99
N ILE B 9 -2.52 8.27 -39.09
CA ILE B 9 -1.85 9.59 -39.25
C ILE B 9 -1.95 10.61 -38.11
N VAL B 10 -3.17 10.92 -37.65
CA VAL B 10 -3.36 11.83 -36.51
C VAL B 10 -3.81 11.04 -35.26
N LYS B 11 -3.83 9.71 -35.31
CA LYS B 11 -4.30 8.99 -34.13
C LYS B 11 -3.31 8.98 -32.95
N ALA B 12 -3.90 9.03 -31.75
CA ALA B 12 -3.17 9.04 -30.50
C ALA B 12 -2.26 7.81 -30.40
N THR B 13 -1.07 8.06 -29.86
CA THR B 13 -0.02 7.05 -29.79
C THR B 13 -0.05 6.34 -28.44
N LYS B 14 0.33 5.07 -28.47
CA LYS B 14 0.37 4.19 -27.29
C LYS B 14 1.67 4.46 -26.51
N TRP B 15 2.39 5.51 -26.92
CA TRP B 15 3.73 5.85 -26.46
C TRP B 15 3.72 7.17 -25.67
N PRO B 16 4.56 7.27 -24.61
CA PRO B 16 5.49 6.31 -24.00
C PRO B 16 4.78 5.24 -23.17
N PRO B 17 5.43 4.11 -22.88
CA PRO B 17 4.81 3.07 -22.05
C PRO B 17 4.36 3.65 -20.72
N LYS B 18 3.24 3.16 -20.20
CA LYS B 18 2.64 3.78 -19.02
C LYS B 18 3.62 3.68 -17.85
N LEU B 19 3.86 4.83 -17.25
CA LEU B 19 4.76 4.96 -16.12
C LEU B 19 4.20 4.28 -14.86
N PRO B 20 5.01 3.41 -14.24
CA PRO B 20 4.68 2.83 -12.93
C PRO B 20 4.53 3.96 -11.90
N GLU B 21 3.70 3.78 -10.87
CA GLU B 21 3.42 4.88 -9.98
C GLU B 21 4.02 4.72 -8.59
N ILE B 22 4.58 5.82 -8.09
CA ILE B 22 5.14 5.87 -6.75
C ILE B 22 4.03 6.29 -5.81
N GLN B 23 3.66 5.40 -4.92
CA GLN B 23 2.49 5.64 -4.10
C GLN B 23 2.79 6.52 -2.89
N ASP B 24 4.06 6.62 -2.51
CA ASP B 24 4.40 7.49 -1.38
C ASP B 24 4.68 8.90 -1.90
N LEU B 25 3.79 9.82 -1.55
CA LEU B 25 3.87 11.18 -2.03
C LEU B 25 5.12 11.88 -1.50
N ALA B 26 5.53 11.51 -0.30
CA ALA B 26 6.76 12.03 0.27
C ALA B 26 7.88 11.77 -0.72
N ILE B 27 7.91 10.55 -1.25
CA ILE B 27 8.92 10.12 -2.18
C ILE B 27 8.71 10.67 -3.59
N ARG B 28 7.47 10.67 -4.05
CA ARG B 28 7.15 11.18 -5.39
C ARG B 28 7.61 12.64 -5.55
N ALA B 29 7.47 13.41 -4.47
CA ALA B 29 7.84 14.83 -4.50
C ALA B 29 9.34 14.97 -4.64
N ARG B 30 10.02 14.14 -3.88
CA ARG B 30 11.45 14.24 -3.70
C ARG B 30 12.25 13.97 -4.97
N VAL B 31 11.76 13.07 -5.83
CA VAL B 31 12.48 12.72 -7.07
C VAL B 31 12.72 13.96 -7.90
N PHE B 32 11.80 14.92 -7.79
CA PHE B 32 11.80 16.10 -8.63
C PHE B 32 12.41 17.31 -7.96
N ILE B 33 12.93 17.14 -6.76
CA ILE B 33 13.50 18.29 -6.07
C ILE B 33 15.00 18.29 -6.20
N HIS B 34 15.51 19.20 -7.01
CA HIS B 34 16.93 19.35 -7.22
C HIS B 34 17.59 20.04 -6.04
N LYS B 35 18.90 19.87 -5.92
CA LYS B 35 19.61 20.26 -4.74
C LYS B 35 19.79 21.78 -4.62
N SER B 36 19.70 22.48 -5.75
CA SER B 36 19.86 23.94 -5.78
C SER B 36 18.77 24.61 -4.96
N THR B 37 17.65 23.89 -4.86
CA THR B 37 16.48 24.21 -4.04
C THR B 37 16.67 23.95 -2.53
N ILE B 38 17.65 23.13 -2.17
CA ILE B 38 17.76 22.67 -0.80
C ILE B 38 18.98 23.24 -0.06
N LYS B 39 20.17 23.02 -0.61
CA LYS B 39 21.43 23.35 0.05
C LYS B 39 21.67 24.83 0.38
N ASP B 40 20.83 25.71 -0.13
CA ASP B 40 20.95 27.13 0.21
C ASP B 40 20.08 27.51 1.43
N LYS B 41 19.40 26.54 2.01
CA LYS B 41 18.57 26.83 3.15
C LYS B 41 19.39 26.63 4.40
N VAL B 42 19.75 27.75 5.01
CA VAL B 42 20.72 27.79 6.11
C VAL B 42 20.20 27.19 7.39
N TYR B 43 18.90 27.05 7.50
CA TYR B 43 18.32 26.53 8.73
C TYR B 43 18.18 25.00 8.70
N LEU B 44 18.69 24.39 7.64
CA LEU B 44 18.66 22.95 7.54
C LEU B 44 20.02 22.35 7.91
N SER B 45 19.99 21.25 8.65
CA SER B 45 21.20 20.49 8.91
C SER B 45 21.58 19.72 7.67
N GLY B 46 22.84 19.33 7.56
CA GLY B 46 23.27 18.56 6.41
C GLY B 46 22.43 17.30 6.22
N SER B 47 22.00 16.71 7.33
CA SER B 47 21.22 15.49 7.24
C SER B 47 19.91 15.78 6.54
N GLU B 48 19.31 16.91 6.92
CA GLU B 48 18.01 17.27 6.39
C GLU B 48 18.09 17.62 4.92
N MET B 49 19.24 18.12 4.49
CA MET B 49 19.46 18.40 3.07
C MET B 49 19.47 17.13 2.25
N ILE B 50 20.26 16.16 2.70
CA ILE B 50 20.37 14.88 2.02
C ILE B 50 19.04 14.15 1.87
N ASN B 51 18.14 14.29 2.85
CA ASN B 51 16.87 13.59 2.79
C ASN B 51 15.84 14.38 2.02
N ALA B 52 16.25 15.56 1.57
CA ALA B 52 15.33 16.47 0.91
C ALA B 52 15.37 16.34 -0.58
N HIS B 53 16.52 16.60 -1.19
CA HIS B 53 16.65 16.58 -2.65
C HIS B 53 16.87 15.16 -3.21
N ASN B 54 17.11 15.06 -4.51
CA ASN B 54 17.04 13.76 -5.20
C ASN B 54 18.35 12.97 -5.39
N GLU B 55 19.46 13.43 -4.83
CA GLU B 55 20.73 12.82 -5.18
C GLU B 55 20.87 11.39 -4.72
N ARG B 56 20.28 11.05 -3.58
CA ARG B 56 20.30 9.67 -3.13
C ARG B 56 19.51 8.79 -4.06
N LEU B 57 18.42 9.33 -4.57
CA LEU B 57 17.51 8.58 -5.41
C LEU B 57 18.11 8.37 -6.79
N GLU B 58 18.85 9.35 -7.26
CA GLU B 58 19.50 9.19 -8.54
C GLU B 58 20.51 8.07 -8.45
N PHE B 59 21.28 8.06 -7.38
CA PHE B 59 22.27 7.02 -7.14
C PHE B 59 21.70 5.61 -7.16
N LEU B 60 20.71 5.38 -6.33
CA LEU B 60 20.02 4.09 -6.30
C LEU B 60 19.46 3.68 -7.66
N GLY B 61 18.74 4.60 -8.29
CA GLY B 61 18.14 4.37 -9.60
C GLY B 61 19.14 4.06 -10.70
N ASP B 62 20.23 4.81 -10.72
CA ASP B 62 21.28 4.59 -11.69
C ASP B 62 21.77 3.14 -11.63
N SER B 63 21.84 2.59 -10.42
CA SER B 63 22.26 1.22 -10.24
C SER B 63 21.19 0.22 -10.76
N ILE B 64 19.93 0.44 -10.39
CA ILE B 64 18.86 -0.38 -10.90
C ILE B 64 18.74 -0.30 -12.43
N LEU B 65 18.92 0.90 -12.96
CA LEU B 65 18.86 1.09 -14.39
C LEU B 65 19.88 0.24 -15.09
N ASN B 66 21.12 0.33 -14.62
CA ASN B 66 22.20 -0.39 -15.21
C ASN B 66 22.03 -1.90 -15.01
N SER B 67 21.54 -2.29 -13.84
CA SER B 67 21.24 -3.68 -13.57
C SER B 67 20.21 -4.30 -14.52
N VAL B 68 19.08 -3.62 -14.69
CA VAL B 68 17.97 -4.16 -15.44
C VAL B 68 18.29 -4.27 -16.93
N MET B 69 18.92 -3.24 -17.48
CA MET B 69 19.35 -3.27 -18.86
C MET B 69 20.33 -4.41 -19.07
N THR B 70 21.22 -4.61 -18.09
CA THR B 70 22.27 -5.60 -18.26
C THR B 70 21.70 -7.02 -18.35
N LEU B 71 20.81 -7.40 -17.43
CA LEU B 71 20.09 -8.66 -17.60
C LEU B 71 19.33 -8.73 -18.92
N ILE B 72 18.64 -7.65 -19.28
CA ILE B 72 17.82 -7.68 -20.48
C ILE B 72 18.62 -8.13 -21.67
N ILE B 73 19.73 -7.45 -21.93
CA ILE B 73 20.51 -7.77 -23.12
C ILE B 73 21.29 -9.07 -22.96
N TYR B 74 21.61 -9.46 -21.73
CA TYR B 74 22.33 -10.70 -21.51
C TYR B 74 21.47 -11.86 -22.03
N ASN B 75 20.20 -11.87 -21.67
CA ASN B 75 19.24 -12.89 -22.11
C ASN B 75 18.85 -12.81 -23.59
N LYS B 76 18.72 -11.60 -24.11
CA LYS B 76 18.23 -11.45 -25.46
C LYS B 76 19.31 -11.79 -26.49
N PHE B 77 20.57 -11.72 -26.11
CA PHE B 77 21.63 -12.04 -27.06
C PHE B 77 22.60 -13.09 -26.52
N PRO B 78 22.13 -14.35 -26.39
CA PRO B 78 22.94 -15.40 -25.73
C PRO B 78 24.30 -15.57 -26.36
N ASP B 79 24.45 -15.24 -27.63
CA ASP B 79 25.72 -15.39 -28.33
C ASP B 79 26.59 -14.11 -28.47
N TYR B 80 26.17 -13.01 -27.86
CA TYR B 80 26.99 -11.80 -27.88
C TYR B 80 28.23 -11.91 -27.00
N SER B 81 29.35 -11.36 -27.47
CA SER B 81 30.55 -11.34 -26.64
C SER B 81 30.42 -10.30 -25.56
N GLU B 82 31.39 -10.19 -24.66
CA GLU B 82 31.26 -9.20 -23.59
C GLU B 82 31.41 -7.79 -24.16
N GLY B 83 32.24 -7.63 -25.18
CA GLY B 83 32.47 -6.33 -25.77
C GLY B 83 31.22 -5.89 -26.50
N GLN B 84 30.54 -6.84 -27.12
CA GLN B 84 29.33 -6.54 -27.83
C GLN B 84 28.28 -6.13 -26.82
N LEU B 85 28.16 -6.93 -25.76
CA LEU B 85 27.25 -6.63 -24.66
C LEU B 85 27.53 -5.29 -24.03
N SER B 86 28.81 -5.02 -23.78
CA SER B 86 29.21 -3.82 -23.10
C SER B 86 28.95 -2.61 -23.97
N THR B 87 29.30 -2.72 -25.24
CA THR B 87 29.09 -1.63 -26.20
C THR B 87 27.61 -1.35 -26.38
N LEU B 88 26.82 -2.40 -26.51
CA LEU B 88 25.38 -2.22 -26.62
C LEU B 88 24.83 -1.55 -25.38
N ARG B 89 25.32 -1.92 -24.20
CA ARG B 89 24.80 -1.35 -22.98
C ARG B 89 25.04 0.14 -22.92
N MET B 90 26.13 0.60 -23.52
CA MET B 90 26.47 2.02 -23.50
C MET B 90 25.40 2.86 -24.16
N ASN B 91 24.82 2.38 -25.26
CA ASN B 91 23.72 3.07 -25.90
C ASN B 91 22.51 3.19 -24.97
N LEU B 92 22.31 2.19 -24.13
CA LEU B 92 21.10 2.15 -23.29
C LEU B 92 21.14 3.01 -22.03
N VAL B 93 22.30 3.09 -21.39
CA VAL B 93 22.48 3.88 -20.19
C VAL B 93 23.16 5.22 -20.39
N SER B 94 23.43 5.62 -21.64
CA SER B 94 24.17 6.85 -21.87
C SER B 94 23.44 8.10 -21.42
N ASN B 95 24.18 9.19 -21.26
CA ASN B 95 23.57 10.47 -20.90
C ASN B 95 22.54 10.93 -21.92
N GLU B 96 22.92 10.96 -23.20
CA GLU B 96 21.99 11.36 -24.24
C GLU B 96 20.74 10.51 -24.23
N GLN B 97 20.88 9.23 -24.04
CA GLN B 97 19.72 8.36 -24.13
C GLN B 97 18.78 8.55 -22.94
N ILE B 98 19.32 8.61 -21.74
CA ILE B 98 18.47 8.71 -20.55
C ILE B 98 17.77 10.07 -20.56
N LYS B 99 18.51 11.07 -21.02
CA LYS B 99 17.98 12.40 -21.20
C LYS B 99 16.73 12.36 -22.07
N GLN B 100 16.80 11.60 -23.15
CA GLN B 100 15.69 11.48 -24.06
C GLN B 100 14.47 10.86 -23.40
N TRP B 101 14.67 9.76 -22.71
CA TRP B 101 13.59 9.06 -22.02
C TRP B 101 12.92 9.99 -21.04
N SER B 102 13.72 10.91 -20.52
CA SER B 102 13.27 11.82 -19.48
C SER B 102 12.31 12.83 -20.05
N ILE B 103 12.70 13.44 -21.17
CA ILE B 103 11.89 14.43 -21.86
C ILE B 103 10.56 13.85 -22.32
N MET B 104 10.63 12.60 -22.73
CA MET B 104 9.47 11.80 -23.10
C MET B 104 8.33 11.89 -22.08
N TYR B 105 8.72 11.93 -20.80
CA TYR B 105 7.79 12.04 -19.68
C TYR B 105 7.65 13.45 -19.10
N ASN B 106 8.30 14.40 -19.75
CA ASN B 106 8.28 15.79 -19.33
C ASN B 106 8.85 15.99 -17.92
N PHE B 107 9.72 15.08 -17.52
CA PHE B 107 10.37 15.21 -16.23
C PHE B 107 11.13 16.55 -16.15
N HIS B 108 11.61 17.01 -17.30
CA HIS B 108 12.39 18.23 -17.38
C HIS B 108 11.56 19.44 -17.03
N GLU B 109 10.26 19.34 -17.28
CA GLU B 109 9.36 20.42 -16.94
C GLU B 109 8.86 20.39 -15.51
N LYS B 110 8.93 19.21 -14.90
CA LYS B 110 8.46 19.05 -13.53
C LYS B 110 9.55 19.22 -12.49
N LEU B 111 10.79 19.23 -12.94
CA LEU B 111 11.93 19.31 -12.04
C LEU B 111 11.95 20.66 -11.40
N LYS B 112 11.93 20.68 -10.08
CA LYS B 112 11.98 21.95 -9.36
C LYS B 112 13.44 22.32 -9.14
N THR B 113 13.86 23.46 -9.68
CA THR B 113 15.22 23.92 -9.44
C THR B 113 15.23 25.37 -9.02
N ASN B 114 16.43 25.87 -8.72
CA ASN B 114 16.60 27.21 -8.18
C ASN B 114 16.99 28.22 -9.22
N PHE B 115 17.21 27.79 -10.44
CA PHE B 115 17.65 28.74 -11.45
C PHE B 115 16.85 28.58 -12.71
N ASP B 116 17.11 29.42 -13.70
CA ASP B 116 16.24 29.47 -14.86
C ASP B 116 16.59 28.39 -15.85
N LEU B 117 15.65 27.46 -16.03
CA LEU B 117 15.92 26.31 -16.88
C LEU B 117 15.74 26.65 -18.35
N LYS B 118 14.91 27.67 -18.62
CA LYS B 118 14.59 28.03 -20.01
C LYS B 118 15.47 29.13 -20.59
N ASP B 119 16.30 29.74 -19.74
CA ASP B 119 17.23 30.75 -20.22
C ASP B 119 18.15 30.15 -21.27
N GLU B 120 18.12 30.70 -22.48
CA GLU B 120 18.91 30.15 -23.57
C GLU B 120 20.31 30.77 -23.60
N ASN B 121 20.49 31.82 -22.83
CA ASN B 121 21.80 32.43 -22.66
C ASN B 121 22.52 31.96 -21.38
N SER B 122 21.78 31.18 -20.57
CA SER B 122 22.35 30.58 -19.38
C SER B 122 23.43 29.57 -19.75
N ASN B 123 24.46 29.45 -18.93
CA ASN B 123 25.55 28.51 -19.21
C ASN B 123 25.15 27.05 -18.96
N PHE B 124 23.96 26.86 -18.42
CA PHE B 124 23.41 25.53 -18.23
C PHE B 124 23.13 24.89 -19.59
N GLN B 125 22.99 25.73 -20.61
CA GLN B 125 22.59 25.26 -21.91
C GLN B 125 23.71 24.70 -22.81
N ASN B 126 24.97 25.07 -22.58
CA ASN B 126 26.05 24.48 -23.39
C ASN B 126 26.78 23.31 -22.70
N GLY B 127 26.27 22.87 -21.55
CA GLY B 127 26.78 21.69 -20.87
C GLY B 127 26.00 20.44 -21.24
N LYS B 128 26.14 19.39 -20.44
CA LYS B 128 25.47 18.11 -20.74
C LYS B 128 23.99 18.04 -20.33
N LEU B 129 23.55 19.00 -19.52
CA LEU B 129 22.20 18.97 -18.98
C LEU B 129 21.96 17.62 -18.32
N LYS B 130 22.95 17.17 -17.55
CA LYS B 130 22.87 15.88 -16.90
C LYS B 130 21.71 15.81 -15.90
N LEU B 131 21.29 16.95 -15.39
CA LEU B 131 20.15 17.01 -14.50
C LEU B 131 18.89 16.32 -15.02
N TYR B 132 18.68 16.41 -16.32
CA TYR B 132 17.51 15.83 -16.96
C TYR B 132 17.59 14.33 -16.92
N ALA B 133 18.80 13.82 -17.11
CA ALA B 133 19.07 12.40 -16.93
C ALA B 133 18.87 12.00 -15.47
N ASP B 134 19.37 12.82 -14.56
CA ASP B 134 19.31 12.50 -13.14
C ASP B 134 17.88 12.30 -12.63
N VAL B 135 16.96 13.14 -13.09
CA VAL B 135 15.62 13.14 -12.54
C VAL B 135 14.91 11.86 -12.97
N PHE B 136 15.26 11.37 -14.16
CA PHE B 136 14.71 10.11 -14.62
C PHE B 136 15.22 8.97 -13.79
N GLU B 137 16.53 8.96 -13.53
CA GLU B 137 17.10 7.94 -12.66
C GLU B 137 16.48 8.02 -11.28
N ALA B 138 16.27 9.24 -10.81
CA ALA B 138 15.69 9.43 -9.50
C ALA B 138 14.30 8.81 -9.41
N TYR B 139 13.57 8.81 -10.51
CA TYR B 139 12.24 8.23 -10.52
C TYR B 139 12.32 6.73 -10.24
N ILE B 140 13.29 6.08 -10.85
CA ILE B 140 13.53 4.66 -10.62
C ILE B 140 13.84 4.39 -9.16
N GLY B 141 14.70 5.22 -8.58
CA GLY B 141 15.08 5.06 -7.19
C GLY B 141 13.88 5.25 -6.29
N GLY B 142 13.04 6.22 -6.60
CA GLY B 142 11.85 6.46 -5.83
C GLY B 142 10.92 5.25 -5.84
N LEU B 143 10.68 4.71 -7.03
CA LEU B 143 9.88 3.49 -7.15
C LEU B 143 10.47 2.37 -6.31
N MET B 144 11.79 2.24 -6.34
CA MET B 144 12.48 1.19 -5.59
C MET B 144 12.44 1.44 -4.10
N GLU B 145 12.67 2.67 -3.69
CA GLU B 145 12.70 2.93 -2.27
C GLU B 145 11.28 2.78 -1.71
N ASP B 146 10.29 3.08 -2.54
CA ASP B 146 8.90 3.08 -2.09
C ASP B 146 8.46 1.67 -1.75
N ASP B 147 8.54 0.77 -2.73
CA ASP B 147 8.18 -0.64 -2.53
C ASP B 147 9.07 -1.58 -3.36
N PRO B 148 10.25 -1.93 -2.84
CA PRO B 148 11.26 -2.66 -3.62
C PRO B 148 10.76 -4.01 -4.15
N ARG B 149 9.97 -4.72 -3.35
CA ARG B 149 9.47 -6.03 -3.74
C ARG B 149 8.49 -5.97 -4.93
N ASN B 150 7.42 -5.20 -4.77
CA ASN B 150 6.36 -5.20 -5.76
C ASN B 150 6.75 -4.40 -6.98
N ASN B 151 7.62 -3.41 -6.80
CA ASN B 151 7.96 -2.49 -7.89
C ASN B 151 9.14 -2.92 -8.75
N LEU B 152 9.98 -3.85 -8.29
CA LEU B 152 11.07 -4.25 -9.16
C LEU B 152 10.58 -4.99 -10.43
N PRO B 153 9.64 -5.94 -10.29
CA PRO B 153 9.12 -6.52 -11.53
C PRO B 153 8.46 -5.47 -12.42
N LYS B 154 7.71 -4.53 -11.86
CA LYS B 154 7.02 -3.52 -12.69
C LYS B 154 8.01 -2.67 -13.44
N ILE B 155 9.12 -2.37 -12.78
CA ILE B 155 10.22 -1.66 -13.42
C ILE B 155 10.81 -2.52 -14.56
N ARG B 156 10.99 -3.83 -14.33
CA ARG B 156 11.51 -4.68 -15.40
C ARG B 156 10.65 -4.58 -16.65
N LYS B 157 9.34 -4.66 -16.44
CA LYS B 157 8.43 -4.70 -17.56
C LYS B 157 8.53 -3.40 -18.30
N TRP B 158 8.47 -2.34 -17.52
CA TRP B 158 8.51 -1.00 -18.04
C TRP B 158 9.79 -0.69 -18.80
N LEU B 159 10.93 -1.03 -18.23
CA LEU B 159 12.18 -0.67 -18.89
C LEU B 159 12.41 -1.52 -20.14
N ARG B 160 11.89 -2.73 -20.11
CA ARG B 160 11.99 -3.60 -21.27
C ARG B 160 11.25 -2.92 -22.45
N LYS B 161 10.10 -2.31 -22.18
CA LYS B 161 9.34 -1.61 -23.22
C LYS B 161 10.08 -0.39 -23.78
N LEU B 162 10.70 0.39 -22.90
CA LEU B 162 11.47 1.56 -23.32
C LEU B 162 12.71 1.16 -24.10
N ALA B 163 13.29 0.04 -23.70
CA ALA B 163 14.55 -0.39 -24.27
C ALA B 163 14.42 -1.01 -25.67
N LYS B 164 13.33 -1.72 -25.92
CA LYS B 164 13.16 -2.48 -27.17
C LYS B 164 13.46 -1.70 -28.48
N PRO B 165 12.82 -0.52 -28.71
CA PRO B 165 13.15 0.19 -29.95
C PRO B 165 14.62 0.63 -30.03
N VAL B 166 15.22 0.99 -28.91
CA VAL B 166 16.60 1.48 -28.95
C VAL B 166 17.53 0.35 -29.35
N ILE B 167 17.20 -0.84 -28.88
CA ILE B 167 17.96 -2.03 -29.21
C ILE B 167 17.83 -2.39 -30.68
N GLU B 168 16.59 -2.57 -31.13
CA GLU B 168 16.30 -2.92 -32.54
C GLU B 168 17.00 -1.99 -33.50
N GLU B 169 17.08 -0.73 -33.12
CA GLU B 169 17.76 0.27 -33.92
C GLU B 169 19.27 0.06 -33.90
N ALA B 170 19.83 -0.38 -32.78
CA ALA B 170 21.29 -0.51 -32.67
C ALA B 170 21.81 -1.78 -33.35
N THR B 171 21.02 -2.84 -33.25
CA THR B 171 21.37 -4.16 -33.78
C THR B 171 21.36 -4.24 -35.31
N ARG B 172 20.46 -3.47 -35.93
CA ARG B 172 20.38 -3.40 -37.41
C ARG B 172 21.59 -2.60 -37.90
N ASN B 173 21.83 -1.47 -37.23
CA ASN B 173 22.91 -0.55 -37.59
C ASN B 173 24.12 -0.79 -36.69
N LYS B 179 22.97 -13.64 -40.79
CA LYS B 179 22.91 -12.50 -41.71
C LYS B 179 23.46 -12.88 -43.07
N THR B 180 24.67 -12.37 -43.29
CA THR B 180 25.48 -12.54 -44.49
C THR B 180 26.47 -13.71 -44.26
N ASP B 181 27.47 -13.83 -45.14
CA ASP B 181 28.41 -14.95 -45.06
C ASP B 181 29.37 -14.63 -43.90
N LYS B 182 29.91 -15.64 -43.23
CA LYS B 182 30.88 -15.35 -42.15
C LYS B 182 32.33 -15.50 -42.57
N LEU B 183 33.13 -14.70 -41.87
CA LEU B 183 34.55 -14.63 -42.04
C LEU B 183 35.20 -15.98 -41.80
N ASP B 184 36.10 -16.30 -42.71
CA ASP B 184 36.99 -17.42 -42.54
C ASP B 184 38.25 -16.88 -41.88
N MET B 185 38.46 -17.25 -40.62
CA MET B 185 39.61 -16.77 -39.87
C MET B 185 40.87 -17.39 -40.42
N ASN B 186 40.69 -18.40 -41.27
CA ASN B 186 41.78 -19.09 -41.91
C ASN B 186 42.13 -18.70 -43.34
N ALA B 187 41.46 -17.70 -43.87
CA ALA B 187 41.63 -17.33 -45.29
C ALA B 187 43.09 -17.00 -45.66
N LYS B 188 43.75 -16.13 -44.91
CA LYS B 188 45.14 -15.78 -45.22
C LYS B 188 46.06 -17.00 -45.25
N ARG B 189 45.78 -17.94 -44.36
CA ARG B 189 46.49 -19.21 -44.32
C ARG B 189 46.22 -20.00 -45.58
N GLN B 190 44.94 -20.06 -45.92
CA GLN B 190 44.51 -20.80 -47.09
C GLN B 190 45.29 -20.35 -48.33
N LEU B 191 45.40 -19.04 -48.49
CA LEU B 191 46.01 -18.45 -49.66
C LEU B 191 47.49 -18.77 -49.70
N TYR B 192 48.15 -18.62 -48.57
CA TYR B 192 49.57 -18.92 -48.52
C TYR B 192 49.83 -20.40 -48.86
N SER B 193 48.92 -21.25 -48.42
CA SER B 193 49.02 -22.67 -48.71
C SER B 193 48.97 -22.89 -50.21
N LEU B 194 48.05 -22.18 -50.86
CA LEU B 194 47.80 -22.39 -52.27
C LEU B 194 48.89 -21.79 -53.14
N ILE B 195 49.19 -20.51 -52.98
CA ILE B 195 50.23 -19.87 -53.81
C ILE B 195 51.53 -19.46 -53.13
N GLY B 196 51.60 -19.57 -51.81
CA GLY B 196 52.67 -18.91 -51.06
C GLY B 196 54.01 -19.60 -51.03
N TYR B 197 55.06 -18.79 -51.05
CA TYR B 197 56.43 -19.25 -50.81
C TYR B 197 57.28 -18.06 -50.40
N ALA B 198 58.39 -18.30 -49.74
CA ALA B 198 59.11 -17.26 -49.03
C ALA B 198 59.51 -16.09 -49.93
N SER B 199 59.87 -16.39 -51.16
CA SER B 199 60.38 -15.33 -52.05
C SER B 199 59.28 -14.55 -52.77
N LEU B 200 58.04 -14.99 -52.66
CA LEU B 200 56.95 -14.27 -53.27
C LEU B 200 56.72 -12.96 -52.52
N ARG B 201 57.22 -12.92 -51.29
CA ARG B 201 57.06 -11.79 -50.40
C ARG B 201 55.59 -11.40 -50.42
N LEU B 202 54.74 -12.39 -50.24
CA LEU B 202 53.33 -12.18 -50.22
C LEU B 202 52.97 -11.54 -48.90
N HIS B 203 52.43 -10.33 -48.98
CA HIS B 203 52.22 -9.55 -47.77
C HIS B 203 50.97 -8.70 -47.91
N TYR B 204 50.56 -8.15 -46.78
CA TYR B 204 49.40 -7.29 -46.72
C TYR B 204 49.76 -5.84 -46.48
N VAL B 205 49.06 -4.95 -47.18
CA VAL B 205 49.32 -3.55 -47.02
C VAL B 205 48.06 -2.83 -46.55
N THR B 206 48.24 -1.97 -45.56
CA THR B 206 47.15 -1.19 -45.04
C THR B 206 47.12 0.10 -45.82
N VAL B 207 46.11 0.24 -46.67
CA VAL B 207 45.98 1.46 -47.45
C VAL B 207 45.27 2.57 -46.65
N LYS B 208 44.34 2.18 -45.78
CA LYS B 208 43.64 3.13 -44.92
C LYS B 208 43.36 2.56 -43.53
N LYS B 209 43.80 3.30 -42.49
CA LYS B 209 43.51 2.96 -41.09
C LYS B 209 42.25 3.67 -40.60
N PRO B 210 41.43 3.00 -39.77
CA PRO B 210 40.16 3.61 -39.36
C PRO B 210 40.37 4.89 -38.56
N THR B 211 39.51 5.87 -38.79
CA THR B 211 39.54 7.11 -38.04
C THR B 211 38.13 7.44 -37.56
N ALA B 212 38.02 8.37 -36.62
CA ALA B 212 36.72 8.83 -36.14
C ALA B 212 35.84 9.30 -37.31
N VAL B 213 36.43 10.07 -38.22
CA VAL B 213 35.72 10.55 -39.39
C VAL B 213 35.32 9.41 -40.33
N ASP B 214 36.25 8.48 -40.55
CA ASP B 214 36.04 7.35 -41.45
C ASP B 214 36.39 6.05 -40.74
N PRO B 215 35.40 5.43 -40.07
CA PRO B 215 35.62 4.23 -39.27
C PRO B 215 35.76 2.98 -40.13
N ASN B 216 36.62 3.01 -41.13
CA ASN B 216 36.80 1.82 -41.96
C ASN B 216 38.23 1.64 -42.34
N SER B 217 38.53 0.51 -42.94
CA SER B 217 39.90 0.25 -43.29
C SER B 217 39.99 -0.42 -44.66
N ILE B 218 41.10 -0.21 -45.35
CA ILE B 218 41.35 -0.85 -46.61
C ILE B 218 42.64 -1.62 -46.54
N VAL B 219 42.58 -2.90 -46.85
CA VAL B 219 43.78 -3.71 -46.89
C VAL B 219 43.98 -4.31 -48.27
N GLU B 220 45.18 -4.16 -48.80
CA GLU B 220 45.52 -4.83 -50.05
C GLU B 220 46.47 -5.98 -49.82
N CYS B 221 46.16 -7.08 -50.48
CA CYS B 221 47.01 -8.24 -50.48
C CYS B 221 47.92 -8.15 -51.68
N ARG B 222 49.24 -8.17 -51.49
CA ARG B 222 50.14 -7.98 -52.61
C ARG B 222 51.27 -9.00 -52.64
N VAL B 223 51.84 -9.24 -53.82
CA VAL B 223 53.05 -10.04 -53.92
C VAL B 223 54.20 -9.06 -54.01
N GLY B 224 55.41 -9.60 -54.16
CA GLY B 224 56.62 -8.82 -54.01
C GLY B 224 56.74 -7.71 -55.01
N ASP B 225 56.35 -8.00 -56.25
CA ASP B 225 56.52 -7.04 -57.35
C ASP B 225 55.45 -5.95 -57.32
N GLY B 226 54.57 -5.98 -56.34
CA GLY B 226 53.59 -4.92 -56.17
C GLY B 226 52.18 -5.25 -56.61
N THR B 227 52.04 -6.33 -57.37
CA THR B 227 50.74 -6.77 -57.87
C THR B 227 49.72 -6.94 -56.75
N VAL B 228 48.55 -6.36 -56.90
CA VAL B 228 47.49 -6.55 -55.91
C VAL B 228 46.58 -7.72 -56.28
N LEU B 229 46.53 -8.74 -55.43
CA LEU B 229 45.69 -9.92 -55.67
C LEU B 229 44.34 -9.79 -55.00
N GLY B 230 44.17 -8.81 -54.13
CA GLY B 230 42.90 -8.70 -53.45
C GLY B 230 42.74 -7.40 -52.69
N THR B 231 41.50 -6.99 -52.51
CA THR B 231 41.20 -5.82 -51.73
C THR B 231 40.07 -6.18 -50.81
N GLY B 232 40.10 -5.61 -49.62
CA GLY B 232 39.07 -5.90 -48.65
C GLY B 232 38.95 -4.66 -47.81
N VAL B 233 37.76 -4.51 -47.27
CA VAL B 233 37.37 -3.32 -46.57
C VAL B 233 36.64 -3.72 -45.30
N GLY B 234 36.95 -3.07 -44.19
CA GLY B 234 36.35 -3.49 -42.93
C GLY B 234 36.53 -2.60 -41.73
N ARG B 235 35.99 -3.07 -40.61
CA ARG B 235 35.93 -2.32 -39.36
C ARG B 235 37.32 -2.08 -38.79
N ASN B 236 38.20 -3.08 -38.91
CA ASN B 236 39.60 -2.96 -38.52
C ASN B 236 40.51 -3.66 -39.53
N ILE B 237 41.82 -3.52 -39.35
CA ILE B 237 42.78 -4.13 -40.24
C ILE B 237 42.65 -5.63 -40.36
N LYS B 238 42.26 -6.30 -39.28
CA LYS B 238 42.15 -7.76 -39.30
C LYS B 238 41.05 -8.23 -40.26
N ILE B 239 39.85 -7.66 -40.06
CA ILE B 239 38.69 -7.97 -40.89
C ILE B 239 38.94 -7.64 -42.35
N ALA B 240 39.51 -6.47 -42.60
CA ALA B 240 39.85 -6.03 -43.95
C ALA B 240 40.82 -6.99 -44.63
N GLY B 241 41.84 -7.42 -43.89
CA GLY B 241 42.82 -8.35 -44.41
C GLY B 241 42.14 -9.67 -44.73
N ILE B 242 41.22 -10.07 -43.86
CA ILE B 242 40.53 -11.32 -44.10
C ILE B 242 39.71 -11.18 -45.40
N ARG B 243 39.15 -10.01 -45.59
CA ARG B 243 38.28 -9.81 -46.74
C ARG B 243 39.09 -9.65 -48.02
N ALA B 244 40.28 -9.09 -47.90
CA ALA B 244 41.19 -9.09 -49.04
C ALA B 244 41.49 -10.54 -49.47
N ALA B 245 41.81 -11.41 -48.50
CA ALA B 245 42.14 -12.81 -48.79
C ALA B 245 41.02 -13.52 -49.48
N GLU B 246 39.82 -13.36 -48.97
CA GLU B 246 38.68 -14.00 -49.59
C GLU B 246 38.50 -13.46 -50.99
N ASN B 247 38.82 -12.18 -51.21
CA ASN B 247 38.80 -11.61 -52.56
C ASN B 247 39.82 -12.37 -53.43
N ALA B 248 41.05 -12.50 -52.95
CA ALA B 248 42.10 -13.21 -53.69
C ALA B 248 41.75 -14.67 -53.90
N LEU B 249 41.05 -15.26 -52.94
CA LEU B 249 40.70 -16.68 -53.05
C LEU B 249 39.64 -16.96 -54.10
N ARG B 250 38.91 -15.91 -54.48
CA ARG B 250 37.84 -16.06 -55.44
C ARG B 250 38.31 -15.96 -56.88
N ASP B 251 39.50 -15.42 -57.11
CA ASP B 251 39.96 -15.28 -58.47
C ASP B 251 40.75 -16.53 -58.83
N LYS B 252 40.11 -17.48 -59.47
CA LYS B 252 40.71 -18.79 -59.55
C LYS B 252 41.70 -18.85 -60.69
N LYS B 253 41.53 -17.95 -61.65
CA LYS B 253 42.44 -17.93 -62.78
C LYS B 253 43.77 -17.44 -62.29
N MET B 254 43.69 -16.53 -61.34
CA MET B 254 44.85 -15.92 -60.74
C MET B 254 45.59 -16.90 -59.81
N LEU B 255 44.83 -17.63 -58.99
CA LEU B 255 45.38 -18.61 -58.06
C LEU B 255 46.18 -19.66 -58.81
N ASP B 256 45.54 -20.21 -59.83
CA ASP B 256 46.11 -21.21 -60.70
C ASP B 256 47.40 -20.68 -61.34
N PHE B 257 47.41 -19.39 -61.67
CA PHE B 257 48.62 -18.81 -62.25
C PHE B 257 49.79 -18.84 -61.27
N TYR B 258 49.57 -18.39 -60.05
CA TYR B 258 50.66 -18.29 -59.08
C TYR B 258 51.01 -19.67 -58.53
N ALA B 259 50.03 -20.56 -58.45
CA ALA B 259 50.33 -21.91 -58.05
C ALA B 259 51.30 -22.52 -59.07
N LYS B 260 50.96 -22.43 -60.34
CA LYS B 260 51.85 -22.88 -61.40
C LYS B 260 53.22 -22.20 -61.30
N GLN B 261 53.25 -20.94 -60.92
CA GLN B 261 54.52 -20.23 -60.83
C GLN B 261 55.43 -20.83 -59.74
N ARG B 262 54.85 -21.08 -58.56
CA ARG B 262 55.55 -21.67 -57.43
C ARG B 262 56.16 -22.99 -57.83
N ALA B 263 55.32 -23.80 -58.46
CA ALA B 263 55.71 -25.13 -58.85
C ALA B 263 56.98 -25.08 -59.71
N ALA B 264 57.17 -23.95 -60.39
CA ALA B 264 58.28 -23.78 -61.33
C ALA B 264 59.56 -23.26 -60.70
N ILE B 265 59.52 -22.84 -59.45
CA ILE B 265 60.70 -22.26 -58.83
C ILE B 265 61.53 -23.26 -58.00
N PRO B 266 62.87 -23.26 -58.18
CA PRO B 266 63.72 -24.18 -57.40
C PRO B 266 63.56 -23.85 -55.94
N ARG B 267 63.39 -24.87 -55.09
CA ARG B 267 63.19 -24.61 -53.68
C ARG B 267 64.41 -24.05 -53.00
N SER B 268 65.56 -24.16 -53.66
CA SER B 268 66.74 -23.40 -53.29
C SER B 268 66.48 -21.90 -53.13
N GLU B 269 65.93 -21.28 -54.18
CA GLU B 269 65.53 -19.86 -54.17
C GLU B 269 64.19 -19.61 -53.50
N SER B 270 63.25 -20.51 -53.77
CA SER B 270 61.88 -20.43 -53.30
C SER B 270 61.74 -20.10 -51.80
N VAL B 271 62.63 -20.63 -50.97
CA VAL B 271 62.44 -20.60 -49.51
C VAL B 271 63.12 -19.39 -48.87
N LEU B 272 63.67 -18.49 -49.70
CA LEU B 272 64.34 -17.28 -49.21
C LEU B 272 63.58 -15.98 -49.48
N LYS B 273 63.77 -14.97 -48.64
CA LYS B 273 63.12 -13.68 -48.90
C LYS B 273 63.91 -12.88 -49.95
N ASP B 274 64.92 -13.54 -50.53
CA ASP B 274 65.83 -12.97 -51.52
C ASP B 274 66.37 -14.06 -52.45
N SER C 2 33.73 40.45 36.75
CA SER C 2 32.48 41.09 36.36
C SER C 2 31.41 40.18 35.78
N ASN C 3 30.20 40.69 35.94
CA ASN C 3 28.97 40.10 35.52
C ASN C 3 28.79 40.14 34.02
N TYR C 4 28.64 41.33 33.47
CA TYR C 4 28.42 41.54 32.05
C TYR C 4 29.75 41.80 31.33
N LYS C 5 29.95 41.17 30.17
CA LYS C 5 31.13 41.43 29.32
C LYS C 5 30.61 41.98 28.00
N TYR C 6 31.38 42.83 27.34
CA TYR C 6 30.91 43.47 26.11
C TYR C 6 30.44 42.40 25.13
N LEU C 7 31.29 41.40 24.92
CA LEU C 7 30.98 40.29 24.04
C LEU C 7 29.66 39.60 24.38
N GLU C 8 29.34 39.52 25.67
CA GLU C 8 28.08 38.91 26.09
C GLU C 8 26.91 39.85 25.79
N VAL C 9 27.16 41.14 25.94
CA VAL C 9 26.12 42.16 25.79
C VAL C 9 25.58 42.27 24.37
N ILE C 10 26.49 42.37 23.41
CA ILE C 10 26.14 42.52 22.02
C ILE C 10 25.41 41.28 21.47
N GLN C 11 25.75 40.10 21.95
CA GLN C 11 25.03 38.89 21.54
C GLN C 11 23.64 38.87 22.13
N LEU C 12 23.48 39.41 23.33
CA LEU C 12 22.20 39.41 24.03
C LEU C 12 21.24 40.39 23.36
N GLU C 13 21.72 41.57 23.03
CA GLU C 13 20.92 42.57 22.37
C GLU C 13 20.48 42.03 21.04
N HIS C 14 21.38 41.38 20.35
CA HIS C 14 21.09 40.75 19.09
C HIS C 14 20.05 39.65 19.22
N ALA C 15 20.20 38.81 20.24
CA ALA C 15 19.29 37.68 20.43
C ALA C 15 17.88 38.14 20.77
N VAL C 16 17.76 39.09 21.68
CA VAL C 16 16.46 39.68 22.04
C VAL C 16 15.79 40.34 20.84
N THR C 17 16.57 41.09 20.07
CA THR C 17 16.02 41.72 18.88
C THR C 17 15.46 40.67 17.94
N LYS C 18 16.25 39.66 17.60
CA LYS C 18 15.78 38.60 16.72
C LYS C 18 14.62 37.81 17.28
N LEU C 19 14.64 37.61 18.59
CA LEU C 19 13.58 36.87 19.24
C LEU C 19 12.23 37.49 18.93
N VAL C 20 12.15 38.81 19.14
CA VAL C 20 10.92 39.55 18.92
C VAL C 20 10.53 39.61 17.44
N GLU C 21 11.52 39.90 16.60
CA GLU C 21 11.30 39.99 15.18
C GLU C 21 10.75 38.67 14.63
N SER C 22 11.26 37.56 15.17
CA SER C 22 10.88 36.22 14.71
C SER C 22 9.46 35.79 15.07
N TYR C 23 9.07 35.99 16.34
CA TYR C 23 7.72 35.66 16.78
C TYR C 23 6.69 36.46 15.96
N ASN C 24 7.00 37.73 15.72
CA ASN C 24 6.16 38.58 14.88
C ASN C 24 5.96 38.01 13.49
N LYS C 25 7.05 37.59 12.85
CA LYS C 25 6.98 37.04 11.50
C LYS C 25 6.10 35.81 11.46
N ILE C 26 6.18 35.02 12.51
CA ILE C 26 5.42 33.80 12.56
C ILE C 26 3.92 34.10 12.63
N ILE C 27 3.53 34.95 13.57
CA ILE C 27 2.12 35.33 13.76
C ILE C 27 1.56 35.97 12.50
N GLU C 28 2.40 36.74 11.81
CA GLU C 28 2.05 37.35 10.53
C GLU C 28 1.79 36.29 9.45
N LEU C 29 2.76 35.41 9.25
CA LEU C 29 2.74 34.42 8.16
C LEU C 29 1.96 33.11 8.39
N SER C 30 1.93 32.61 9.63
CA SER C 30 1.43 31.26 9.85
C SER C 30 -0.07 31.17 10.02
N PRO C 31 -0.70 30.16 9.40
CA PRO C 31 -2.07 29.72 9.67
C PRO C 31 -2.13 28.96 10.96
N ASN C 32 -3.31 28.75 11.53
CA ASN C 32 -3.40 27.93 12.74
C ASN C 32 -3.48 26.45 12.40
N LEU C 33 -3.57 25.63 13.44
CA LEU C 33 -3.45 24.19 13.33
C LEU C 33 -4.52 23.57 12.46
N VAL C 34 -5.60 24.29 12.27
CA VAL C 34 -6.71 23.77 11.47
C VAL C 34 -6.27 23.67 10.03
N ALA C 35 -5.62 24.71 9.53
CA ALA C 35 -5.12 24.68 8.17
C ALA C 35 -3.95 23.70 8.01
N TYR C 36 -3.13 23.59 9.04
CA TYR C 36 -1.99 22.69 9.06
C TYR C 36 -2.45 21.23 8.94
N ASN C 37 -3.37 20.86 9.82
CA ASN C 37 -3.92 19.51 9.84
C ASN C 37 -4.61 19.16 8.54
N GLU C 38 -5.32 20.12 7.97
CA GLU C 38 -6.01 19.87 6.72
C GLU C 38 -4.96 19.60 5.63
N ALA C 39 -3.84 20.30 5.69
CA ALA C 39 -2.80 20.10 4.69
C ALA C 39 -2.19 18.72 4.84
N VAL C 40 -1.87 18.31 6.06
CA VAL C 40 -1.19 17.03 6.25
C VAL C 40 -2.11 15.84 5.99
N ASN C 41 -3.42 15.98 6.17
CA ASN C 41 -4.27 14.84 5.88
C ASN C 41 -4.61 14.74 4.41
N ASN C 42 -4.47 15.83 3.67
CA ASN C 42 -4.50 15.74 2.22
C ASN C 42 -3.20 16.21 1.58
N GLN C 43 -2.26 15.32 1.34
CA GLN C 43 -0.96 15.81 0.88
C GLN C 43 -0.87 15.83 -0.64
N ASP C 44 -1.81 15.17 -1.29
CA ASP C 44 -1.82 15.14 -2.73
C ASP C 44 -2.23 16.49 -3.30
N ARG C 45 -2.87 17.32 -2.49
CA ARG C 45 -3.27 18.64 -2.97
C ARG C 45 -2.27 19.71 -2.54
N VAL C 46 -1.21 19.30 -1.88
CA VAL C 46 -0.18 20.25 -1.53
C VAL C 46 0.90 20.35 -2.60
N PRO C 47 1.31 21.58 -2.98
CA PRO C 47 2.40 21.73 -3.96
C PRO C 47 3.68 21.05 -3.46
N VAL C 48 4.40 20.39 -4.36
CA VAL C 48 5.49 19.50 -3.98
C VAL C 48 6.64 20.13 -3.21
N GLN C 49 7.00 21.36 -3.52
CA GLN C 49 8.15 21.96 -2.84
C GLN C 49 7.83 22.12 -1.35
N ILE C 50 6.54 22.07 -1.03
CA ILE C 50 6.10 22.23 0.34
C ILE C 50 6.06 20.91 1.11
N LEU C 51 6.10 19.79 0.40
CA LEU C 51 5.91 18.51 1.06
C LEU C 51 7.00 18.20 2.10
N PRO C 52 8.27 18.41 1.76
CA PRO C 52 9.24 18.15 2.82
C PRO C 52 9.02 18.96 4.10
N SER C 53 8.41 20.13 4.02
CA SER C 53 8.18 20.94 5.22
C SER C 53 7.36 20.20 6.27
N LEU C 54 6.55 19.25 5.80
CA LEU C 54 5.65 18.50 6.67
C LEU C 54 6.34 17.40 7.46
N SER C 55 7.50 16.96 6.97
CA SER C 55 8.31 15.99 7.68
C SER C 55 9.17 16.64 8.75
N ARG C 56 9.23 17.97 8.76
CA ARG C 56 10.08 18.68 9.70
C ARG C 56 9.24 19.45 10.73
N TYR C 57 9.84 19.76 11.87
CA TYR C 57 9.05 20.26 12.99
C TYR C 57 8.62 21.69 12.83
N GLN C 58 9.43 22.50 12.16
CA GLN C 58 9.23 23.95 12.17
C GLN C 58 7.80 24.41 11.84
N LEU C 59 7.18 23.88 10.78
CA LEU C 59 5.83 24.33 10.44
C LEU C 59 4.76 24.02 11.49
N LYS C 60 4.81 22.85 12.11
CA LYS C 60 3.77 22.52 13.07
C LYS C 60 3.88 23.47 14.26
N LEU C 61 5.10 23.68 14.74
CA LEU C 61 5.33 24.59 15.86
C LEU C 61 4.77 25.96 15.55
N ALA C 62 4.96 26.43 14.33
CA ALA C 62 4.47 27.74 13.93
C ALA C 62 2.95 27.76 14.01
N ALA C 63 2.32 26.73 13.46
CA ALA C 63 0.88 26.62 13.47
C ALA C 63 0.36 26.53 14.91
N GLU C 64 1.06 25.79 15.76
CA GLU C 64 0.64 25.66 17.15
C GLU C 64 0.74 27.02 17.86
N LEU C 65 1.78 27.79 17.57
CA LEU C 65 1.95 29.10 18.19
C LEU C 65 0.87 30.05 17.74
N LYS C 66 0.60 30.07 16.43
CA LYS C 66 -0.43 30.94 15.90
C LYS C 66 -1.73 30.55 16.55
N THR C 67 -1.87 29.27 16.83
CA THR C 67 -3.07 28.76 17.46
C THR C 67 -3.24 29.37 18.85
N LEU C 68 -2.23 29.24 19.69
CA LEU C 68 -2.26 29.86 21.02
C LEU C 68 -2.61 31.33 20.93
N HIS C 69 -2.18 31.97 19.85
CA HIS C 69 -2.44 33.38 19.67
C HIS C 69 -3.90 33.68 19.43
N ASP C 70 -4.50 32.89 18.55
CA ASP C 70 -5.90 33.07 18.18
C ASP C 70 -6.79 32.76 19.38
N LEU C 71 -6.30 31.88 20.25
CA LEU C 71 -7.00 31.53 21.48
C LEU C 71 -6.68 32.44 22.67
N LYS C 72 -5.94 33.52 22.44
CA LYS C 72 -5.53 34.39 23.54
C LYS C 72 -4.89 33.71 24.75
N LYS C 73 -4.18 32.62 24.54
CA LYS C 73 -3.33 32.08 25.60
C LYS C 73 -1.87 32.47 25.41
N ASP C 74 -1.61 33.39 24.51
CA ASP C 74 -0.26 33.87 24.24
C ASP C 74 0.60 34.21 25.45
N ALA C 75 -0.01 34.66 26.54
CA ALA C 75 0.44 35.86 27.26
C ALA C 75 1.94 36.16 27.35
N ILE C 76 2.79 35.22 27.82
CA ILE C 76 4.21 35.53 27.93
C ILE C 76 4.79 36.03 26.61
N LEU C 77 4.35 35.44 25.50
CA LEU C 77 4.91 35.81 24.22
C LEU C 77 4.38 37.12 23.74
N THR C 78 3.14 37.43 24.07
CA THR C 78 2.58 38.73 23.68
C THR C 78 3.25 39.90 24.41
N GLU C 79 3.46 39.77 25.72
CA GLU C 79 4.10 40.82 26.50
C GLU C 79 5.46 41.17 25.88
N ILE C 80 6.16 40.13 25.43
CA ILE C 80 7.47 40.31 24.82
C ILE C 80 7.41 41.24 23.60
N THR C 81 6.42 41.06 22.75
CA THR C 81 6.35 41.89 21.55
C THR C 81 6.11 43.36 21.88
N ASP C 82 5.41 43.66 22.96
CA ASP C 82 5.22 45.05 23.33
C ASP C 82 6.23 45.55 24.38
N TYR C 83 7.09 44.67 24.90
CA TYR C 83 7.98 45.00 26.01
C TYR C 83 8.80 46.26 25.77
N GLU C 84 9.35 46.40 24.58
CA GLU C 84 10.20 47.55 24.30
C GLU C 84 9.46 48.83 24.60
N ASN C 85 8.20 48.84 24.20
CA ASN C 85 7.35 50.02 24.28
C ASN C 85 6.89 50.38 25.72
N GLU C 86 6.89 49.40 26.62
CA GLU C 86 6.59 49.65 28.04
C GLU C 86 7.87 49.75 28.87
N PHE C 87 9.01 49.67 28.20
CA PHE C 87 10.27 49.81 28.90
C PHE C 87 10.52 51.26 29.22
N ASP C 88 10.89 51.50 30.47
CA ASP C 88 11.32 52.82 30.88
C ASP C 88 12.48 52.63 31.85
N THR C 89 13.52 53.43 31.64
CA THR C 89 14.73 53.40 32.45
C THR C 89 14.39 53.80 33.88
N GLU C 90 13.31 54.58 34.06
CA GLU C 90 13.01 55.05 35.41
C GLU C 90 11.97 54.21 36.18
N GLN C 91 11.48 53.15 35.56
CA GLN C 91 10.68 52.15 36.27
C GLN C 91 11.60 50.97 36.55
N LYS C 92 11.85 50.68 37.82
CA LYS C 92 12.91 49.74 38.18
C LYS C 92 12.43 48.31 38.44
N GLN C 93 11.13 48.05 38.29
CA GLN C 93 10.65 46.71 38.61
C GLN C 93 9.96 46.04 37.42
N PRO C 94 9.90 44.68 37.47
CA PRO C 94 9.54 43.83 36.33
C PRO C 94 8.30 44.19 35.54
N ILE C 95 8.47 44.19 34.22
CA ILE C 95 7.40 44.49 33.30
C ILE C 95 6.62 43.21 33.03
N LEU C 96 7.21 42.08 33.40
CA LEU C 96 6.48 40.84 33.26
C LEU C 96 5.67 40.63 34.52
N GLN C 97 4.37 40.40 34.36
CA GLN C 97 3.53 40.28 35.54
C GLN C 97 3.56 38.86 36.08
N GLU C 98 4.33 38.00 35.44
CA GLU C 98 4.49 36.66 35.93
C GLU C 98 5.57 36.73 37.00
N ILE C 99 6.29 37.85 37.06
CA ILE C 99 7.22 38.01 38.17
C ILE C 99 6.57 38.93 39.19
N SER C 100 6.15 38.33 40.29
CA SER C 100 5.48 39.10 41.31
C SER C 100 6.54 39.47 42.33
N LYS C 101 6.15 40.35 43.23
CA LYS C 101 7.03 40.86 44.27
C LYS C 101 7.50 39.73 45.20
N ALA C 102 6.83 38.59 45.16
CA ALA C 102 7.17 37.43 46.01
C ALA C 102 8.37 36.61 45.55
N ASP C 103 8.42 36.38 44.24
CA ASP C 103 9.49 35.62 43.63
C ASP C 103 10.81 36.41 43.71
N MET C 104 10.70 37.73 43.61
CA MET C 104 11.88 38.57 43.56
C MET C 104 12.84 38.42 44.72
N GLU C 105 12.37 38.62 45.96
CA GLU C 105 13.21 38.48 47.16
C GLU C 105 13.61 37.04 47.46
N LYS C 106 12.80 36.07 47.02
CA LYS C 106 13.26 34.71 47.18
C LYS C 106 14.62 34.60 46.47
N LEU C 107 14.79 35.25 45.32
CA LEU C 107 16.04 35.09 44.58
C LEU C 107 17.15 35.94 45.15
N GLU C 108 16.81 37.15 45.58
CA GLU C 108 17.84 38.05 46.09
C GLU C 108 18.60 37.33 47.22
N LYS C 109 17.90 36.58 48.07
CA LYS C 109 18.63 35.99 49.17
C LYS C 109 19.32 34.67 48.71
N LEU C 110 18.90 34.06 47.59
CA LEU C 110 19.73 32.92 47.09
C LEU C 110 21.10 33.37 46.57
N GLU C 111 21.22 34.57 46.00
CA GLU C 111 22.58 35.07 45.74
C GLU C 111 23.11 35.94 46.90
N GLN C 112 22.24 36.34 47.82
CA GLN C 112 22.76 36.99 49.02
C GLN C 112 23.36 35.95 49.95
N VAL C 113 22.91 34.70 49.86
CA VAL C 113 23.59 33.63 50.61
C VAL C 113 24.99 33.44 49.99
N LYS C 114 25.13 33.79 48.72
CA LYS C 114 26.39 33.58 48.03
C LYS C 114 27.46 34.66 48.34
N ASN D 3 -3.69 28.86 0.14
CA ASN D 3 -3.43 28.31 1.46
C ASN D 3 -1.95 28.52 1.78
N TYR D 4 -1.16 27.45 1.99
CA TYR D 4 0.29 27.59 2.22
C TYR D 4 1.03 27.94 0.93
N LYS D 5 1.94 28.90 1.00
CA LYS D 5 2.69 29.27 -0.20
C LYS D 5 4.18 29.01 -0.01
N TYR D 6 4.88 28.64 -1.08
CA TYR D 6 6.27 28.22 -0.91
C TYR D 6 7.17 29.26 -0.28
N LEU D 7 7.26 30.44 -0.87
CA LEU D 7 8.12 31.50 -0.33
C LEU D 7 7.79 31.89 1.13
N GLU D 8 6.52 31.79 1.52
CA GLU D 8 6.14 32.07 2.90
C GLU D 8 6.57 30.92 3.81
N VAL D 9 6.57 29.71 3.30
CA VAL D 9 6.94 28.56 4.10
C VAL D 9 8.41 28.67 4.47
N ILE D 10 9.22 29.07 3.49
CA ILE D 10 10.65 29.22 3.71
C ILE D 10 10.92 30.26 4.78
N GLN D 11 10.13 31.31 4.80
CA GLN D 11 10.31 32.35 5.79
C GLN D 11 9.86 31.85 7.13
N LEU D 12 8.85 31.00 7.13
CA LEU D 12 8.31 30.51 8.38
C LEU D 12 9.27 29.58 9.08
N GLU D 13 9.77 28.61 8.34
CA GLU D 13 10.68 27.61 8.83
C GLU D 13 11.91 28.29 9.40
N HIS D 14 12.42 29.25 8.65
CA HIS D 14 13.61 29.96 9.06
C HIS D 14 13.32 30.80 10.30
N ALA D 15 12.17 31.44 10.34
CA ALA D 15 11.81 32.32 11.47
C ALA D 15 11.75 31.53 12.74
N VAL D 16 11.12 30.37 12.67
CA VAL D 16 11.03 29.45 13.80
C VAL D 16 12.39 29.00 14.32
N THR D 17 13.29 28.68 13.40
CA THR D 17 14.65 28.31 13.79
C THR D 17 15.31 29.48 14.56
N LYS D 18 15.24 30.70 14.03
CA LYS D 18 15.85 31.82 14.74
C LYS D 18 15.18 31.99 16.08
N LEU D 19 13.86 31.80 16.11
CA LEU D 19 13.10 31.99 17.31
C LEU D 19 13.68 31.13 18.42
N VAL D 20 13.85 29.86 18.14
CA VAL D 20 14.35 28.94 19.14
C VAL D 20 15.82 29.22 19.50
N GLU D 21 16.66 29.43 18.49
CA GLU D 21 18.08 29.68 18.68
C GLU D 21 18.28 30.90 19.56
N SER D 22 17.43 31.88 19.35
CA SER D 22 17.53 33.12 20.07
C SER D 22 17.18 32.95 21.54
N TYR D 23 16.09 32.24 21.83
CA TYR D 23 15.76 32.02 23.23
C TYR D 23 16.85 31.24 23.97
N ASN D 24 17.35 30.19 23.32
CA ASN D 24 18.44 29.39 23.86
C ASN D 24 19.64 30.25 24.20
N LYS D 25 20.01 31.16 23.30
CA LYS D 25 21.15 32.04 23.55
C LYS D 25 20.89 32.95 24.75
N ILE D 26 19.66 33.38 24.90
CA ILE D 26 19.31 34.29 25.99
C ILE D 26 19.49 33.61 27.33
N ILE D 27 18.89 32.43 27.45
CA ILE D 27 18.96 31.65 28.67
C ILE D 27 20.42 31.28 28.95
N GLU D 28 21.18 31.00 27.89
CA GLU D 28 22.59 30.67 28.02
C GLU D 28 23.45 31.81 28.54
N LEU D 29 23.43 32.96 27.88
CA LEU D 29 24.33 34.04 28.24
C LEU D 29 23.88 34.95 29.38
N SER D 30 22.58 35.14 29.52
CA SER D 30 22.07 36.17 30.41
C SER D 30 22.01 35.75 31.85
N PRO D 31 22.30 36.70 32.74
CA PRO D 31 22.01 36.64 34.18
C PRO D 31 20.53 36.88 34.46
N ASN D 32 20.11 36.56 35.68
CA ASN D 32 18.75 36.91 36.09
C ASN D 32 18.68 38.35 36.60
N LEU D 33 17.47 38.72 36.99
CA LEU D 33 17.16 40.10 37.28
C LEU D 33 17.97 40.72 38.43
N VAL D 34 18.49 39.89 39.34
CA VAL D 34 19.26 40.45 40.44
C VAL D 34 20.60 40.96 39.94
N ALA D 35 21.28 40.19 39.08
CA ALA D 35 22.55 40.63 38.54
C ALA D 35 22.34 41.83 37.63
N TYR D 36 21.21 41.88 36.93
CA TYR D 36 20.90 43.04 36.10
C TYR D 36 20.77 44.30 36.93
N ASN D 37 19.96 44.21 37.99
CA ASN D 37 19.71 45.33 38.88
C ASN D 37 20.97 45.85 39.55
N GLU D 38 21.86 44.92 39.94
CA GLU D 38 23.10 45.36 40.55
C GLU D 38 23.93 46.12 39.54
N ALA D 39 23.98 45.61 38.31
CA ALA D 39 24.80 46.23 37.29
C ALA D 39 24.23 47.58 36.89
N VAL D 40 22.92 47.67 36.74
CA VAL D 40 22.32 48.91 36.28
C VAL D 40 22.44 49.97 37.40
N ASN D 41 22.52 49.51 38.66
CA ASN D 41 22.68 50.43 39.80
C ASN D 41 24.12 50.83 40.18
N ASN D 42 25.14 50.07 39.79
CA ASN D 42 26.51 50.56 39.92
C ASN D 42 27.20 50.59 38.56
N GLN D 43 27.17 51.72 37.87
CA GLN D 43 27.67 51.68 36.51
C GLN D 43 29.12 52.10 36.34
N ASP D 44 29.72 52.68 37.37
CA ASP D 44 31.12 53.06 37.27
C ASP D 44 31.98 51.80 37.43
N ARG D 45 31.37 50.74 37.96
CA ARG D 45 32.06 49.46 38.19
C ARG D 45 31.93 48.42 37.06
N VAL D 46 31.06 48.70 36.09
CA VAL D 46 30.90 47.91 34.84
C VAL D 46 31.78 48.50 33.74
N PRO D 47 32.26 47.66 32.80
CA PRO D 47 33.09 48.16 31.69
C PRO D 47 32.40 49.25 30.85
N VAL D 48 33.15 50.25 30.42
CA VAL D 48 32.57 51.44 29.80
C VAL D 48 31.68 51.14 28.60
N GLN D 49 32.10 50.14 27.82
CA GLN D 49 31.45 49.80 26.56
C GLN D 49 30.04 49.26 26.66
N ILE D 50 29.61 48.76 27.82
CA ILE D 50 28.28 48.17 27.91
C ILE D 50 27.23 49.19 28.28
N LEU D 51 27.67 50.41 28.53
CA LEU D 51 26.80 51.41 29.12
C LEU D 51 25.57 51.72 28.27
N PRO D 52 25.72 51.97 26.95
CA PRO D 52 24.49 52.20 26.19
C PRO D 52 23.47 51.05 26.23
N SER D 53 23.93 49.81 26.30
CA SER D 53 23.04 48.66 26.34
C SER D 53 22.18 48.65 27.57
N LEU D 54 22.71 49.21 28.65
CA LEU D 54 21.99 49.23 29.91
C LEU D 54 20.87 50.23 29.82
N SER D 55 20.98 51.15 28.86
CA SER D 55 19.92 52.11 28.62
C SER D 55 18.75 51.52 27.87
N ARG D 56 18.97 50.37 27.26
CA ARG D 56 17.97 49.80 26.37
C ARG D 56 17.25 48.61 26.98
N TYR D 57 16.21 48.16 26.30
CA TYR D 57 15.31 47.18 26.87
C TYR D 57 15.84 45.75 26.79
N GLN D 58 16.64 45.47 25.75
CA GLN D 58 17.03 44.10 25.46
C GLN D 58 17.63 43.40 26.69
N LEU D 59 18.58 44.06 27.34
CA LEU D 59 19.31 43.44 28.44
C LEU D 59 18.38 43.10 29.58
N LYS D 60 17.46 44.01 29.91
CA LYS D 60 16.51 43.80 31.00
C LYS D 60 15.52 42.69 30.64
N LEU D 61 14.99 42.73 29.42
CA LEU D 61 14.07 41.68 28.96
C LEU D 61 14.75 40.30 29.00
N ALA D 62 16.01 40.25 28.60
CA ALA D 62 16.74 38.99 28.65
C ALA D 62 16.84 38.56 30.11
N ALA D 63 17.18 39.50 30.98
CA ALA D 63 17.32 39.20 32.40
C ALA D 63 16.00 38.71 32.97
N GLU D 64 14.89 39.31 32.57
CA GLU D 64 13.60 38.87 33.10
C GLU D 64 13.29 37.45 32.67
N LEU D 65 13.61 37.13 31.43
CA LEU D 65 13.37 35.80 30.89
C LEU D 65 14.24 34.77 31.57
N LYS D 66 15.49 35.14 31.80
CA LYS D 66 16.42 34.29 32.49
C LYS D 66 15.88 34.05 33.89
N THR D 67 15.24 35.05 34.45
CA THR D 67 14.65 34.94 35.78
C THR D 67 13.52 33.93 35.82
N LEU D 68 12.51 34.11 34.97
CA LEU D 68 11.40 33.17 34.85
C LEU D 68 11.94 31.77 34.71
N HIS D 69 13.08 31.65 34.05
CA HIS D 69 13.65 30.34 33.85
C HIS D 69 14.08 29.81 35.21
N ASP D 70 14.74 30.66 35.99
CA ASP D 70 15.23 30.22 37.28
C ASP D 70 14.06 29.90 38.23
N LEU D 71 12.92 30.56 38.07
CA LEU D 71 11.77 30.31 38.94
C LEU D 71 10.92 29.10 38.55
N LYS D 72 11.19 28.56 37.35
CA LYS D 72 10.47 27.42 36.79
C LYS D 72 9.04 27.81 36.41
N LYS D 73 8.87 29.10 36.10
CA LYS D 73 7.64 29.65 35.54
C LYS D 73 7.66 29.78 34.01
N ASP D 74 8.67 29.17 33.39
CA ASP D 74 8.81 29.15 31.93
C ASP D 74 7.56 28.78 31.16
N ALA D 75 6.88 27.71 31.60
CA ALA D 75 5.71 27.19 30.90
C ALA D 75 6.02 26.95 29.42
N ILE D 76 5.33 27.71 28.58
CA ILE D 76 5.41 27.61 27.13
C ILE D 76 6.82 27.67 26.55
N LEU D 77 7.71 28.49 27.11
CA LEU D 77 9.00 28.66 26.44
C LEU D 77 9.85 27.41 26.54
N THR D 78 9.75 26.66 27.63
CA THR D 78 10.47 25.40 27.71
C THR D 78 9.92 24.39 26.70
N GLU D 79 8.60 24.31 26.54
CA GLU D 79 8.01 23.40 25.55
C GLU D 79 8.51 23.68 24.15
N ILE D 80 8.65 24.95 23.81
CA ILE D 80 9.16 25.35 22.50
C ILE D 80 10.58 24.87 22.22
N THR D 81 11.48 25.06 23.17
CA THR D 81 12.86 24.59 23.00
C THR D 81 12.94 23.06 22.97
N ASP D 82 11.97 22.39 23.58
CA ASP D 82 11.94 20.93 23.56
C ASP D 82 11.18 20.40 22.34
N TYR D 83 10.49 21.29 21.63
CA TYR D 83 9.54 20.90 20.60
C TYR D 83 10.16 20.00 19.53
N GLU D 84 11.35 20.38 19.06
CA GLU D 84 11.98 19.65 17.98
C GLU D 84 12.23 18.18 18.27
N ASN D 85 12.77 17.87 19.44
CA ASN D 85 13.10 16.49 19.68
C ASN D 85 11.83 15.69 20.05
N GLU D 86 10.74 16.38 20.37
CA GLU D 86 9.47 15.69 20.64
C GLU D 86 8.55 15.57 19.42
N PHE D 87 9.01 16.13 18.30
CA PHE D 87 8.21 16.11 17.10
C PHE D 87 8.25 14.74 16.49
N ASP D 88 7.09 14.24 16.12
CA ASP D 88 7.02 12.99 15.38
C ASP D 88 5.92 13.14 14.33
N THR D 89 6.20 12.71 13.10
CA THR D 89 5.23 12.85 12.02
C THR D 89 3.95 12.04 12.25
N GLU D 90 4.04 10.95 13.02
CA GLU D 90 2.82 10.16 13.25
C GLU D 90 2.10 10.44 14.56
N GLN D 91 2.56 11.46 15.27
CA GLN D 91 1.76 12.08 16.31
C GLN D 91 1.09 13.25 15.68
N LYS D 92 -0.22 13.15 15.49
CA LYS D 92 -0.95 14.16 14.76
C LYS D 92 -1.64 15.10 15.72
N GLN D 93 -1.29 15.01 16.99
CA GLN D 93 -1.91 15.92 17.93
C GLN D 93 -0.92 16.87 18.56
N PRO D 94 -1.43 18.03 18.99
CA PRO D 94 -0.61 19.14 19.47
C PRO D 94 0.38 18.72 20.53
N ILE D 95 1.62 19.18 20.35
CA ILE D 95 2.68 18.85 21.27
C ILE D 95 2.66 19.86 22.38
N LEU D 96 1.94 20.95 22.15
CA LEU D 96 1.73 21.95 23.19
C LEU D 96 0.48 21.57 23.95
N GLN D 97 0.62 21.46 25.26
CA GLN D 97 -0.51 21.00 26.06
C GLN D 97 -1.41 22.15 26.51
N GLU D 98 -1.10 23.38 26.10
CA GLU D 98 -1.98 24.49 26.45
C GLU D 98 -3.06 24.48 25.42
N ILE D 99 -2.89 23.71 24.34
CA ILE D 99 -3.95 23.65 23.36
C ILE D 99 -4.77 22.47 23.75
N SER D 100 -5.97 22.76 24.23
CA SER D 100 -6.80 21.67 24.72
C SER D 100 -7.56 21.14 23.53
N LYS D 101 -7.95 19.88 23.66
CA LYS D 101 -8.71 19.18 22.65
C LYS D 101 -10.04 19.91 22.50
N ALA D 102 -10.33 20.69 23.55
CA ALA D 102 -11.47 21.59 23.71
C ALA D 102 -11.30 22.94 22.94
N ASP D 103 -10.10 23.52 23.05
CA ASP D 103 -9.74 24.75 22.35
C ASP D 103 -9.80 24.54 20.83
N MET D 104 -9.50 23.33 20.39
CA MET D 104 -9.44 23.04 18.96
C MET D 104 -10.71 23.29 18.13
N GLU D 105 -11.85 22.76 18.55
CA GLU D 105 -13.07 23.03 17.78
C GLU D 105 -13.69 24.42 17.67
N LYS D 106 -13.55 25.30 18.67
CA LYS D 106 -14.04 26.67 18.43
C LYS D 106 -13.37 27.09 17.11
N LEU D 107 -12.14 26.63 16.93
CA LEU D 107 -11.36 27.00 15.76
C LEU D 107 -11.74 26.17 14.54
N GLU D 108 -11.97 24.85 14.71
CA GLU D 108 -12.36 24.00 13.57
C GLU D 108 -13.66 24.59 13.03
N LYS D 109 -14.53 25.03 13.93
CA LYS D 109 -15.80 25.55 13.47
C LYS D 109 -15.80 27.02 13.05
N LEU D 110 -14.96 27.88 13.63
CA LEU D 110 -15.02 29.26 13.16
C LEU D 110 -14.53 29.34 11.72
N GLU D 111 -13.58 28.49 11.34
CA GLU D 111 -13.22 28.48 9.91
C GLU D 111 -14.20 27.59 9.17
N GLN D 112 -15.03 26.87 9.92
CA GLN D 112 -16.14 26.13 9.33
C GLN D 112 -17.23 27.09 8.90
N VAL D 113 -17.63 27.99 9.80
CA VAL D 113 -18.56 29.05 9.38
C VAL D 113 -17.93 30.09 8.47
N LYS D 114 -16.62 30.27 8.58
CA LYS D 114 -15.95 31.36 7.85
C LYS D 114 -15.92 30.92 6.38
N ARG D 115 -15.65 29.64 6.14
CA ARG D 115 -15.57 29.11 4.79
C ARG D 115 -16.95 29.08 4.08
N GLU D 116 -18.06 28.93 4.80
CA GLU D 116 -19.33 28.90 4.08
C GLU D 116 -19.90 30.27 3.60
N LYS D 117 -19.58 31.41 4.25
CA LYS D 117 -19.99 32.72 3.65
C LYS D 117 -19.22 32.87 2.32
N ARG D 118 -18.16 32.08 2.18
CA ARG D 118 -17.29 32.08 0.98
C ARG D 118 -18.07 31.59 -0.25
N ASN E 3 39.13 -29.35 -68.34
CA ASN E 3 38.79 -30.37 -67.36
C ASN E 3 39.58 -30.13 -66.05
N TYR E 4 40.42 -31.07 -65.61
CA TYR E 4 41.17 -30.90 -64.35
C TYR E 4 42.15 -29.70 -64.38
N LYS E 5 42.17 -28.91 -63.32
CA LYS E 5 43.14 -27.82 -63.25
C LYS E 5 44.06 -27.97 -62.05
N TYR E 6 45.28 -27.46 -62.18
CA TYR E 6 46.34 -27.66 -61.19
C TYR E 6 45.87 -27.22 -59.80
N LEU E 7 45.29 -26.04 -59.74
CA LEU E 7 44.80 -25.52 -58.48
C LEU E 7 43.81 -26.47 -57.77
N GLU E 8 42.99 -27.19 -58.54
CA GLU E 8 42.09 -28.16 -57.95
C GLU E 8 42.87 -29.41 -57.52
N VAL E 9 43.91 -29.76 -58.27
CA VAL E 9 44.64 -30.99 -57.98
C VAL E 9 45.41 -30.93 -56.66
N ILE E 10 46.14 -29.85 -56.44
CA ILE E 10 46.89 -29.73 -55.20
C ILE E 10 45.90 -29.70 -54.04
N GLN E 11 44.71 -29.15 -54.23
CA GLN E 11 43.76 -29.17 -53.13
C GLN E 11 43.23 -30.57 -52.93
N LEU E 12 43.09 -31.33 -54.00
CA LEU E 12 42.52 -32.67 -53.86
C LEU E 12 43.48 -33.60 -53.14
N GLU E 13 44.75 -33.58 -53.52
CA GLU E 13 45.71 -34.45 -52.86
C GLU E 13 45.73 -34.17 -51.37
N HIS E 14 45.76 -32.91 -51.00
CA HIS E 14 45.75 -32.53 -49.61
C HIS E 14 44.49 -32.91 -48.91
N ALA E 15 43.37 -32.83 -49.58
CA ALA E 15 42.11 -33.20 -48.94
C ALA E 15 42.07 -34.68 -48.69
N VAL E 16 42.44 -35.48 -49.68
CA VAL E 16 42.40 -36.94 -49.53
C VAL E 16 43.36 -37.42 -48.44
N THR E 17 44.57 -36.86 -48.44
CA THR E 17 45.58 -37.23 -47.48
C THR E 17 45.10 -37.06 -46.07
N LYS E 18 44.60 -35.87 -45.77
CA LYS E 18 44.06 -35.59 -44.45
C LYS E 18 42.80 -36.35 -44.12
N LEU E 19 41.98 -36.62 -45.12
CA LEU E 19 40.77 -37.40 -44.90
C LEU E 19 41.14 -38.73 -44.24
N VAL E 20 42.06 -39.46 -44.85
CA VAL E 20 42.48 -40.73 -44.28
C VAL E 20 43.25 -40.46 -42.97
N GLU E 21 44.15 -39.49 -42.97
CA GLU E 21 44.93 -39.16 -41.79
C GLU E 21 44.02 -38.83 -40.61
N SER E 22 42.89 -38.18 -40.89
CA SER E 22 41.93 -37.82 -39.84
C SER E 22 41.20 -39.00 -39.26
N TYR E 23 40.72 -39.89 -40.12
CA TYR E 23 40.04 -41.11 -39.68
C TYR E 23 40.99 -41.98 -38.84
N ASN E 24 42.25 -42.05 -39.26
CA ASN E 24 43.22 -42.79 -38.48
C ASN E 24 43.34 -42.32 -37.06
N LYS E 25 43.45 -41.00 -36.91
CA LYS E 25 43.63 -40.40 -35.58
C LYS E 25 42.43 -40.72 -34.72
N ILE E 26 41.26 -40.70 -35.33
CA ILE E 26 40.03 -40.91 -34.60
C ILE E 26 39.96 -42.31 -34.03
N ILE E 27 40.18 -43.31 -34.87
CA ILE E 27 40.12 -44.69 -34.43
C ILE E 27 41.17 -44.97 -33.38
N GLU E 28 42.33 -44.37 -33.55
CA GLU E 28 43.36 -44.54 -32.56
C GLU E 28 42.94 -43.96 -31.19
N LEU E 29 42.61 -42.67 -31.15
CA LEU E 29 42.36 -41.95 -29.89
C LEU E 29 41.00 -42.10 -29.26
N SER E 30 39.95 -42.27 -30.05
CA SER E 30 38.62 -42.20 -29.48
C SER E 30 38.25 -43.55 -28.88
N PRO E 31 37.63 -43.51 -27.70
CA PRO E 31 36.94 -44.65 -27.10
C PRO E 31 35.64 -44.88 -27.84
N ASN E 32 35.02 -46.03 -27.62
CA ASN E 32 33.74 -46.27 -28.27
C ASN E 32 32.61 -45.57 -27.50
N LEU E 33 31.40 -45.68 -28.04
CA LEU E 33 30.25 -44.90 -27.59
C LEU E 33 29.81 -45.10 -26.14
N VAL E 34 30.16 -46.24 -25.53
CA VAL E 34 29.77 -46.46 -24.14
C VAL E 34 30.57 -45.55 -23.19
N ALA E 35 31.87 -45.40 -23.42
CA ALA E 35 32.68 -44.54 -22.57
C ALA E 35 32.22 -43.10 -22.72
N TYR E 36 31.74 -42.77 -23.92
CA TYR E 36 31.19 -41.46 -24.14
C TYR E 36 29.96 -41.35 -23.25
N ASN E 37 29.06 -42.33 -23.35
CA ASN E 37 27.83 -42.27 -22.56
C ASN E 37 28.11 -42.19 -21.06
N GLU E 38 29.09 -42.94 -20.57
CA GLU E 38 29.45 -42.87 -19.17
C GLU E 38 29.94 -41.46 -18.82
N ALA E 39 30.72 -40.86 -19.71
CA ALA E 39 31.27 -39.55 -19.43
C ALA E 39 30.16 -38.52 -19.36
N VAL E 40 29.24 -38.56 -20.31
CA VAL E 40 28.15 -37.58 -20.36
C VAL E 40 27.14 -37.84 -19.24
N ASN E 41 27.02 -39.10 -18.81
CA ASN E 41 26.05 -39.47 -17.79
C ASN E 41 26.54 -39.27 -16.37
N ASN E 42 27.79 -38.84 -16.24
CA ASN E 42 28.21 -38.30 -14.96
C ASN E 42 28.62 -36.83 -15.09
N GLN E 43 29.83 -36.59 -15.56
CA GLN E 43 30.46 -35.26 -15.68
C GLN E 43 30.96 -34.69 -14.36
N ASP E 44 30.75 -35.36 -13.24
CA ASP E 44 31.26 -34.80 -11.99
C ASP E 44 32.68 -35.32 -11.75
N ARG E 45 33.02 -36.46 -12.33
CA ARG E 45 34.39 -36.96 -12.27
C ARG E 45 35.10 -36.66 -13.58
N VAL E 46 34.41 -35.93 -14.46
CA VAL E 46 35.02 -35.47 -15.70
C VAL E 46 35.70 -34.12 -15.48
N PRO E 47 37.00 -34.03 -15.83
CA PRO E 47 37.75 -32.79 -15.63
C PRO E 47 37.10 -31.58 -16.32
N VAL E 48 37.15 -30.41 -15.68
CA VAL E 48 36.36 -29.26 -16.14
C VAL E 48 36.67 -28.89 -17.59
N GLN E 49 37.94 -28.98 -17.97
CA GLN E 49 38.36 -28.51 -19.29
C GLN E 49 37.74 -29.34 -20.41
N ILE E 50 37.28 -30.53 -20.07
CA ILE E 50 36.71 -31.44 -21.06
C ILE E 50 35.19 -31.24 -21.17
N LEU E 51 34.64 -30.47 -20.23
CA LEU E 51 33.21 -30.30 -20.17
C LEU E 51 32.59 -29.55 -21.36
N PRO E 52 33.18 -28.41 -21.79
CA PRO E 52 32.60 -27.76 -22.96
C PRO E 52 32.56 -28.69 -24.18
N SER E 53 33.48 -29.65 -24.25
CA SER E 53 33.53 -30.62 -25.36
C SER E 53 32.27 -31.47 -25.47
N LEU E 54 31.57 -31.64 -24.36
CA LEU E 54 30.35 -32.45 -24.33
C LEU E 54 29.13 -31.75 -24.92
N SER E 55 29.18 -30.42 -25.00
CA SER E 55 28.14 -29.64 -25.68
C SER E 55 28.32 -29.62 -27.20
N ARG E 56 29.43 -30.15 -27.70
CA ARG E 56 29.71 -30.07 -29.13
C ARG E 56 29.67 -31.45 -29.79
N TYR E 57 29.52 -31.46 -31.11
CA TYR E 57 29.21 -32.70 -31.83
C TYR E 57 30.40 -33.61 -32.05
N GLN E 58 31.59 -33.03 -32.15
CA GLN E 58 32.77 -33.80 -32.54
C GLN E 58 32.96 -35.04 -31.69
N LEU E 59 32.93 -34.95 -30.37
CA LEU E 59 33.19 -36.14 -29.56
C LEU E 59 32.17 -37.26 -29.75
N LYS E 60 30.90 -36.91 -29.89
CA LYS E 60 29.89 -37.95 -30.06
C LYS E 60 30.07 -38.67 -31.39
N LEU E 61 30.23 -37.90 -32.45
CA LEU E 61 30.48 -38.46 -33.77
C LEU E 61 31.77 -39.29 -33.78
N ALA E 62 32.77 -38.79 -33.06
CA ALA E 62 34.05 -39.49 -32.97
C ALA E 62 33.83 -40.84 -32.29
N ALA E 63 33.10 -40.85 -31.19
CA ALA E 63 32.78 -42.08 -30.49
C ALA E 63 31.91 -43.02 -31.34
N GLU E 64 30.94 -42.46 -32.06
CA GLU E 64 30.04 -43.29 -32.87
C GLU E 64 30.82 -44.04 -33.97
N LEU E 65 31.79 -43.37 -34.58
CA LEU E 65 32.60 -43.98 -35.63
C LEU E 65 33.48 -45.09 -35.05
N LYS E 66 34.10 -44.83 -33.90
CA LYS E 66 34.96 -45.78 -33.22
C LYS E 66 34.14 -47.01 -32.90
N THR E 67 32.87 -46.77 -32.63
CA THR E 67 31.93 -47.82 -32.38
C THR E 67 31.70 -48.68 -33.62
N LEU E 68 31.33 -48.05 -34.72
CA LEU E 68 31.17 -48.77 -35.98
C LEU E 68 32.41 -49.63 -36.31
N HIS E 69 33.58 -49.14 -35.91
CA HIS E 69 34.84 -49.86 -36.14
C HIS E 69 34.96 -51.14 -35.30
N ASP E 70 34.62 -51.03 -34.02
CA ASP E 70 34.68 -52.17 -33.09
C ASP E 70 33.63 -53.21 -33.53
N LEU E 71 32.54 -52.72 -34.13
CA LEU E 71 31.43 -53.55 -34.65
C LEU E 71 31.59 -54.00 -36.11
N LYS E 72 32.76 -53.75 -36.68
CA LYS E 72 33.07 -54.10 -38.08
C LYS E 72 31.97 -53.85 -39.13
N LYS E 73 31.19 -52.79 -38.95
CA LYS E 73 30.27 -52.30 -39.98
C LYS E 73 30.91 -51.15 -40.76
N ASP E 74 32.22 -50.96 -40.55
CA ASP E 74 33.03 -49.93 -41.23
C ASP E 74 32.77 -49.84 -42.72
N ALA E 75 32.77 -50.99 -43.38
CA ALA E 75 32.54 -51.04 -44.82
C ALA E 75 33.41 -49.99 -45.50
N ILE E 76 32.76 -48.99 -46.11
CA ILE E 76 33.42 -47.98 -46.96
C ILE E 76 34.72 -47.36 -46.41
N LEU E 77 34.80 -47.11 -45.12
CA LEU E 77 35.96 -46.41 -44.60
C LEU E 77 37.27 -47.23 -44.32
N THR E 78 37.17 -48.53 -44.01
CA THR E 78 38.39 -49.34 -43.89
C THR E 78 39.25 -49.41 -45.20
N GLU E 79 38.65 -49.66 -46.36
CA GLU E 79 39.38 -49.62 -47.64
C GLU E 79 39.93 -48.22 -47.89
N ILE E 80 39.18 -47.19 -47.50
CA ILE E 80 39.71 -45.84 -47.64
C ILE E 80 41.05 -45.79 -46.94
N THR E 81 41.12 -46.31 -45.72
CA THR E 81 42.39 -46.34 -45.02
C THR E 81 43.34 -47.29 -45.72
N ASP E 82 42.78 -48.30 -46.39
CA ASP E 82 43.59 -49.29 -47.10
C ASP E 82 43.90 -48.94 -48.54
N TYR E 83 43.22 -47.90 -49.05
CA TYR E 83 43.21 -47.59 -50.48
C TYR E 83 44.61 -47.42 -51.07
N GLU E 84 45.47 -46.70 -50.37
CA GLU E 84 46.78 -46.38 -50.90
C GLU E 84 47.64 -47.60 -51.25
N ASN E 85 47.64 -48.64 -50.42
CA ASN E 85 48.44 -49.83 -50.71
C ASN E 85 47.80 -50.72 -51.78
N GLU E 86 46.50 -50.48 -52.04
CA GLU E 86 45.74 -51.23 -53.03
C GLU E 86 45.81 -50.53 -54.40
N PHE E 87 46.45 -49.37 -54.43
CA PHE E 87 46.53 -48.61 -55.67
C PHE E 87 47.67 -49.11 -56.57
N ASP E 88 47.34 -49.32 -57.83
CA ASP E 88 48.34 -49.57 -58.86
C ASP E 88 47.87 -48.87 -60.13
N THR E 89 48.81 -48.18 -60.78
CA THR E 89 48.55 -47.37 -61.96
C THR E 89 48.04 -48.14 -63.19
N GLU E 90 48.35 -49.43 -63.26
CA GLU E 90 47.99 -50.21 -64.44
C GLU E 90 46.69 -51.00 -64.29
N GLN E 91 46.01 -50.82 -63.15
CA GLN E 91 44.66 -51.33 -62.98
C GLN E 91 43.64 -50.23 -63.20
N LYS E 92 42.86 -50.41 -64.26
CA LYS E 92 41.99 -49.38 -64.81
C LYS E 92 40.58 -49.55 -64.23
N GLN E 93 40.48 -50.37 -63.19
CA GLN E 93 39.19 -50.72 -62.64
C GLN E 93 39.03 -50.22 -61.19
N PRO E 94 37.81 -49.77 -60.84
CA PRO E 94 37.55 -49.16 -59.54
C PRO E 94 38.01 -50.09 -58.44
N ILE E 95 38.72 -49.59 -57.44
CA ILE E 95 39.19 -50.45 -56.38
C ILE E 95 38.18 -50.53 -55.21
N LEU E 96 37.16 -49.68 -55.22
CA LEU E 96 36.10 -49.81 -54.22
C LEU E 96 35.01 -50.76 -54.73
N GLN E 97 34.65 -51.78 -53.95
CA GLN E 97 33.67 -52.77 -54.41
C GLN E 97 32.21 -52.40 -54.09
N GLU E 98 32.01 -51.21 -53.57
CA GLU E 98 30.65 -50.74 -53.31
C GLU E 98 30.15 -50.19 -54.64
N ILE E 99 31.11 -49.93 -55.52
CA ILE E 99 30.79 -49.57 -56.90
C ILE E 99 31.03 -50.71 -57.89
N SER E 100 29.95 -51.22 -58.47
CA SER E 100 30.12 -52.31 -59.43
C SER E 100 29.97 -51.72 -60.84
N LYS E 101 30.61 -52.36 -61.82
CA LYS E 101 30.61 -51.91 -63.22
C LYS E 101 29.25 -51.94 -63.92
N ALA E 102 28.20 -52.29 -63.17
CA ALA E 102 26.86 -52.08 -63.68
C ALA E 102 26.62 -50.56 -63.59
N ASP E 103 27.03 -49.98 -62.45
CA ASP E 103 26.86 -48.56 -62.14
C ASP E 103 27.59 -47.57 -63.08
N MET E 104 28.80 -47.95 -63.51
CA MET E 104 29.63 -47.14 -64.40
C MET E 104 28.91 -46.86 -65.69
N GLU E 105 28.39 -47.95 -66.28
CA GLU E 105 27.56 -47.86 -67.48
C GLU E 105 26.61 -46.68 -67.44
N LYS E 106 25.84 -46.60 -66.36
CA LYS E 106 24.84 -45.55 -66.20
C LYS E 106 25.45 -44.16 -66.43
N LEU E 107 26.62 -43.94 -65.84
CA LEU E 107 27.30 -42.63 -65.82
C LEU E 107 28.02 -42.32 -67.15
N GLU E 108 28.68 -43.33 -67.73
CA GLU E 108 29.37 -43.13 -69.02
C GLU E 108 28.46 -42.72 -70.16
N LYS E 109 27.30 -43.36 -70.24
CA LYS E 109 26.44 -43.06 -71.36
C LYS E 109 25.74 -41.76 -70.98
N LEU E 110 25.71 -41.46 -69.69
CA LEU E 110 25.16 -40.19 -69.25
C LEU E 110 25.93 -38.99 -69.79
N GLU E 111 27.26 -39.12 -69.93
CA GLU E 111 28.00 -37.99 -70.48
C GLU E 111 28.11 -37.91 -71.99
N GLN E 112 27.86 -39.00 -72.72
CA GLN E 112 27.79 -38.79 -74.16
C GLN E 112 26.49 -38.08 -74.38
N VAL E 113 25.50 -38.43 -73.56
CA VAL E 113 24.24 -37.70 -73.51
C VAL E 113 24.47 -36.17 -73.37
N LYS E 114 25.38 -35.73 -72.46
CA LYS E 114 25.58 -34.25 -72.27
C LYS E 114 26.54 -33.64 -73.37
N ARG E 115 27.29 -34.50 -74.08
CA ARG E 115 28.04 -34.06 -75.27
C ARG E 115 27.04 -33.87 -76.45
N GLU E 116 25.89 -34.56 -76.38
CA GLU E 116 24.79 -34.37 -77.35
C GLU E 116 24.05 -33.01 -77.06
N LYS E 117 24.13 -32.47 -75.83
CA LYS E 117 23.48 -31.16 -75.51
C LYS E 117 24.02 -29.99 -76.33
N ASN F 3 40.50 -41.89 -18.05
CA ASN F 3 39.77 -42.18 -19.29
C ASN F 3 40.11 -41.18 -20.39
N TYR F 4 39.25 -40.17 -20.56
CA TYR F 4 39.46 -39.07 -21.52
C TYR F 4 40.53 -38.12 -20.97
N LYS F 5 41.46 -37.69 -21.82
CA LYS F 5 42.48 -36.77 -21.34
C LYS F 5 42.33 -35.43 -22.08
N TYR F 6 42.66 -34.33 -21.43
CA TYR F 6 42.41 -33.03 -22.06
C TYR F 6 43.09 -32.96 -23.41
N LEU F 7 44.40 -33.18 -23.43
CA LEU F 7 45.18 -33.07 -24.67
C LEU F 7 44.71 -33.97 -25.80
N GLU F 8 44.20 -35.14 -25.47
CA GLU F 8 43.70 -36.04 -26.51
C GLU F 8 42.38 -35.56 -27.07
N VAL F 9 41.58 -34.95 -26.21
CA VAL F 9 40.26 -34.51 -26.62
C VAL F 9 40.42 -33.42 -27.70
N ILE F 10 41.37 -32.51 -27.49
CA ILE F 10 41.60 -31.45 -28.45
C ILE F 10 41.98 -32.05 -29.81
N GLN F 11 42.72 -33.14 -29.80
CA GLN F 11 43.14 -33.76 -31.05
C GLN F 11 41.98 -34.43 -31.76
N LEU F 12 41.07 -35.01 -31.00
CA LEU F 12 39.95 -35.71 -31.62
C LEU F 12 39.03 -34.70 -32.24
N GLU F 13 38.71 -33.66 -31.48
CA GLU F 13 37.80 -32.62 -31.94
C GLU F 13 38.35 -32.05 -33.23
N HIS F 14 39.65 -31.79 -33.22
CA HIS F 14 40.27 -31.17 -34.38
C HIS F 14 40.20 -32.10 -35.58
N ALA F 15 40.51 -33.38 -35.34
CA ALA F 15 40.54 -34.41 -36.37
C ALA F 15 39.18 -34.64 -36.99
N VAL F 16 38.16 -34.69 -36.16
CA VAL F 16 36.79 -34.83 -36.62
C VAL F 16 36.43 -33.66 -37.56
N THR F 17 36.85 -32.46 -37.17
CA THR F 17 36.67 -31.26 -37.98
C THR F 17 37.38 -31.40 -39.34
N LYS F 18 38.67 -31.76 -39.32
CA LYS F 18 39.39 -31.92 -40.58
C LYS F 18 38.73 -33.00 -41.38
N LEU F 19 38.24 -34.03 -40.70
CA LEU F 19 37.60 -35.13 -41.38
C LEU F 19 36.44 -34.66 -42.25
N VAL F 20 35.48 -33.99 -41.63
CA VAL F 20 34.27 -33.56 -42.33
C VAL F 20 34.57 -32.54 -43.40
N GLU F 21 35.41 -31.57 -43.06
CA GLU F 21 35.76 -30.53 -43.99
C GLU F 21 36.44 -31.13 -45.20
N SER F 22 37.24 -32.17 -44.99
CA SER F 22 37.99 -32.80 -46.09
C SER F 22 37.07 -33.51 -47.08
N TYR F 23 36.15 -34.30 -46.57
CA TYR F 23 35.20 -34.99 -47.44
C TYR F 23 34.39 -33.98 -48.23
N ASN F 24 33.98 -32.93 -47.55
CA ASN F 24 33.25 -31.84 -48.18
C ASN F 24 34.00 -31.29 -49.37
N LYS F 25 35.30 -31.07 -49.18
CA LYS F 25 36.13 -30.49 -50.21
C LYS F 25 36.19 -31.40 -51.42
N ILE F 26 36.26 -32.69 -51.15
CA ILE F 26 36.43 -33.68 -52.20
C ILE F 26 35.21 -33.70 -53.13
N ILE F 27 34.03 -33.78 -52.54
CA ILE F 27 32.79 -33.82 -53.29
C ILE F 27 32.63 -32.52 -54.09
N GLU F 28 33.04 -31.41 -53.49
CA GLU F 28 33.00 -30.11 -54.16
C GLU F 28 33.88 -30.07 -55.39
N LEU F 29 35.17 -30.32 -55.19
CA LEU F 29 36.15 -30.12 -56.24
C LEU F 29 36.28 -31.24 -57.25
N SER F 30 36.06 -32.48 -56.83
CA SER F 30 36.42 -33.60 -57.70
C SER F 30 35.36 -34.03 -58.71
N PRO F 31 35.83 -34.38 -59.93
CA PRO F 31 35.00 -35.13 -60.87
C PRO F 31 34.87 -36.60 -60.49
N ASN F 32 33.86 -37.24 -61.08
CA ASN F 32 33.64 -38.66 -60.88
C ASN F 32 34.55 -39.49 -61.79
N LEU F 33 34.44 -40.79 -61.64
CA LEU F 33 35.38 -41.70 -62.25
C LEU F 33 35.39 -41.63 -63.78
N VAL F 34 34.33 -41.14 -64.42
CA VAL F 34 34.38 -41.10 -65.89
C VAL F 34 35.38 -40.01 -66.37
N ALA F 35 35.32 -38.81 -65.82
CA ALA F 35 36.23 -37.73 -66.22
C ALA F 35 37.66 -38.06 -65.83
N TYR F 36 37.79 -38.78 -64.71
CA TYR F 36 39.08 -39.26 -64.25
C TYR F 36 39.72 -40.19 -65.27
N ASN F 37 38.98 -41.21 -65.68
CA ASN F 37 39.50 -42.16 -66.65
C ASN F 37 39.84 -41.49 -67.97
N GLU F 38 39.00 -40.56 -68.40
CA GLU F 38 39.25 -39.84 -69.65
C GLU F 38 40.56 -39.08 -69.57
N ALA F 39 40.81 -38.44 -68.43
CA ALA F 39 42.00 -37.62 -68.25
C ALA F 39 43.28 -38.49 -68.20
N VAL F 40 43.22 -39.58 -67.45
CA VAL F 40 44.39 -40.42 -67.27
C VAL F 40 44.73 -41.17 -68.56
N ASN F 41 43.73 -41.40 -69.40
CA ASN F 41 43.97 -42.13 -70.65
C ASN F 41 44.46 -41.23 -71.78
N ASN F 42 44.23 -39.92 -71.69
CA ASN F 42 44.96 -38.99 -72.56
C ASN F 42 45.73 -37.95 -71.76
N GLN F 43 47.02 -38.17 -71.57
CA GLN F 43 47.80 -37.29 -70.70
C GLN F 43 48.58 -36.26 -71.48
N ASP F 44 48.60 -36.39 -72.80
CA ASP F 44 49.27 -35.36 -73.63
C ASP F 44 48.43 -34.10 -73.70
N ARG F 45 47.14 -34.24 -73.44
CA ARG F 45 46.23 -33.09 -73.49
C ARG F 45 45.88 -32.45 -72.12
N VAL F 46 46.40 -33.04 -71.04
CA VAL F 46 46.28 -32.50 -69.68
C VAL F 46 47.46 -31.57 -69.37
N PRO F 47 47.22 -30.54 -68.53
CA PRO F 47 48.28 -29.58 -68.16
C PRO F 47 49.46 -30.33 -67.60
N VAL F 48 50.66 -29.94 -67.99
CA VAL F 48 51.86 -30.69 -67.68
C VAL F 48 52.11 -30.92 -66.16
N GLN F 49 51.73 -29.94 -65.34
CA GLN F 49 52.03 -29.94 -63.90
C GLN F 49 51.26 -30.97 -63.08
N ILE F 50 50.14 -31.44 -63.62
CA ILE F 50 49.29 -32.38 -62.89
C ILE F 50 49.69 -33.84 -63.10
N LEU F 51 50.69 -34.07 -63.95
CA LEU F 51 51.03 -35.41 -64.38
C LEU F 51 51.43 -36.29 -63.18
N PRO F 52 52.30 -35.78 -62.28
CA PRO F 52 52.56 -36.63 -61.10
C PRO F 52 51.33 -36.95 -60.25
N SER F 53 50.38 -36.02 -60.16
CA SER F 53 49.19 -36.28 -59.35
C SER F 53 48.41 -37.46 -59.88
N LEU F 54 48.54 -37.68 -61.19
CA LEU F 54 47.86 -38.76 -61.87
C LEU F 54 48.55 -40.05 -61.59
N SER F 55 49.82 -39.93 -61.22
CA SER F 55 50.61 -41.08 -60.84
C SER F 55 50.26 -41.62 -59.43
N ARG F 56 49.49 -40.86 -58.67
CA ARG F 56 49.19 -41.19 -57.28
C ARG F 56 47.72 -41.57 -57.04
N TYR F 57 47.43 -42.03 -55.82
CA TYR F 57 46.11 -42.60 -55.52
C TYR F 57 44.98 -41.61 -55.23
N GLN F 58 45.35 -40.48 -54.64
CA GLN F 58 44.37 -39.56 -54.07
C GLN F 58 43.31 -39.22 -55.08
N LEU F 59 43.77 -38.89 -56.28
CA LEU F 59 42.91 -38.40 -57.36
C LEU F 59 41.91 -39.50 -57.71
N LYS F 60 42.40 -40.74 -57.75
CA LYS F 60 41.53 -41.86 -58.05
C LYS F 60 40.55 -42.07 -56.90
N LEU F 61 41.04 -42.08 -55.66
CA LEU F 61 40.16 -42.20 -54.49
C LEU F 61 39.13 -41.09 -54.42
N ALA F 62 39.56 -39.88 -54.75
CA ALA F 62 38.65 -38.74 -54.76
C ALA F 62 37.55 -38.97 -55.78
N ALA F 63 37.92 -39.44 -56.98
CA ALA F 63 36.93 -39.73 -58.02
C ALA F 63 35.96 -40.85 -57.60
N GLU F 64 36.51 -41.88 -56.96
CA GLU F 64 35.68 -43.00 -56.55
C GLU F 64 34.67 -42.56 -55.52
N LEU F 65 35.10 -41.71 -54.61
CA LEU F 65 34.18 -41.22 -53.60
C LEU F 65 33.12 -40.35 -54.25
N LYS F 66 33.53 -39.48 -55.17
CA LYS F 66 32.62 -38.57 -55.86
C LYS F 66 31.55 -39.36 -56.63
N THR F 67 31.97 -40.50 -57.18
CA THR F 67 31.12 -41.41 -57.92
C THR F 67 30.09 -42.03 -57.00
N LEU F 68 30.60 -42.57 -55.89
CA LEU F 68 29.72 -43.05 -54.85
C LEU F 68 28.65 -42.06 -54.48
N HIS F 69 28.99 -40.78 -54.54
CA HIS F 69 28.07 -39.70 -54.19
C HIS F 69 26.99 -39.56 -55.26
N ASP F 70 27.42 -39.64 -56.51
CA ASP F 70 26.52 -39.48 -57.65
C ASP F 70 25.56 -40.66 -57.74
N LEU F 71 26.04 -41.83 -57.31
CA LEU F 71 25.22 -43.03 -57.30
C LEU F 71 24.44 -43.15 -55.99
N LYS F 72 24.47 -42.08 -55.19
CA LYS F 72 23.78 -42.03 -53.90
C LYS F 72 24.02 -43.28 -53.03
N LYS F 73 25.20 -43.84 -53.15
CA LYS F 73 25.63 -44.89 -52.25
C LYS F 73 26.55 -44.41 -51.08
N ASP F 74 26.63 -43.07 -50.92
CA ASP F 74 27.36 -42.41 -49.81
C ASP F 74 27.07 -43.05 -48.47
N ALA F 75 25.77 -43.18 -48.17
CA ALA F 75 25.33 -43.72 -46.88
C ALA F 75 25.99 -42.92 -45.76
N ILE F 76 26.89 -43.58 -45.04
CA ILE F 76 27.57 -43.03 -43.88
C ILE F 76 28.18 -41.64 -44.11
N LEU F 77 28.73 -41.42 -45.30
CA LEU F 77 29.46 -40.19 -45.53
C LEU F 77 28.46 -39.04 -45.65
N THR F 78 27.30 -39.33 -46.22
CA THR F 78 26.25 -38.34 -46.31
C THR F 78 25.87 -38.03 -44.87
N GLU F 79 25.72 -39.07 -44.06
CA GLU F 79 25.40 -38.85 -42.65
C GLU F 79 26.41 -38.00 -41.89
N ILE F 80 27.69 -38.29 -42.10
CA ILE F 80 28.74 -37.56 -41.43
C ILE F 80 28.66 -36.05 -41.72
N THR F 81 28.46 -35.69 -42.98
CA THR F 81 28.33 -34.27 -43.30
C THR F 81 27.06 -33.61 -42.74
N ASP F 82 26.00 -34.40 -42.52
CA ASP F 82 24.75 -33.86 -41.97
C ASP F 82 24.74 -33.93 -40.45
N TYR F 83 25.70 -34.67 -39.91
CA TYR F 83 25.71 -35.02 -38.50
C TYR F 83 25.65 -33.81 -37.59
N GLU F 84 26.48 -32.81 -37.85
CA GLU F 84 26.53 -31.63 -36.97
C GLU F 84 25.15 -30.99 -36.95
N ASN F 85 24.52 -30.93 -38.12
CA ASN F 85 23.25 -30.25 -38.29
C ASN F 85 22.13 -31.07 -37.64
N GLU F 86 22.41 -32.34 -37.37
CA GLU F 86 21.50 -33.23 -36.64
C GLU F 86 21.78 -33.38 -35.16
N PHE F 87 22.83 -32.73 -34.68
CA PHE F 87 23.28 -32.95 -33.30
C PHE F 87 22.42 -32.23 -32.27
N ASP F 88 22.04 -32.97 -31.24
CA ASP F 88 21.36 -32.35 -30.12
C ASP F 88 21.87 -32.97 -28.82
N THR F 89 22.25 -32.10 -27.89
CA THR F 89 22.80 -32.55 -26.62
C THR F 89 21.69 -33.27 -25.84
N GLU F 90 20.45 -32.90 -26.16
CA GLU F 90 19.28 -33.43 -25.48
C GLU F 90 18.72 -34.60 -26.26
N GLN F 91 19.45 -34.99 -27.30
CA GLN F 91 19.23 -36.26 -27.97
C GLN F 91 20.31 -37.21 -27.46
N LYS F 92 19.92 -38.22 -26.69
CA LYS F 92 20.92 -39.02 -26.01
C LYS F 92 21.24 -40.34 -26.70
N GLN F 93 20.66 -40.60 -27.89
CA GLN F 93 20.93 -41.88 -28.56
C GLN F 93 21.49 -41.63 -29.98
N PRO F 94 22.32 -42.57 -30.50
CA PRO F 94 23.10 -42.41 -31.73
C PRO F 94 22.36 -41.94 -32.98
N ILE F 95 22.99 -41.00 -33.69
CA ILE F 95 22.44 -40.37 -34.88
C ILE F 95 22.71 -41.21 -36.11
N LEU F 96 23.53 -42.24 -35.98
CA LEU F 96 23.79 -43.11 -37.12
C LEU F 96 22.74 -44.23 -37.26
N GLN F 97 22.22 -44.43 -38.46
CA GLN F 97 21.19 -45.43 -38.62
C GLN F 97 21.76 -46.83 -38.82
N GLU F 98 23.08 -46.94 -38.86
CA GLU F 98 23.69 -48.25 -38.91
C GLU F 98 23.93 -48.66 -37.48
N ILE F 99 23.82 -47.70 -36.57
CA ILE F 99 23.93 -48.08 -35.17
C ILE F 99 22.55 -48.17 -34.54
N SER F 100 22.16 -49.42 -34.32
CA SER F 100 20.83 -49.72 -33.81
C SER F 100 20.85 -50.09 -32.33
N LYS F 101 19.73 -49.86 -31.65
CA LYS F 101 19.60 -50.30 -30.26
C LYS F 101 19.69 -51.84 -30.27
N ALA F 102 19.57 -52.48 -31.45
CA ALA F 102 19.85 -53.93 -31.66
C ALA F 102 21.37 -54.22 -31.84
N ASP F 103 22.16 -53.22 -32.26
CA ASP F 103 23.62 -53.33 -32.37
C ASP F 103 24.41 -53.08 -31.03
N MET F 104 23.85 -52.23 -30.16
CA MET F 104 24.56 -51.79 -28.93
C MET F 104 24.38 -52.62 -27.64
N GLU F 105 23.80 -53.83 -27.74
CA GLU F 105 24.08 -54.95 -26.78
C GLU F 105 25.44 -55.57 -26.56
N LYS F 106 25.85 -56.23 -27.64
CA LYS F 106 27.14 -56.90 -27.76
C LYS F 106 28.21 -56.05 -27.09
N LEU F 107 28.11 -54.74 -27.29
CA LEU F 107 29.12 -53.78 -26.87
C LEU F 107 29.12 -53.27 -25.42
N GLU F 108 27.98 -52.79 -24.89
CA GLU F 108 27.91 -52.29 -23.50
C GLU F 108 28.06 -53.47 -22.57
N LYS F 109 27.57 -54.65 -22.99
CA LYS F 109 27.68 -55.75 -22.05
C LYS F 109 29.11 -56.30 -22.19
N LEU F 110 29.81 -56.08 -23.31
CA LEU F 110 31.23 -56.50 -23.30
C LEU F 110 32.07 -55.68 -22.29
N GLU F 111 31.74 -54.39 -22.06
CA GLU F 111 32.53 -53.59 -21.10
C GLU F 111 32.04 -53.80 -19.64
N GLN F 112 30.91 -54.50 -19.46
CA GLN F 112 30.50 -54.98 -18.12
C GLN F 112 31.34 -56.24 -17.89
N VAL F 113 31.69 -56.92 -18.99
CA VAL F 113 32.67 -57.99 -18.88
C VAL F 113 34.07 -57.49 -18.51
N LYS F 114 34.48 -56.33 -19.02
CA LYS F 114 35.87 -55.91 -18.81
C LYS F 114 36.23 -55.26 -17.46
N ARG F 115 35.23 -54.78 -16.72
CA ARG F 115 35.55 -54.05 -15.52
C ARG F 115 36.10 -54.99 -14.42
N GLU F 116 35.49 -56.17 -14.28
CA GLU F 116 35.79 -57.10 -13.19
C GLU F 116 37.07 -57.94 -13.26
N LYS F 117 37.68 -58.08 -14.45
CA LYS F 117 38.89 -58.90 -14.56
C LYS F 117 40.04 -58.43 -13.63
N TYR I 1 -36.68 35.60 2.25
CA TYR I 1 -37.23 34.36 2.85
C TYR I 1 -36.68 34.14 4.25
N ASP I 2 -36.69 35.21 5.05
CA ASP I 2 -36.46 35.13 6.51
C ASP I 2 -37.25 36.14 7.42
N PRO I 3 -38.56 35.88 7.79
CA PRO I 3 -39.58 34.90 7.30
C PRO I 3 -40.07 35.16 5.87
N THR I 4 -41.05 34.37 5.47
CA THR I 4 -41.83 34.64 4.27
C THR I 4 -43.08 35.34 4.80
N LYS I 5 -43.19 35.33 6.12
CA LYS I 5 -44.18 36.11 6.85
C LYS I 5 -43.87 37.61 6.63
N ALA I 6 -42.61 37.95 6.35
CA ALA I 6 -42.17 39.34 6.16
C ALA I 6 -42.31 39.76 4.69
N GLY I 7 -41.64 40.84 4.29
CA GLY I 7 -41.98 41.53 3.05
C GLY I 7 -41.52 40.95 1.71
N ASP I 8 -40.67 39.92 1.73
CA ASP I 8 -40.45 39.18 0.49
C ASP I 8 -41.02 37.77 0.56
N ILE I 9 -42.22 37.69 -0.01
CA ILE I 9 -43.00 36.50 -0.20
C ILE I 9 -42.54 36.12 -1.58
N VAL I 10 -43.15 35.09 -2.14
CA VAL I 10 -42.91 34.69 -3.50
C VAL I 10 -41.45 34.67 -3.92
N LYS I 11 -40.57 34.32 -3.03
CA LYS I 11 -39.11 34.30 -3.30
C LYS I 11 -38.98 32.79 -3.40
N ALA I 12 -38.06 32.31 -4.23
CA ALA I 12 -37.84 30.87 -4.37
C ALA I 12 -37.53 30.32 -2.96
N THR I 13 -37.94 29.08 -2.71
CA THR I 13 -37.89 28.53 -1.36
C THR I 13 -36.54 27.88 -1.01
N LYS I 14 -36.24 27.96 0.28
CA LYS I 14 -35.00 27.47 0.89
C LYS I 14 -34.97 25.93 1.00
N TRP I 15 -36.13 25.33 0.76
CA TRP I 15 -36.36 23.92 1.06
C TRP I 15 -36.78 23.15 -0.17
N PRO I 16 -36.39 21.87 -0.30
CA PRO I 16 -35.49 21.04 0.50
C PRO I 16 -34.04 21.35 0.19
N PRO I 17 -33.10 20.99 1.09
CA PRO I 17 -31.67 21.22 0.84
C PRO I 17 -31.19 20.58 -0.47
N LYS I 18 -30.29 21.24 -1.17
CA LYS I 18 -29.88 20.75 -2.49
C LYS I 18 -29.26 19.36 -2.37
N LEU I 19 -29.78 18.47 -3.20
CA LEU I 19 -29.36 17.07 -3.27
C LEU I 19 -27.96 16.93 -3.83
N PRO I 20 -27.08 16.22 -3.10
CA PRO I 20 -25.77 15.90 -3.69
C PRO I 20 -25.99 15.06 -4.92
N GLU I 21 -25.10 15.14 -5.90
CA GLU I 21 -25.33 14.50 -7.17
C GLU I 21 -24.39 13.31 -7.44
N ILE I 22 -24.97 12.26 -8.01
CA ILE I 22 -24.25 11.05 -8.38
C ILE I 22 -23.65 11.16 -9.79
N GLN I 23 -22.33 11.08 -9.92
CA GLN I 23 -21.72 11.37 -11.21
C GLN I 23 -21.75 10.21 -12.21
N ASP I 24 -21.81 8.97 -11.73
CA ASP I 24 -21.87 7.83 -12.64
C ASP I 24 -23.32 7.52 -12.95
N LEU I 25 -23.70 7.69 -14.21
CA LEU I 25 -25.11 7.54 -14.59
C LEU I 25 -25.58 6.12 -14.34
N ALA I 26 -24.67 5.17 -14.49
CA ALA I 26 -24.95 3.77 -14.20
C ALA I 26 -25.49 3.64 -12.78
N ILE I 27 -24.83 4.30 -11.85
CA ILE I 27 -25.18 4.24 -10.42
C ILE I 27 -26.42 5.04 -10.11
N ARG I 28 -26.50 6.23 -10.68
CA ARG I 28 -27.65 7.09 -10.49
C ARG I 28 -28.93 6.40 -10.91
N ALA I 29 -28.82 5.66 -12.01
CA ALA I 29 -29.94 4.97 -12.62
C ALA I 29 -30.42 3.83 -11.76
N ARG I 30 -29.44 3.11 -11.25
CA ARG I 30 -29.65 1.86 -10.54
C ARG I 30 -30.48 2.13 -9.30
N VAL I 31 -30.29 3.31 -8.72
CA VAL I 31 -31.01 3.75 -7.52
C VAL I 31 -32.50 3.62 -7.68
N PHE I 32 -32.96 3.92 -8.88
CA PHE I 32 -34.37 4.07 -9.16
C PHE I 32 -35.01 2.86 -9.78
N ILE I 33 -34.23 1.79 -9.87
CA ILE I 33 -34.78 0.58 -10.45
C ILE I 33 -35.17 -0.42 -9.36
N HIS I 34 -36.48 -0.58 -9.18
CA HIS I 34 -37.01 -1.55 -8.25
C HIS I 34 -36.94 -2.95 -8.87
N LYS I 35 -36.89 -3.95 -8.00
CA LYS I 35 -36.57 -5.31 -8.39
C LYS I 35 -37.70 -5.94 -9.15
N SER I 36 -38.91 -5.42 -8.98
CA SER I 36 -40.06 -5.97 -9.68
C SER I 36 -39.87 -5.86 -11.18
N THR I 37 -39.01 -4.92 -11.58
CA THR I 37 -38.58 -4.70 -12.95
C THR I 37 -37.56 -5.72 -13.50
N ILE I 38 -36.85 -6.37 -12.59
CA ILE I 38 -35.69 -7.18 -12.96
C ILE I 38 -35.92 -8.68 -12.76
N LYS I 39 -36.31 -9.09 -11.55
CA LYS I 39 -36.39 -10.51 -11.20
C LYS I 39 -37.37 -11.28 -12.11
N ASP I 40 -38.18 -10.55 -12.89
CA ASP I 40 -39.09 -11.19 -13.84
C ASP I 40 -38.47 -11.40 -15.20
N LYS I 41 -37.21 -11.03 -15.38
CA LYS I 41 -36.58 -11.19 -16.68
C LYS I 41 -35.87 -12.50 -16.69
N VAL I 42 -36.44 -13.47 -17.41
CA VAL I 42 -36.04 -14.87 -17.28
C VAL I 42 -34.66 -15.13 -17.86
N TYR I 43 -34.20 -14.19 -18.68
CA TYR I 43 -32.94 -14.33 -19.38
C TYR I 43 -31.77 -13.74 -18.64
N LEU I 44 -32.00 -13.31 -17.41
CA LEU I 44 -30.92 -12.77 -16.58
C LEU I 44 -30.44 -13.80 -15.54
N SER I 45 -29.13 -13.90 -15.34
CA SER I 45 -28.61 -14.70 -14.25
C SER I 45 -28.85 -13.93 -12.95
N GLY I 46 -28.86 -14.64 -11.82
CA GLY I 46 -29.03 -14.01 -10.54
C GLY I 46 -27.99 -12.94 -10.25
N SER I 47 -26.78 -13.16 -10.75
CA SER I 47 -25.71 -12.21 -10.53
C SER I 47 -26.03 -10.91 -11.27
N GLU I 48 -26.58 -11.05 -12.47
CA GLU I 48 -26.94 -9.88 -13.25
C GLU I 48 -28.11 -9.16 -12.60
N MET I 49 -29.02 -9.91 -11.99
CA MET I 49 -30.18 -9.30 -11.34
C MET I 49 -29.76 -8.40 -10.18
N ILE I 50 -28.91 -8.92 -9.31
CA ILE I 50 -28.38 -8.17 -8.18
C ILE I 50 -27.67 -6.87 -8.58
N ASN I 51 -27.02 -6.85 -9.73
CA ASN I 51 -26.26 -5.66 -10.14
C ASN I 51 -27.10 -4.65 -10.88
N ALA I 52 -28.38 -4.97 -11.08
CA ALA I 52 -29.31 -4.12 -11.80
C ALA I 52 -30.16 -3.27 -10.83
N HIS I 53 -30.92 -3.91 -9.93
CA HIS I 53 -31.81 -3.14 -9.05
C HIS I 53 -31.08 -2.60 -7.83
N ASN I 54 -31.86 -1.93 -6.98
CA ASN I 54 -31.28 -1.06 -5.98
C ASN I 54 -31.08 -1.58 -4.56
N GLU I 55 -31.40 -2.84 -4.28
CA GLU I 55 -31.34 -3.22 -2.87
C GLU I 55 -29.90 -3.33 -2.34
N ARG I 56 -28.90 -3.61 -3.18
CA ARG I 56 -27.55 -3.52 -2.67
C ARG I 56 -27.25 -2.08 -2.24
N LEU I 57 -27.82 -1.13 -2.97
CA LEU I 57 -27.59 0.29 -2.70
C LEU I 57 -28.36 0.68 -1.46
N GLU I 58 -29.53 0.09 -1.31
CA GLU I 58 -30.37 0.36 -0.16
C GLU I 58 -29.68 -0.07 1.13
N PHE I 59 -29.11 -1.26 1.09
CA PHE I 59 -28.35 -1.82 2.19
C PHE I 59 -27.21 -0.90 2.62
N LEU I 60 -26.32 -0.58 1.69
CA LEU I 60 -25.22 0.34 2.00
C LEU I 60 -25.72 1.68 2.52
N GLY I 61 -26.73 2.24 1.84
CA GLY I 61 -27.30 3.52 2.22
C GLY I 61 -27.91 3.59 3.61
N ASP I 62 -28.68 2.57 3.97
CA ASP I 62 -29.29 2.45 5.28
C ASP I 62 -28.25 2.53 6.40
N SER I 63 -27.09 1.93 6.18
CA SER I 63 -26.05 1.95 7.16
C SER I 63 -25.48 3.37 7.28
N ILE I 64 -25.18 3.99 6.13
CA ILE I 64 -24.65 5.35 6.17
C ILE I 64 -25.64 6.35 6.80
N LEU I 65 -26.92 6.19 6.51
CA LEU I 65 -27.94 7.05 7.09
C LEU I 65 -27.88 6.97 8.61
N ASN I 66 -27.83 5.75 9.13
CA ASN I 66 -27.78 5.53 10.56
C ASN I 66 -26.51 5.98 11.22
N SER I 67 -25.40 5.70 10.57
CA SER I 67 -24.11 6.14 11.05
C SER I 67 -24.08 7.66 11.17
N VAL I 68 -24.48 8.36 10.13
CA VAL I 68 -24.38 9.80 10.13
C VAL I 68 -25.34 10.43 11.15
N MET I 69 -26.56 9.94 11.25
CA MET I 69 -27.47 10.45 12.29
C MET I 69 -26.89 10.19 13.68
N THR I 70 -26.29 9.02 13.90
CA THR I 70 -25.82 8.70 15.24
C THR I 70 -24.73 9.68 15.69
N LEU I 71 -23.71 9.87 14.86
CA LEU I 71 -22.71 10.89 15.10
C LEU I 71 -23.29 12.30 15.31
N ILE I 72 -24.23 12.71 14.46
CA ILE I 72 -24.80 14.04 14.58
C ILE I 72 -25.37 14.28 15.96
N ILE I 73 -26.32 13.44 16.38
CA ILE I 73 -27.02 13.65 17.64
C ILE I 73 -26.12 13.33 18.82
N TYR I 74 -25.13 12.48 18.62
CA TYR I 74 -24.20 12.18 19.70
C TYR I 74 -23.44 13.42 20.13
N ASN I 75 -22.90 14.13 19.15
CA ASN I 75 -22.17 15.36 19.41
C ASN I 75 -23.07 16.52 19.83
N LYS I 76 -24.27 16.58 19.31
CA LYS I 76 -25.13 17.72 19.57
C LYS I 76 -25.75 17.64 20.96
N PHE I 77 -25.85 16.43 21.52
CA PHE I 77 -26.41 16.29 22.87
C PHE I 77 -25.49 15.51 23.81
N PRO I 78 -24.39 16.14 24.22
CA PRO I 78 -23.33 15.49 25.02
C PRO I 78 -23.82 14.86 26.33
N ASP I 79 -24.87 15.41 26.94
CA ASP I 79 -25.39 14.85 28.18
C ASP I 79 -26.62 13.95 28.09
N TYR I 80 -27.07 13.61 26.89
CA TYR I 80 -28.16 12.67 26.71
C TYR I 80 -27.70 11.27 27.10
N SER I 81 -28.59 10.52 27.72
CA SER I 81 -28.29 9.14 28.02
C SER I 81 -28.35 8.32 26.76
N GLU I 82 -28.00 7.04 26.86
CA GLU I 82 -28.03 6.17 25.70
C GLU I 82 -29.48 5.94 25.27
N GLY I 83 -30.39 5.90 26.23
CA GLY I 83 -31.78 5.63 25.91
C GLY I 83 -32.37 6.80 25.17
N GLN I 84 -31.95 7.99 25.59
CA GLN I 84 -32.41 9.22 24.97
C GLN I 84 -31.86 9.30 23.56
N LEU I 85 -30.55 9.09 23.42
CA LEU I 85 -29.92 9.08 22.12
C LEU I 85 -30.60 8.06 21.23
N SER I 86 -30.89 6.89 21.81
CA SER I 86 -31.48 5.82 21.03
C SER I 86 -32.89 6.20 20.62
N THR I 87 -33.64 6.78 21.53
CA THR I 87 -35.01 7.15 21.26
C THR I 87 -35.06 8.23 20.21
N LEU I 88 -34.19 9.23 20.34
CA LEU I 88 -34.09 10.29 19.36
C LEU I 88 -33.68 9.76 17.97
N ARG I 89 -32.79 8.79 17.93
CA ARG I 89 -32.37 8.25 16.64
C ARG I 89 -33.55 7.62 15.89
N MET I 90 -34.49 7.08 16.65
CA MET I 90 -35.67 6.47 16.05
C MET I 90 -36.48 7.46 15.23
N ASN I 91 -36.62 8.68 15.74
CA ASN I 91 -37.35 9.72 15.04
C ASN I 91 -36.74 10.01 13.68
N LEU I 92 -35.42 9.93 13.60
CA LEU I 92 -34.69 10.26 12.38
C LEU I 92 -34.60 9.15 11.31
N VAL I 93 -34.46 7.90 11.73
CA VAL I 93 -34.35 6.78 10.80
C VAL I 93 -35.61 5.98 10.61
N SER I 94 -36.74 6.40 11.15
CA SER I 94 -37.97 5.61 11.05
C SER I 94 -38.43 5.48 9.60
N ASN I 95 -39.30 4.52 9.30
CA ASN I 95 -39.87 4.40 7.96
C ASN I 95 -40.59 5.67 7.57
N GLU I 96 -41.48 6.12 8.44
CA GLU I 96 -42.27 7.33 8.19
C GLU I 96 -41.39 8.50 7.86
N GLN I 97 -40.31 8.64 8.61
CA GLN I 97 -39.47 9.80 8.46
C GLN I 97 -38.74 9.75 7.16
N ILE I 98 -38.24 8.56 6.81
CA ILE I 98 -37.45 8.45 5.60
C ILE I 98 -38.38 8.63 4.39
N LYS I 99 -39.58 8.09 4.50
CA LYS I 99 -40.61 8.21 3.48
C LYS I 99 -40.87 9.67 3.09
N GLN I 100 -41.02 10.53 4.10
CA GLN I 100 -41.23 11.94 3.89
C GLN I 100 -40.09 12.55 3.14
N TRP I 101 -38.88 12.25 3.59
CA TRP I 101 -37.71 12.76 2.93
C TRP I 101 -37.67 12.35 1.48
N SER I 102 -38.23 11.18 1.20
CA SER I 102 -38.20 10.66 -0.14
C SER I 102 -39.18 11.45 -0.99
N ILE I 103 -40.38 11.62 -0.46
CA ILE I 103 -41.41 12.37 -1.15
C ILE I 103 -40.98 13.82 -1.37
N MET I 104 -40.28 14.35 -0.39
CA MET I 104 -39.65 15.65 -0.47
C MET I 104 -38.84 15.82 -1.78
N TYR I 105 -38.18 14.76 -2.24
CA TYR I 105 -37.43 14.81 -3.50
C TYR I 105 -38.12 14.22 -4.72
N ASN I 106 -39.39 13.84 -4.54
CA ASN I 106 -40.17 13.23 -5.60
C ASN I 106 -39.51 11.96 -6.09
N PHE I 107 -38.73 11.33 -5.23
CA PHE I 107 -38.15 10.06 -5.57
C PHE I 107 -39.24 9.05 -5.83
N HIS I 108 -40.37 9.19 -5.14
CA HIS I 108 -41.43 8.21 -5.27
C HIS I 108 -42.02 8.24 -6.65
N GLU I 109 -41.94 9.39 -7.29
CA GLU I 109 -42.47 9.53 -8.64
C GLU I 109 -41.47 9.04 -9.68
N LYS I 110 -40.20 8.94 -9.29
CA LYS I 110 -39.16 8.45 -10.19
C LYS I 110 -38.84 6.96 -10.09
N LEU I 111 -39.34 6.29 -9.06
CA LEU I 111 -39.01 4.88 -8.85
C LEU I 111 -39.68 4.04 -9.94
N LYS I 112 -38.89 3.25 -10.64
CA LYS I 112 -39.42 2.40 -11.71
C LYS I 112 -39.93 1.12 -11.11
N THR I 113 -41.20 0.81 -11.33
CA THR I 113 -41.72 -0.48 -10.89
C THR I 113 -42.52 -1.18 -11.95
N ASN I 114 -42.96 -2.40 -11.60
CA ASN I 114 -43.67 -3.30 -12.50
C ASN I 114 -45.18 -3.23 -12.30
N PHE I 115 -45.61 -2.46 -11.30
CA PHE I 115 -47.03 -2.40 -11.00
C PHE I 115 -47.43 -0.95 -10.82
N ASP I 116 -48.71 -0.72 -10.60
CA ASP I 116 -49.19 0.64 -10.65
C ASP I 116 -48.96 1.29 -9.30
N LEU I 117 -48.16 2.34 -9.30
CA LEU I 117 -47.85 3.00 -8.04
C LEU I 117 -49.00 3.95 -7.64
N LYS I 118 -49.73 4.45 -8.64
CA LYS I 118 -50.79 5.41 -8.34
C LYS I 118 -52.16 4.75 -8.11
N ASP I 119 -52.24 3.44 -8.39
CA ASP I 119 -53.47 2.71 -8.11
C ASP I 119 -53.75 2.79 -6.63
N GLU I 120 -54.92 3.30 -6.28
CA GLU I 120 -55.32 3.45 -4.88
C GLU I 120 -56.12 2.24 -4.35
N ASN I 121 -56.53 1.34 -5.24
CA ASN I 121 -57.12 0.06 -4.79
C ASN I 121 -56.10 -1.06 -4.71
N SER I 122 -54.88 -0.80 -5.19
CA SER I 122 -53.84 -1.79 -5.08
C SER I 122 -53.67 -2.06 -3.61
N ASN I 123 -53.39 -3.30 -3.26
CA ASN I 123 -53.19 -3.60 -1.87
C ASN I 123 -51.86 -3.00 -1.44
N PHE I 124 -51.14 -2.43 -2.39
CA PHE I 124 -49.90 -1.78 -2.06
C PHE I 124 -50.16 -0.55 -1.16
N GLN I 125 -51.37 0.00 -1.21
CA GLN I 125 -51.66 1.26 -0.53
C GLN I 125 -51.98 1.15 0.97
N ASN I 126 -52.37 -0.04 1.43
CA ASN I 126 -52.64 -0.20 2.86
C ASN I 126 -51.43 -0.80 3.62
N GLY I 127 -50.29 -0.94 2.95
CA GLY I 127 -49.08 -1.31 3.65
C GLY I 127 -48.23 -0.11 4.04
N LYS I 128 -46.98 -0.37 4.41
CA LYS I 128 -46.05 0.65 4.89
C LYS I 128 -45.43 1.51 3.81
N LEU I 129 -45.60 1.10 2.56
CA LEU I 129 -45.01 1.78 1.39
C LEU I 129 -43.50 1.97 1.56
N LYS I 130 -42.83 0.92 2.05
CA LYS I 130 -41.42 0.96 2.36
C LYS I 130 -40.51 1.25 1.16
N LEU I 131 -40.98 0.89 -0.02
CA LEU I 131 -40.27 1.15 -1.28
C LEU I 131 -39.82 2.59 -1.41
N TYR I 132 -40.65 3.51 -0.93
CA TYR I 132 -40.35 4.92 -1.05
C TYR I 132 -39.20 5.26 -0.13
N ALA I 133 -39.21 4.65 1.04
CA ALA I 133 -38.10 4.81 1.97
C ALA I 133 -36.82 4.21 1.41
N ASP I 134 -36.94 3.02 0.80
CA ASP I 134 -35.79 2.30 0.25
C ASP I 134 -34.99 3.14 -0.76
N VAL I 135 -35.71 3.87 -1.62
CA VAL I 135 -35.08 4.52 -2.74
C VAL I 135 -34.27 5.70 -2.22
N PHE I 136 -34.77 6.30 -1.14
CA PHE I 136 -34.06 7.40 -0.50
C PHE I 136 -32.79 6.87 0.12
N GLU I 137 -32.90 5.72 0.77
CA GLU I 137 -31.71 5.06 1.28
C GLU I 137 -30.81 4.66 0.13
N ALA I 138 -31.39 4.12 -0.95
CA ALA I 138 -30.59 3.71 -2.09
C ALA I 138 -29.84 4.90 -2.70
N TYR I 139 -30.45 6.08 -2.63
CA TYR I 139 -29.77 7.25 -3.17
C TYR I 139 -28.50 7.52 -2.38
N ILE I 140 -28.58 7.47 -1.07
CA ILE I 140 -27.41 7.65 -0.25
C ILE I 140 -26.37 6.57 -0.60
N GLY I 141 -26.83 5.33 -0.76
CA GLY I 141 -25.92 4.25 -1.08
C GLY I 141 -25.26 4.53 -2.40
N GLY I 142 -26.03 5.07 -3.33
CA GLY I 142 -25.51 5.42 -4.64
C GLY I 142 -24.39 6.42 -4.53
N LEU I 143 -24.61 7.48 -3.76
CA LEU I 143 -23.58 8.48 -3.54
C LEU I 143 -22.28 7.87 -3.03
N MET I 144 -22.37 6.91 -2.10
CA MET I 144 -21.18 6.32 -1.50
C MET I 144 -20.40 5.48 -2.48
N GLU I 145 -21.10 4.66 -3.27
CA GLU I 145 -20.41 3.75 -4.17
C GLU I 145 -19.71 4.55 -5.25
N ASP I 146 -20.26 5.72 -5.57
CA ASP I 146 -19.69 6.58 -6.61
C ASP I 146 -18.36 7.22 -6.22
N ASP I 147 -18.34 8.00 -5.13
CA ASP I 147 -17.11 8.62 -4.67
C ASP I 147 -17.06 8.70 -3.15
N PRO I 148 -16.66 7.59 -2.50
CA PRO I 148 -16.75 7.47 -1.04
C PRO I 148 -15.96 8.57 -0.30
N ARG I 149 -14.81 8.94 -0.83
CA ARG I 149 -14.00 9.97 -0.20
C ARG I 149 -14.68 11.32 -0.21
N ASN I 150 -14.99 11.78 -1.42
CA ASN I 150 -15.51 13.11 -1.60
C ASN I 150 -16.98 13.25 -1.27
N ASN I 151 -17.75 12.17 -1.43
CA ASN I 151 -19.19 12.30 -1.22
C ASN I 151 -19.62 12.08 0.23
N LEU I 152 -18.77 11.46 1.03
CA LEU I 152 -19.13 11.24 2.42
C LEU I 152 -19.28 12.57 3.20
N PRO I 153 -18.36 13.54 3.01
CA PRO I 153 -18.63 14.86 3.63
C PRO I 153 -19.90 15.53 3.12
N LYS I 154 -20.16 15.43 1.82
CA LYS I 154 -21.36 16.07 1.32
C LYS I 154 -22.60 15.38 1.87
N ILE I 155 -22.52 14.07 2.06
CA ILE I 155 -23.66 13.37 2.65
C ILE I 155 -23.92 13.93 4.06
N ARG I 156 -22.85 14.15 4.82
CA ARG I 156 -22.99 14.69 6.17
C ARG I 156 -23.70 16.03 6.17
N LYS I 157 -23.27 16.96 5.32
CA LYS I 157 -23.84 18.30 5.40
C LYS I 157 -25.29 18.25 4.96
N TRP I 158 -25.57 17.48 3.92
CA TRP I 158 -26.92 17.33 3.43
C TRP I 158 -27.88 16.77 4.50
N LEU I 159 -27.48 15.71 5.18
CA LEU I 159 -28.36 15.11 6.18
C LEU I 159 -28.45 15.94 7.46
N ARG I 160 -27.38 16.64 7.79
CA ARG I 160 -27.37 17.53 8.94
C ARG I 160 -28.46 18.59 8.75
N LYS I 161 -28.58 19.07 7.51
CA LYS I 161 -29.62 20.03 7.13
C LYS I 161 -31.00 19.37 7.20
N LEU I 162 -31.10 18.15 6.70
CA LEU I 162 -32.39 17.47 6.70
C LEU I 162 -32.88 17.20 8.09
N ALA I 163 -31.95 16.90 8.96
CA ALA I 163 -32.28 16.49 10.32
C ALA I 163 -32.69 17.64 11.22
N LYS I 164 -32.13 18.84 11.01
CA LYS I 164 -32.35 19.97 11.92
C LYS I 164 -33.81 20.19 12.33
N PRO I 165 -34.74 20.35 11.37
CA PRO I 165 -36.10 20.60 11.85
C PRO I 165 -36.65 19.43 12.65
N VAL I 166 -36.28 18.22 12.26
CA VAL I 166 -36.81 17.00 12.89
C VAL I 166 -36.28 16.85 14.32
N ILE I 167 -35.03 17.21 14.52
CA ILE I 167 -34.48 17.16 15.85
C ILE I 167 -35.17 18.21 16.71
N GLU I 168 -35.09 19.47 16.29
CA GLU I 168 -35.70 20.58 17.03
C GLU I 168 -37.17 20.39 17.34
N GLU I 169 -37.91 19.78 16.43
CA GLU I 169 -39.31 19.55 16.74
C GLU I 169 -39.41 18.48 17.82
N ALA I 170 -38.54 17.48 17.76
CA ALA I 170 -38.68 16.31 18.65
C ALA I 170 -38.20 16.54 20.08
N THR I 171 -37.20 17.39 20.28
CA THR I 171 -36.69 17.61 21.62
C THR I 171 -37.75 18.36 22.46
N ARG I 172 -38.49 19.26 21.82
CA ARG I 172 -39.48 20.08 22.53
C ARG I 172 -40.78 19.34 22.95
N ASN I 173 -41.41 18.60 22.04
CA ASN I 173 -42.70 17.95 22.32
C ASN I 173 -42.73 16.46 22.71
N GLN I 174 -41.57 15.81 22.81
CA GLN I 174 -41.58 14.38 23.15
C GLN I 174 -41.31 14.25 24.65
N VAL I 175 -42.12 13.42 25.30
CA VAL I 175 -42.10 13.32 26.75
C VAL I 175 -40.85 12.61 27.19
N ALA I 176 -40.46 11.56 26.45
CA ALA I 176 -39.31 10.72 26.80
C ALA I 176 -37.95 11.43 26.65
N LEU I 177 -37.92 12.53 25.89
CA LEU I 177 -36.65 13.21 25.59
C LEU I 177 -36.24 14.49 26.37
N GLU I 178 -37.07 15.07 27.24
CA GLU I 178 -36.56 16.32 27.86
C GLU I 178 -35.94 16.16 29.27
N LYS I 179 -35.57 17.32 29.83
CA LYS I 179 -34.62 17.46 30.92
C LYS I 179 -35.18 17.19 32.33
N THR I 180 -34.59 16.18 32.95
CA THR I 180 -34.96 15.70 34.28
C THR I 180 -34.07 16.27 35.40
N ASP I 181 -33.18 17.19 35.06
CA ASP I 181 -32.12 17.58 36.01
C ASP I 181 -32.46 18.66 37.02
N LYS I 182 -33.72 19.08 37.10
CA LYS I 182 -34.09 20.00 38.17
C LYS I 182 -34.69 19.17 39.32
N LEU I 183 -34.88 17.88 39.03
CA LEU I 183 -35.36 16.88 39.99
C LEU I 183 -34.39 16.58 41.12
N ASP I 184 -34.88 16.56 42.34
CA ASP I 184 -34.00 16.09 43.41
C ASP I 184 -34.26 14.61 43.64
N MET I 185 -33.27 13.78 43.35
CA MET I 185 -33.47 12.35 43.48
C MET I 185 -33.70 11.95 44.94
N ASN I 186 -33.42 12.88 45.83
CA ASN I 186 -33.55 12.67 47.26
C ASN I 186 -34.83 13.16 47.91
N ALA I 187 -35.76 13.67 47.12
CA ALA I 187 -36.98 14.24 47.68
C ALA I 187 -37.80 13.27 48.58
N LYS I 188 -38.14 12.07 48.11
CA LYS I 188 -38.93 11.15 48.94
C LYS I 188 -38.25 10.85 50.28
N ARG I 189 -36.94 10.74 50.24
CA ARG I 189 -36.17 10.55 51.43
C ARG I 189 -36.25 11.75 52.34
N GLN I 190 -36.02 12.92 51.76
CA GLN I 190 -36.03 14.14 52.52
C GLN I 190 -37.32 14.22 53.30
N LEU I 191 -38.38 13.82 52.63
CA LEU I 191 -39.71 13.95 53.18
C LEU I 191 -39.85 13.05 54.39
N TYR I 192 -39.41 11.81 54.25
CA TYR I 192 -39.51 10.85 55.32
C TYR I 192 -38.72 11.25 56.55
N SER I 193 -37.59 11.91 56.33
CA SER I 193 -36.78 12.35 57.43
C SER I 193 -37.62 13.30 58.26
N LEU I 194 -38.29 14.19 57.55
CA LEU I 194 -38.98 15.28 58.19
C LEU I 194 -40.29 14.87 58.85
N ILE I 195 -41.18 14.22 58.10
CA ILE I 195 -42.43 13.85 58.73
C ILE I 195 -42.60 12.37 58.96
N GLY I 196 -41.68 11.56 58.45
CA GLY I 196 -41.95 10.13 58.36
C GLY I 196 -41.74 9.28 59.59
N TYR I 197 -42.60 8.30 59.77
CA TYR I 197 -42.41 7.25 60.74
C TYR I 197 -43.28 6.06 60.38
N ALA I 198 -42.93 4.88 60.86
CA ALA I 198 -43.50 3.66 60.33
C ALA I 198 -45.03 3.57 60.39
N SER I 199 -45.63 4.05 61.47
CA SER I 199 -47.08 3.87 61.66
C SER I 199 -47.91 4.90 60.92
N LEU I 200 -47.22 5.88 60.35
CA LEU I 200 -47.90 6.87 59.55
C LEU I 200 -48.33 6.25 58.22
N ARG I 201 -47.72 5.12 57.85
CA ARG I 201 -47.96 4.46 56.56
C ARG I 201 -47.90 5.44 55.42
N LEU I 202 -46.84 6.24 55.42
CA LEU I 202 -46.63 7.21 54.38
C LEU I 202 -46.21 6.51 53.10
N HIS I 203 -47.01 6.62 52.05
CA HIS I 203 -46.75 5.85 50.84
C HIS I 203 -47.15 6.61 49.57
N TYR I 204 -46.65 6.14 48.43
CA TYR I 204 -46.97 6.76 47.15
C TYR I 204 -47.92 5.87 46.38
N VAL I 205 -48.89 6.50 45.75
CA VAL I 205 -49.88 5.78 44.96
C VAL I 205 -49.84 6.28 43.53
N THR I 206 -49.94 5.36 42.58
CA THR I 206 -50.01 5.72 41.19
C THR I 206 -51.50 5.88 40.80
N VAL I 207 -51.90 7.13 40.57
CA VAL I 207 -53.28 7.48 40.19
C VAL I 207 -53.59 7.32 38.69
N LYS I 208 -52.59 7.52 37.85
CA LYS I 208 -52.74 7.29 36.43
C LYS I 208 -51.48 6.65 35.87
N LYS I 209 -51.58 5.47 35.27
CA LYS I 209 -50.40 4.87 34.62
C LYS I 209 -50.33 5.29 33.17
N PRO I 210 -49.11 5.51 32.67
CA PRO I 210 -48.94 5.99 31.29
C PRO I 210 -49.43 4.98 30.30
N THR I 211 -50.10 5.46 29.27
CA THR I 211 -50.60 4.62 28.22
C THR I 211 -50.12 5.19 26.90
N ALA I 212 -50.25 4.40 25.83
CA ALA I 212 -49.87 4.84 24.50
C ALA I 212 -50.50 6.18 24.16
N VAL I 213 -51.78 6.31 24.48
CA VAL I 213 -52.53 7.54 24.25
C VAL I 213 -52.05 8.69 25.12
N ASP I 214 -51.77 8.40 26.39
CA ASP I 214 -51.41 9.43 27.37
C ASP I 214 -50.09 9.08 28.04
N PRO I 215 -48.96 9.50 27.42
CA PRO I 215 -47.68 9.01 27.96
C PRO I 215 -47.16 9.76 29.18
N ASN I 216 -47.98 10.01 30.18
CA ASN I 216 -47.46 10.58 31.41
C ASN I 216 -48.25 10.00 32.55
N SER I 217 -47.80 10.24 33.77
CA SER I 217 -48.37 9.56 34.91
C SER I 217 -48.62 10.51 36.08
N ILE I 218 -49.57 10.13 36.95
CA ILE I 218 -49.86 10.90 38.15
C ILE I 218 -49.71 10.04 39.39
N VAL I 219 -48.88 10.51 40.32
CA VAL I 219 -48.64 9.82 41.59
C VAL I 219 -49.00 10.69 42.79
N GLU I 220 -49.81 10.17 43.69
CA GLU I 220 -50.15 10.86 44.92
C GLU I 220 -49.35 10.35 46.11
N CYS I 221 -48.88 11.28 46.91
CA CYS I 221 -48.23 10.99 48.16
C CYS I 221 -49.29 11.05 49.25
N ARG I 222 -49.47 9.95 49.98
CA ARG I 222 -50.52 9.88 50.99
C ARG I 222 -50.05 9.27 52.31
N VAL I 223 -50.74 9.62 53.39
CA VAL I 223 -50.58 8.96 54.68
C VAL I 223 -51.72 7.95 54.93
N GLY I 224 -51.71 7.29 56.08
CA GLY I 224 -52.55 6.15 56.33
C GLY I 224 -54.04 6.41 56.29
N ASP I 225 -54.47 7.54 56.80
CA ASP I 225 -55.89 7.84 56.88
C ASP I 225 -56.40 8.27 55.51
N GLY I 226 -55.51 8.34 54.53
CA GLY I 226 -55.88 8.67 53.17
C GLY I 226 -55.50 10.07 52.71
N THR I 227 -55.14 10.96 53.63
CA THR I 227 -54.82 12.35 53.30
C THR I 227 -53.73 12.50 52.24
N VAL I 228 -53.97 13.34 51.23
CA VAL I 228 -52.99 13.62 50.18
C VAL I 228 -52.07 14.80 50.52
N LEU I 229 -50.78 14.56 50.63
CA LEU I 229 -49.87 15.65 50.96
C LEU I 229 -49.20 16.24 49.72
N GLY I 230 -49.39 15.61 48.57
CA GLY I 230 -48.73 16.08 47.38
C GLY I 230 -49.17 15.33 46.14
N THR I 231 -48.99 15.96 44.98
CA THR I 231 -49.26 15.31 43.71
C THR I 231 -48.17 15.67 42.72
N GLY I 232 -47.90 14.77 41.79
CA GLY I 232 -46.89 15.01 40.80
C GLY I 232 -47.26 14.27 39.53
N VAL I 233 -46.77 14.78 38.40
CA VAL I 233 -47.11 14.23 37.12
C VAL I 233 -45.78 14.18 36.38
N GLY I 234 -45.55 13.08 35.67
CA GLY I 234 -44.30 12.89 34.98
C GLY I 234 -44.39 11.71 34.06
N ARG I 235 -43.29 11.45 33.39
CA ARG I 235 -43.23 10.47 32.32
C ARG I 235 -43.39 9.04 32.83
N ASN I 236 -42.82 8.76 33.98
CA ASN I 236 -42.99 7.47 34.63
C ASN I 236 -43.22 7.66 36.12
N ILE I 237 -43.61 6.59 36.80
CA ILE I 237 -43.91 6.65 38.22
C ILE I 237 -42.74 7.16 39.05
N LYS I 238 -41.51 6.90 38.62
CA LYS I 238 -40.39 7.39 39.40
C LYS I 238 -40.40 8.91 39.41
N ILE I 239 -40.49 9.51 38.22
CA ILE I 239 -40.50 10.97 38.09
C ILE I 239 -41.68 11.64 38.78
N ALA I 240 -42.87 11.07 38.61
CA ALA I 240 -44.08 11.61 39.21
C ALA I 240 -43.96 11.64 40.70
N GLY I 241 -43.45 10.55 41.26
CA GLY I 241 -43.30 10.42 42.69
C GLY I 241 -42.36 11.46 43.24
N ILE I 242 -41.31 11.73 42.49
CA ILE I 242 -40.34 12.72 42.89
C ILE I 242 -41.02 14.08 42.94
N ARG I 243 -41.92 14.34 42.01
CA ARG I 243 -42.60 15.62 41.96
C ARG I 243 -43.71 15.70 42.99
N ALA I 244 -44.37 14.58 43.27
CA ALA I 244 -45.31 14.52 44.38
C ALA I 244 -44.57 14.85 45.68
N ALA I 245 -43.39 14.25 45.85
CA ALA I 245 -42.58 14.53 47.01
C ALA I 245 -42.21 16.00 47.11
N GLU I 246 -41.72 16.54 45.99
CA GLU I 246 -41.29 17.94 45.93
C GLU I 246 -42.47 18.86 46.17
N ASN I 247 -43.65 18.44 45.76
CA ASN I 247 -44.85 19.19 46.08
C ASN I 247 -45.06 19.28 47.60
N ALA I 248 -45.03 18.13 48.26
CA ALA I 248 -45.25 18.05 49.70
C ALA I 248 -44.21 18.85 50.48
N LEU I 249 -42.99 18.89 49.98
CA LEU I 249 -41.90 19.57 50.66
C LEU I 249 -42.11 21.09 50.64
N ARG I 250 -42.97 21.55 49.74
CA ARG I 250 -43.26 22.98 49.63
C ARG I 250 -44.36 23.43 50.55
N ASP I 251 -45.18 22.50 51.06
CA ASP I 251 -46.26 22.98 51.91
C ASP I 251 -45.74 22.96 53.34
N LYS I 252 -45.25 24.09 53.83
CA LYS I 252 -44.46 24.00 55.06
C LYS I 252 -45.32 23.98 56.30
N LYS I 253 -46.54 24.48 56.19
CA LYS I 253 -47.44 24.48 57.34
C LYS I 253 -47.78 23.02 57.62
N MET I 254 -47.96 22.27 56.54
CA MET I 254 -48.31 20.85 56.60
C MET I 254 -47.17 20.01 57.15
N LEU I 255 -45.96 20.28 56.68
CA LEU I 255 -44.77 19.59 57.16
C LEU I 255 -44.56 19.79 58.67
N ASP I 256 -44.59 21.05 59.10
CA ASP I 256 -44.45 21.36 60.51
C ASP I 256 -45.55 20.69 61.31
N PHE I 257 -46.73 20.59 60.73
CA PHE I 257 -47.82 19.93 61.42
C PHE I 257 -47.48 18.49 61.68
N TYR I 258 -47.05 17.81 60.61
CA TYR I 258 -46.79 16.39 60.69
C TYR I 258 -45.51 16.12 61.43
N ALA I 259 -44.57 17.05 61.36
CA ALA I 259 -43.34 16.90 62.11
C ALA I 259 -43.66 16.86 63.61
N LYS I 260 -44.45 17.82 64.06
CA LYS I 260 -44.94 17.84 65.44
C LYS I 260 -45.73 16.60 65.83
N GLN I 261 -46.54 16.10 64.90
CA GLN I 261 -47.38 14.96 65.22
C GLN I 261 -46.50 13.76 65.58
N ARG I 262 -45.46 13.54 64.77
CA ARG I 262 -44.50 12.48 65.02
C ARG I 262 -43.95 12.62 66.42
N ALA I 263 -43.50 13.84 66.74
CA ALA I 263 -42.86 14.11 68.02
C ALA I 263 -43.76 13.74 69.19
N ALA I 264 -45.08 13.77 69.00
CA ALA I 264 -46.01 13.55 70.10
C ALA I 264 -46.31 12.07 70.33
N ILE I 265 -45.89 11.23 69.38
CA ILE I 265 -46.21 9.80 69.42
C ILE I 265 -45.09 8.96 70.09
N PRO I 266 -45.48 8.03 70.98
CA PRO I 266 -44.49 7.16 71.65
C PRO I 266 -43.80 6.29 70.64
N ARG I 267 -42.49 6.15 70.74
CA ARG I 267 -41.80 5.28 69.81
C ARG I 267 -42.19 3.82 69.99
N SER I 268 -42.82 3.50 71.11
CA SER I 268 -43.48 2.21 71.26
C SER I 268 -44.42 1.92 70.09
N GLU I 269 -45.40 2.80 69.80
CA GLU I 269 -46.24 2.65 68.59
C GLU I 269 -45.63 3.17 67.30
N SER I 270 -44.88 4.26 67.39
CA SER I 270 -44.31 4.93 66.22
C SER I 270 -43.65 3.99 65.21
N VAL I 271 -42.99 2.97 65.72
CA VAL I 271 -42.11 2.18 64.90
C VAL I 271 -42.75 0.91 64.29
N LEU I 272 -44.07 0.75 64.49
CA LEU I 272 -44.80 -0.39 63.95
C LEU I 272 -45.73 0.06 62.83
N LYS I 273 -45.98 -0.77 61.83
CA LYS I 273 -46.91 -0.39 60.77
C LYS I 273 -48.37 -0.51 61.16
N ASP I 274 -48.68 -1.48 62.02
CA ASP I 274 -50.07 -1.69 62.43
C ASP I 274 -50.13 -1.91 63.92
N PRO I 275 -50.10 -0.86 64.73
CA PRO I 275 -50.06 -1.18 66.16
C PRO I 275 -51.33 -1.93 66.64
N SER I 276 -51.51 -3.17 66.15
CA SER I 276 -52.70 -3.98 66.43
C SER I 276 -52.36 -5.38 66.99
N ASP J 2 2.32 -19.08 11.87
CA ASP J 2 2.05 -19.84 10.68
C ASP J 2 1.74 -21.21 11.22
N PRO J 3 1.55 -22.21 10.40
CA PRO J 3 1.15 -23.49 11.02
C PRO J 3 1.72 -23.86 12.37
N THR J 4 0.84 -24.23 13.30
CA THR J 4 1.28 -24.69 14.59
C THR J 4 1.27 -26.22 14.49
N LYS J 5 0.63 -26.72 13.43
CA LYS J 5 0.65 -28.14 13.06
C LYS J 5 2.10 -28.51 12.70
N ALA J 6 2.86 -27.50 12.23
CA ALA J 6 4.19 -27.68 11.65
C ALA J 6 5.28 -27.63 12.72
N GLY J 7 6.53 -27.39 12.31
CA GLY J 7 7.64 -27.66 13.21
C GLY J 7 7.96 -26.63 14.27
N ASP J 8 7.39 -25.43 14.21
CA ASP J 8 7.54 -24.53 15.38
C ASP J 8 6.24 -24.39 16.18
N ILE J 9 6.22 -25.21 17.25
CA ILE J 9 5.12 -25.30 18.20
C ILE J 9 5.44 -24.18 19.16
N VAL J 10 4.52 -23.93 20.09
CA VAL J 10 4.68 -23.05 21.26
C VAL J 10 5.45 -21.73 20.93
N LYS J 11 5.30 -21.22 19.70
CA LYS J 11 5.96 -19.98 19.31
C LYS J 11 4.90 -18.92 19.57
N ALA J 12 5.34 -17.75 20.00
CA ALA J 12 4.43 -16.66 20.30
C ALA J 12 3.59 -16.33 19.08
N THR J 13 2.31 -16.03 19.34
CA THR J 13 1.37 -15.74 18.27
C THR J 13 1.30 -14.20 18.05
N LYS J 14 1.10 -13.82 16.79
CA LYS J 14 0.94 -12.43 16.33
C LYS J 14 -0.53 -12.02 16.54
N TRP J 15 -1.26 -12.88 17.25
CA TRP J 15 -2.69 -12.76 17.50
C TRP J 15 -2.97 -12.51 18.97
N PRO J 16 -3.97 -11.68 19.27
CA PRO J 16 -4.86 -10.83 18.45
C PRO J 16 -4.17 -9.57 17.89
N PRO J 17 -4.74 -8.96 16.82
CA PRO J 17 -4.16 -7.77 16.19
C PRO J 17 -3.92 -6.67 17.19
N LYS J 18 -2.86 -5.89 17.01
CA LYS J 18 -2.48 -4.92 18.02
C LYS J 18 -3.61 -3.91 18.18
N LEU J 19 -4.03 -3.74 19.42
CA LEU J 19 -5.11 -2.84 19.74
C LEU J 19 -4.66 -1.42 19.48
N PRO J 20 -5.48 -0.65 18.74
CA PRO J 20 -5.24 0.79 18.59
C PRO J 20 -5.34 1.48 19.94
N GLU J 21 -4.61 2.56 20.15
CA GLU J 21 -4.60 3.14 21.48
C GLU J 21 -5.28 4.48 21.64
N ILE J 22 -5.97 4.58 22.76
CA ILE J 22 -6.66 5.79 23.16
C ILE J 22 -5.69 6.62 23.95
N GLN J 23 -5.30 7.78 23.44
CA GLN J 23 -4.22 8.49 24.10
C GLN J 23 -4.74 9.29 25.31
N ASP J 24 -6.03 9.59 25.31
CA ASP J 24 -6.61 10.36 26.41
C ASP J 24 -7.04 9.42 27.52
N LEU J 25 -6.34 9.53 28.65
CA LEU J 25 -6.56 8.65 29.77
C LEU J 25 -7.96 8.85 30.35
N ALA J 26 -8.44 10.08 30.26
CA ALA J 26 -9.78 10.37 30.73
C ALA J 26 -10.77 9.43 30.06
N ILE J 27 -10.62 9.29 28.75
CA ILE J 27 -11.49 8.47 27.95
C ILE J 27 -11.18 7.00 28.08
N ARG J 28 -9.90 6.67 28.11
CA ARG J 28 -9.48 5.28 28.22
C ARG J 28 -10.09 4.66 29.47
N ALA J 29 -10.13 5.45 30.55
CA ALA J 29 -10.64 4.99 31.82
C ALA J 29 -12.13 4.75 31.75
N ARG J 30 -12.85 5.67 31.12
CA ARG J 30 -14.29 5.63 31.13
C ARG J 30 -14.81 4.38 30.46
N VAL J 31 -14.07 3.92 29.46
CA VAL J 31 -14.49 2.76 28.67
C VAL J 31 -14.84 1.58 29.53
N PHE J 32 -14.09 1.45 30.62
CA PHE J 32 -14.12 0.27 31.48
C PHE J 32 -14.96 0.43 32.71
N ILE J 33 -15.67 1.55 32.81
CA ILE J 33 -16.45 1.78 34.00
C ILE J 33 -17.91 1.46 33.74
N HIS J 34 -18.38 0.38 34.33
CA HIS J 34 -19.76 -0.02 34.22
C HIS J 34 -20.58 0.85 35.16
N LYS J 35 -21.87 0.97 34.85
CA LYS J 35 -22.70 1.95 35.49
C LYS J 35 -23.00 1.59 36.94
N SER J 36 -22.94 0.32 37.30
CA SER J 36 -23.23 -0.14 38.67
C SER J 36 -22.23 0.46 39.64
N THR J 37 -21.07 0.81 39.09
CA THR J 37 -20.02 1.56 39.78
C THR J 37 -20.37 3.03 40.00
N ILE J 38 -21.31 3.55 39.21
CA ILE J 38 -21.58 4.99 39.16
C ILE J 38 -22.94 5.43 39.73
N LYS J 39 -24.02 4.91 39.16
CA LYS J 39 -25.37 5.34 39.49
C LYS J 39 -25.84 5.15 40.94
N ASP J 40 -25.08 4.41 41.74
CA ASP J 40 -25.48 4.25 43.14
C ASP J 40 -24.86 5.36 43.99
N LYS J 41 -24.18 6.30 43.36
CA LYS J 41 -23.57 7.38 44.11
C LYS J 41 -24.55 8.50 44.21
N VAL J 42 -25.10 8.69 45.40
CA VAL J 42 -26.22 9.60 45.61
C VAL J 42 -25.80 11.08 45.50
N TYR J 43 -24.51 11.36 45.58
CA TYR J 43 -24.02 12.74 45.53
C TYR J 43 -23.67 13.23 44.13
N LEU J 44 -23.98 12.41 43.13
CA LEU J 44 -23.75 12.78 41.73
C LEU J 44 -25.06 13.19 41.06
N SER J 45 -24.99 14.23 40.25
CA SER J 45 -26.12 14.61 39.41
C SER J 45 -26.25 13.63 38.26
N GLY J 46 -27.45 13.50 37.69
CA GLY J 46 -27.67 12.58 36.60
C GLY J 46 -26.73 12.82 35.44
N SER J 47 -26.40 14.08 35.22
CA SER J 47 -25.49 14.42 34.15
C SER J 47 -24.13 13.82 34.44
N GLU J 48 -23.71 13.92 35.70
CA GLU J 48 -22.38 13.44 36.04
C GLU J 48 -22.28 11.94 35.92
N MET J 49 -23.37 11.25 36.17
CA MET J 49 -23.38 9.80 36.05
C MET J 49 -23.09 9.42 34.61
N ILE J 50 -23.83 10.06 33.70
CA ILE J 50 -23.68 9.84 32.27
C ILE J 50 -22.27 10.10 31.77
N ASN J 51 -21.56 11.07 32.34
CA ASN J 51 -20.23 11.39 31.84
C ASN J 51 -19.16 10.52 32.46
N ALA J 52 -19.59 9.64 33.37
CA ALA J 52 -18.70 8.78 34.14
C ALA J 52 -18.61 7.38 33.56
N HIS J 53 -19.72 6.65 33.47
CA HIS J 53 -19.67 5.28 33.00
C HIS J 53 -19.66 5.19 31.46
N ASN J 54 -19.70 3.98 30.92
CA ASN J 54 -19.43 3.74 29.50
C ASN J 54 -20.64 3.67 28.57
N GLU J 55 -21.85 3.97 29.03
CA GLU J 55 -22.99 3.68 28.17
C GLU J 55 -23.07 4.54 26.91
N ARG J 56 -22.67 5.80 27.00
CA ARG J 56 -22.63 6.65 25.81
C ARG J 56 -21.59 6.15 24.83
N LEU J 57 -20.52 5.55 25.35
CA LEU J 57 -19.44 5.08 24.50
C LEU J 57 -19.82 3.79 23.81
N GLU J 58 -20.59 2.96 24.50
CA GLU J 58 -21.01 1.74 23.88
C GLU J 58 -21.89 2.09 22.71
N PHE J 59 -22.80 3.03 22.92
CA PHE J 59 -23.69 3.50 21.87
C PHE J 59 -22.96 4.00 20.60
N LEU J 60 -22.01 4.90 20.78
CA LEU J 60 -21.19 5.37 19.66
C LEU J 60 -20.47 4.22 18.94
N GLY J 61 -19.83 3.34 19.70
CA GLY J 61 -19.07 2.23 19.18
C GLY J 61 -19.88 1.22 18.40
N ASP J 62 -21.03 0.84 18.94
CA ASP J 62 -21.91 -0.07 18.26
C ASP J 62 -22.27 0.45 16.86
N SER J 63 -22.43 1.76 16.74
CA SER J 63 -22.71 2.35 15.43
C SER J 63 -21.50 2.24 14.52
N ILE J 64 -20.32 2.61 15.04
CA ILE J 64 -19.10 2.49 14.26
C ILE J 64 -18.76 1.04 13.89
N LEU J 65 -19.02 0.13 14.83
CA LEU J 65 -18.80 -1.28 14.55
C LEU J 65 -19.62 -1.75 13.36
N ASN J 66 -20.91 -1.46 13.37
CA ASN J 66 -21.80 -1.88 12.28
C ASN J 66 -21.49 -1.27 10.93
N SER J 67 -21.13 0.02 10.97
CA SER J 67 -20.73 0.75 9.79
C SER J 67 -19.52 0.16 9.08
N VAL J 68 -18.48 -0.12 9.85
CA VAL J 68 -17.23 -0.60 9.30
C VAL J 68 -17.37 -2.02 8.79
N MET J 69 -18.07 -2.86 9.53
CA MET J 69 -18.34 -4.21 9.06
C MET J 69 -19.13 -4.16 7.77
N THR J 70 -20.08 -3.24 7.71
CA THR J 70 -20.96 -3.16 6.56
C THR J 70 -20.19 -2.72 5.31
N LEU J 71 -19.39 -1.66 5.39
CA LEU J 71 -18.53 -1.33 4.26
C LEU J 71 -17.63 -2.52 3.87
N ILE J 72 -17.00 -3.15 4.86
CA ILE J 72 -16.05 -4.23 4.62
C ILE J 72 -16.61 -5.34 3.73
N ILE J 73 -17.73 -5.92 4.15
CA ILE J 73 -18.29 -7.01 3.39
C ILE J 73 -18.96 -6.53 2.10
N TYR J 74 -19.42 -5.28 2.07
CA TYR J 74 -20.03 -4.74 0.87
C TYR J 74 -19.03 -4.74 -0.27
N ASN J 75 -17.82 -4.26 0.01
CA ASN J 75 -16.74 -4.25 -0.96
C ASN J 75 -16.25 -5.65 -1.28
N LYS J 76 -16.17 -6.51 -0.26
CA LYS J 76 -15.49 -7.78 -0.39
C LYS J 76 -16.32 -8.80 -1.15
N PHE J 77 -17.63 -8.59 -1.17
CA PHE J 77 -18.51 -9.50 -1.88
C PHE J 77 -19.43 -8.74 -2.82
N PRO J 78 -18.87 -8.20 -3.92
CA PRO J 78 -19.59 -7.32 -4.85
C PRO J 78 -20.84 -7.95 -5.43
N ASP J 79 -20.88 -9.26 -5.58
CA ASP J 79 -22.08 -9.92 -6.12
C ASP J 79 -23.02 -10.51 -5.08
N TYR J 80 -22.74 -10.34 -3.80
CA TYR J 80 -23.67 -10.80 -2.76
C TYR J 80 -24.96 -9.97 -2.76
N SER J 81 -26.10 -10.65 -2.62
CA SER J 81 -27.37 -9.97 -2.51
C SER J 81 -27.50 -9.34 -1.15
N GLU J 82 -28.60 -8.63 -0.90
CA GLU J 82 -28.75 -7.96 0.38
C GLU J 82 -29.03 -8.94 1.53
N GLY J 83 -29.74 -10.03 1.24
CA GLY J 83 -30.08 -10.98 2.27
C GLY J 83 -28.80 -11.69 2.67
N GLN J 84 -27.96 -11.92 1.69
CA GLN J 84 -26.69 -12.57 1.93
C GLN J 84 -25.84 -11.65 2.79
N LEU J 85 -25.76 -10.39 2.39
CA LEU J 85 -25.04 -9.38 3.15
C LEU J 85 -25.53 -9.17 4.59
N SER J 86 -26.83 -9.07 4.81
CA SER J 86 -27.30 -8.82 6.16
C SER J 86 -27.05 -10.06 7.01
N THR J 87 -27.27 -11.24 6.42
CA THR J 87 -27.05 -12.49 7.13
C THR J 87 -25.58 -12.66 7.51
N LEU J 88 -24.68 -12.37 6.58
CA LEU J 88 -23.27 -12.37 6.89
C LEU J 88 -22.96 -11.34 7.96
N ARG J 89 -23.60 -10.20 7.88
CA ARG J 89 -23.31 -9.16 8.84
C ARG J 89 -23.70 -9.61 10.25
N MET J 90 -24.75 -10.41 10.38
CA MET J 90 -25.21 -10.79 11.69
C MET J 90 -24.15 -11.59 12.45
N ASN J 91 -23.44 -12.46 11.75
CA ASN J 91 -22.37 -13.22 12.37
C ASN J 91 -21.29 -12.32 12.91
N LEU J 92 -21.04 -11.20 12.25
CA LEU J 92 -19.91 -10.36 12.63
C LEU J 92 -20.20 -9.46 13.82
N VAL J 93 -21.42 -8.95 13.89
CA VAL J 93 -21.80 -8.02 14.94
C VAL J 93 -22.59 -8.64 16.08
N SER J 94 -22.71 -9.97 16.12
CA SER J 94 -23.57 -10.64 17.10
C SER J 94 -23.07 -10.46 18.53
N ASN J 95 -23.95 -10.73 19.50
CA ASN J 95 -23.52 -10.69 20.90
C ASN J 95 -22.39 -11.68 21.15
N GLU J 96 -22.66 -12.93 20.79
CA GLU J 96 -21.69 -13.99 21.00
C GLU J 96 -20.36 -13.63 20.36
N GLN J 97 -20.38 -13.08 19.16
CA GLN J 97 -19.10 -12.80 18.51
C GLN J 97 -18.35 -11.65 19.16
N ILE J 98 -19.04 -10.57 19.48
CA ILE J 98 -18.37 -9.41 20.07
C ILE J 98 -17.86 -9.81 21.44
N LYS J 99 -18.65 -10.61 22.14
CA LYS J 99 -18.24 -11.15 23.42
C LYS J 99 -16.86 -11.84 23.28
N GLN J 100 -16.72 -12.65 22.24
CA GLN J 100 -15.47 -13.34 22.00
C GLN J 100 -14.31 -12.39 21.76
N TRP J 101 -14.53 -11.40 20.91
CA TRP J 101 -13.50 -10.41 20.65
C TRP J 101 -13.08 -9.69 21.92
N SER J 102 -14.03 -9.59 22.85
CA SER J 102 -13.81 -8.83 24.06
C SER J 102 -12.88 -9.60 25.01
N ILE J 103 -13.16 -10.89 25.18
CA ILE J 103 -12.36 -11.80 26.00
C ILE J 103 -10.94 -11.95 25.46
N MET J 104 -10.86 -11.95 24.14
CA MET J 104 -9.61 -11.97 23.41
C MET J 104 -8.63 -10.94 23.93
N TYR J 105 -9.15 -9.76 24.27
CA TYR J 105 -8.35 -8.68 24.82
C TYR J 105 -8.41 -8.56 26.34
N ASN J 106 -9.08 -9.52 26.97
CA ASN J 106 -9.23 -9.54 28.42
C ASN J 106 -9.97 -8.32 28.96
N PHE J 107 -10.83 -7.74 28.12
CA PHE J 107 -11.67 -6.63 28.55
C PHE J 107 -12.57 -7.01 29.72
N HIS J 108 -12.92 -8.28 29.80
CA HIS J 108 -13.79 -8.75 30.84
C HIS J 108 -13.12 -8.76 32.16
N GLU J 109 -11.82 -8.90 32.15
CA GLU J 109 -11.05 -8.84 33.38
C GLU J 109 -10.69 -7.40 33.75
N LYS J 110 -10.78 -6.49 32.80
CA LYS J 110 -10.50 -5.08 33.07
C LYS J 110 -11.74 -4.25 33.43
N LEU J 111 -12.91 -4.82 33.22
CA LEU J 111 -14.15 -4.09 33.42
C LEU J 111 -14.42 -3.84 34.89
N LYS J 112 -14.61 -2.58 35.25
CA LYS J 112 -14.90 -2.23 36.63
C LYS J 112 -16.39 -2.28 36.89
N THR J 113 -16.83 -3.12 37.82
CA THR J 113 -18.24 -3.19 38.21
C THR J 113 -18.47 -3.23 39.70
N ASN J 114 -19.75 -3.25 40.07
CA ASN J 114 -20.22 -3.15 41.45
C ASN J 114 -20.56 -4.50 42.06
N PHE J 115 -20.48 -5.55 41.26
CA PHE J 115 -20.84 -6.87 41.75
C PHE J 115 -19.83 -7.89 41.30
N ASP J 116 -20.01 -9.14 41.74
CA ASP J 116 -19.02 -10.16 41.50
C ASP J 116 -19.19 -10.73 40.10
N LEU J 117 -18.16 -10.56 39.27
CA LEU J 117 -18.19 -11.03 37.90
C LEU J 117 -17.91 -12.53 37.84
N LYS J 118 -17.14 -13.03 38.82
CA LYS J 118 -16.73 -14.44 38.86
C LYS J 118 -17.61 -15.39 39.71
N ASP J 119 -18.54 -14.83 40.48
CA ASP J 119 -19.48 -15.66 41.22
C ASP J 119 -20.26 -16.48 40.20
N GLU J 120 -20.21 -17.80 40.29
CA GLU J 120 -20.87 -18.63 39.29
C GLU J 120 -22.31 -18.99 39.71
N ASN J 121 -22.70 -18.64 40.93
CA ASN J 121 -24.10 -18.80 41.32
C ASN J 121 -24.89 -17.52 41.08
N SER J 122 -24.17 -16.46 40.74
CA SER J 122 -24.77 -15.16 40.44
C SER J 122 -25.73 -15.33 39.26
N ASN J 123 -26.84 -14.62 39.27
CA ASN J 123 -27.79 -14.75 38.17
C ASN J 123 -27.25 -14.08 36.92
N PHE J 124 -26.11 -13.41 37.07
CA PHE J 124 -25.38 -12.82 35.94
C PHE J 124 -24.83 -13.94 35.03
N GLN J 125 -24.70 -15.14 35.57
CA GLN J 125 -24.09 -16.24 34.80
C GLN J 125 -25.05 -17.00 33.87
N ASN J 126 -26.36 -16.93 34.11
CA ASN J 126 -27.28 -17.63 33.22
C ASN J 126 -27.92 -16.71 32.15
N GLY J 127 -27.44 -15.48 32.06
CA GLY J 127 -27.82 -14.56 30.98
C GLY J 127 -26.89 -14.48 29.75
N LYS J 128 -27.01 -13.39 28.99
CA LYS J 128 -26.21 -13.17 27.79
C LYS J 128 -24.79 -12.62 28.05
N LEU J 129 -24.57 -12.14 29.27
CA LEU J 129 -23.32 -11.48 29.65
C LEU J 129 -23.01 -10.38 28.65
N LYS J 130 -24.05 -9.61 28.31
CA LYS J 130 -23.94 -8.55 27.30
C LYS J 130 -22.95 -7.46 27.69
N LEU J 131 -22.71 -7.31 28.98
CA LEU J 131 -21.72 -6.39 29.48
C LEU J 131 -20.36 -6.56 28.80
N TYR J 132 -19.99 -7.78 28.46
CA TYR J 132 -18.70 -8.07 27.86
C TYR J 132 -18.63 -7.56 26.43
N ALA J 133 -19.73 -7.72 25.69
CA ALA J 133 -19.82 -7.10 24.38
C ALA J 133 -19.80 -5.57 24.52
N ASP J 134 -20.54 -5.05 25.49
CA ASP J 134 -20.66 -3.60 25.64
C ASP J 134 -19.30 -2.94 25.80
N VAL J 135 -18.40 -3.57 26.55
CA VAL J 135 -17.14 -2.94 26.93
C VAL J 135 -16.29 -2.89 25.68
N PHE J 136 -16.47 -3.90 24.82
CA PHE J 136 -15.74 -3.91 23.57
C PHE J 136 -16.20 -2.81 22.63
N GLU J 137 -17.51 -2.65 22.51
CA GLU J 137 -18.06 -1.58 21.69
C GLU J 137 -17.61 -0.24 22.25
N ALA J 138 -17.61 -0.15 23.58
CA ALA J 138 -17.21 1.07 24.24
C ALA J 138 -15.76 1.47 23.95
N TYR J 139 -14.87 0.52 23.76
CA TYR J 139 -13.49 0.84 23.41
C TYR J 139 -13.43 1.52 22.06
N ILE J 140 -14.20 0.97 21.11
CA ILE J 140 -14.30 1.55 19.78
C ILE J 140 -14.78 2.96 19.91
N GLY J 141 -15.79 3.16 20.76
CA GLY J 141 -16.31 4.49 21.00
C GLY J 141 -15.25 5.37 21.61
N GLY J 142 -14.45 4.80 22.51
CA GLY J 142 -13.38 5.53 23.13
C GLY J 142 -12.41 6.05 22.09
N LEU J 143 -12.02 5.18 21.17
CA LEU J 143 -11.14 5.60 20.09
C LEU J 143 -11.70 6.76 19.28
N MET J 144 -12.99 6.69 18.99
CA MET J 144 -13.64 7.68 18.16
C MET J 144 -13.78 9.03 18.85
N GLU J 145 -14.17 9.02 20.11
CA GLU J 145 -14.37 10.29 20.78
C GLU J 145 -13.00 10.93 20.99
N ASP J 146 -11.95 10.12 21.10
CA ASP J 146 -10.63 10.67 21.36
C ASP J 146 -10.10 11.43 20.15
N ASP J 147 -10.02 10.76 19.00
CA ASP J 147 -9.54 11.40 17.77
C ASP J 147 -10.26 10.84 16.53
N PRO J 148 -11.49 11.34 16.27
CA PRO J 148 -12.40 10.79 15.26
C PRO J 148 -11.85 10.78 13.83
N ARG J 149 -11.15 11.84 13.45
CA ARG J 149 -10.54 11.88 12.13
C ARG J 149 -9.40 10.88 12.02
N ASN J 150 -8.44 10.95 12.94
CA ASN J 150 -7.25 10.11 12.81
C ASN J 150 -7.46 8.65 13.18
N ASN J 151 -8.42 8.38 14.06
CA ASN J 151 -8.65 7.01 14.52
C ASN J 151 -9.65 6.16 13.72
N LEU J 152 -10.47 6.77 12.86
CA LEU J 152 -11.38 5.95 12.04
C LEU J 152 -10.62 5.01 11.08
N PRO J 153 -9.60 5.54 10.37
CA PRO J 153 -8.81 4.59 9.56
C PRO J 153 -8.13 3.50 10.38
N LYS J 154 -7.61 3.81 11.56
CA LYS J 154 -6.92 2.79 12.35
C LYS J 154 -7.91 1.72 12.79
N ILE J 155 -9.13 2.15 13.11
CA ILE J 155 -10.24 1.25 13.39
C ILE J 155 -10.62 0.40 12.15
N ARG J 156 -10.64 1.03 10.96
CA ARG J 156 -10.91 0.30 9.72
C ARG J 156 -9.92 -0.84 9.61
N LYS J 157 -8.65 -0.52 9.79
CA LYS J 157 -7.59 -1.49 9.54
C LYS J 157 -7.70 -2.58 10.56
N TRP J 158 -7.85 -2.16 11.82
CA TRP J 158 -7.92 -3.08 12.95
C TRP J 158 -9.07 -4.08 12.86
N LEU J 159 -10.26 -3.60 12.53
CA LEU J 159 -11.41 -4.48 12.45
C LEU J 159 -11.36 -5.37 11.21
N ARG J 160 -10.73 -4.86 10.15
CA ARG J 160 -10.57 -5.62 8.91
C ARG J 160 -9.82 -6.92 9.25
N LYS J 161 -8.83 -6.81 10.13
CA LYS J 161 -8.09 -7.98 10.62
C LYS J 161 -8.93 -8.92 11.48
N LEU J 162 -9.73 -8.39 12.39
CA LEU J 162 -10.54 -9.22 13.28
C LEU J 162 -11.62 -9.96 12.51
N ALA J 163 -12.16 -9.29 11.51
CA ALA J 163 -13.28 -9.84 10.76
C ALA J 163 -12.87 -10.96 9.80
N LYS J 164 -11.65 -10.85 9.28
CA LYS J 164 -11.18 -11.75 8.24
C LYS J 164 -11.42 -13.23 8.58
N PRO J 165 -10.93 -13.72 9.74
CA PRO J 165 -11.20 -15.14 10.03
C PRO J 165 -12.67 -15.48 10.20
N VAL J 166 -13.44 -14.56 10.75
CA VAL J 166 -14.83 -14.87 11.03
C VAL J 166 -15.58 -14.99 9.71
N ILE J 167 -15.21 -14.15 8.75
CA ILE J 167 -15.78 -14.15 7.42
C ILE J 167 -15.40 -15.39 6.63
N GLU J 168 -14.09 -15.65 6.51
CA GLU J 168 -13.56 -16.81 5.75
C GLU J 168 -14.29 -18.09 6.17
N GLU J 169 -14.54 -18.20 7.46
CA GLU J 169 -15.17 -19.37 8.02
C GLU J 169 -16.65 -19.43 7.63
N ALA J 170 -17.32 -18.28 7.55
CA ALA J 170 -18.76 -18.31 7.27
C ALA J 170 -19.04 -18.52 5.77
N THR J 171 -18.18 -18.00 4.91
CA THR J 171 -18.45 -18.07 3.50
C THR J 171 -18.34 -19.48 2.87
N ARG J 172 -17.40 -20.29 3.31
CA ARG J 172 -17.32 -21.66 2.81
C ARG J 172 -18.38 -22.55 3.49
N ASN J 173 -18.51 -22.38 4.82
CA ASN J 173 -19.33 -23.23 5.71
C ASN J 173 -20.79 -22.85 6.06
N GLN J 174 -21.34 -21.80 5.47
CA GLN J 174 -22.72 -21.43 5.82
C GLN J 174 -23.76 -22.04 4.91
N VAL J 175 -24.91 -22.38 5.50
CA VAL J 175 -26.07 -22.96 4.81
C VAL J 175 -26.94 -21.89 4.10
N LYS J 182 -24.80 -22.57 -10.60
CA LYS J 182 -24.82 -23.80 -11.41
C LYS J 182 -26.28 -24.18 -11.58
N LEU J 183 -27.11 -23.67 -10.66
CA LEU J 183 -28.54 -23.90 -10.65
C LEU J 183 -29.26 -23.39 -11.89
N ASP J 184 -30.07 -24.25 -12.50
CA ASP J 184 -30.95 -23.89 -13.60
C ASP J 184 -32.35 -23.54 -13.14
N MET J 185 -32.69 -22.26 -13.23
CA MET J 185 -34.01 -21.79 -12.80
C MET J 185 -35.12 -22.27 -13.74
N ASN J 186 -34.74 -22.79 -14.90
CA ASN J 186 -35.71 -23.28 -15.87
C ASN J 186 -35.97 -24.78 -15.90
N ALA J 187 -35.37 -25.51 -14.97
CA ALA J 187 -35.44 -26.96 -14.99
C ALA J 187 -36.87 -27.52 -15.01
N LYS J 188 -37.71 -27.10 -14.06
CA LYS J 188 -39.06 -27.64 -14.01
C LYS J 188 -39.82 -27.40 -15.30
N ARG J 189 -39.58 -26.25 -15.91
CA ARG J 189 -40.14 -25.90 -17.20
C ARG J 189 -39.59 -26.81 -18.28
N GLN J 190 -38.27 -26.94 -18.29
CA GLN J 190 -37.59 -27.74 -19.29
C GLN J 190 -38.19 -29.14 -19.33
N LEU J 191 -38.36 -29.71 -18.15
CA LEU J 191 -38.84 -31.07 -18.00
C LEU J 191 -40.23 -31.16 -18.55
N TYR J 192 -41.07 -30.23 -18.13
CA TYR J 192 -42.45 -30.22 -18.60
C TYR J 192 -42.54 -30.09 -20.12
N SER J 193 -41.62 -29.33 -20.71
CA SER J 193 -41.61 -29.21 -22.14
C SER J 193 -41.33 -30.55 -22.73
N LEU J 194 -40.40 -31.27 -22.11
CA LEU J 194 -39.95 -32.52 -22.69
C LEU J 194 -40.98 -33.64 -22.52
N ILE J 195 -41.43 -33.93 -21.31
CA ILE J 195 -42.40 -34.99 -21.14
C ILE J 195 -43.83 -34.63 -20.76
N GLY J 196 -44.09 -33.36 -20.47
CA GLY J 196 -45.33 -32.98 -19.78
C GLY J 196 -46.60 -32.88 -20.58
N TYR J 197 -47.71 -33.27 -19.97
CA TYR J 197 -49.05 -33.00 -20.49
C TYR J 197 -50.05 -33.08 -19.35
N ALA J 198 -51.18 -32.42 -19.51
CA ALA J 198 -52.11 -32.14 -18.42
C ALA J 198 -52.61 -33.38 -17.67
N SER J 199 -52.84 -34.48 -18.38
CA SER J 199 -53.38 -35.67 -17.71
C SER J 199 -52.27 -36.53 -17.08
N LEU J 200 -51.01 -36.19 -17.34
CA LEU J 200 -49.90 -36.90 -16.74
C LEU J 200 -49.86 -36.58 -15.26
N ARG J 201 -50.52 -35.49 -14.90
CA ARG J 201 -50.57 -35.00 -13.52
C ARG J 201 -49.19 -34.99 -12.91
N LEU J 202 -48.25 -34.41 -13.63
CA LEU J 202 -46.87 -34.33 -13.18
C LEU J 202 -46.72 -33.28 -12.07
N HIS J 203 -46.25 -33.68 -10.90
CA HIS J 203 -46.27 -32.76 -9.78
C HIS J 203 -45.05 -32.97 -8.90
N TYR J 204 -44.83 -32.00 -8.01
CA TYR J 204 -43.74 -32.08 -7.03
C TYR J 204 -44.32 -32.29 -5.64
N VAL J 205 -43.68 -33.17 -4.89
CA VAL J 205 -44.14 -33.45 -3.55
C VAL J 205 -43.03 -33.17 -2.58
N THR J 206 -43.37 -32.49 -1.48
CA THR J 206 -42.43 -32.23 -0.42
C THR J 206 -42.55 -33.37 0.58
N VAL J 207 -41.52 -34.23 0.62
CA VAL J 207 -41.51 -35.30 1.59
C VAL J 207 -40.94 -34.79 2.92
N LYS J 208 -40.07 -33.78 2.87
CA LYS J 208 -39.53 -33.15 4.09
C LYS J 208 -39.34 -31.60 4.03
N LYS J 209 -39.93 -30.89 5.00
CA LYS J 209 -39.76 -29.42 5.19
C LYS J 209 -38.62 -29.04 6.18
N PRO J 210 -37.96 -27.91 5.93
CA PRO J 210 -36.84 -27.50 6.78
C PRO J 210 -37.29 -27.18 8.20
N THR J 211 -36.53 -27.63 9.18
CA THR J 211 -36.81 -27.38 10.59
C THR J 211 -35.52 -26.92 11.27
N ALA J 212 -35.63 -26.40 12.50
CA ALA J 212 -34.46 -26.04 13.29
C ALA J 212 -33.50 -27.23 13.45
N VAL J 213 -34.04 -28.39 13.78
CA VAL J 213 -33.22 -29.59 13.92
C VAL J 213 -32.62 -30.00 12.58
N ASP J 214 -33.41 -29.93 11.50
CA ASP J 214 -32.93 -30.32 10.17
C ASP J 214 -33.24 -29.27 9.10
N PRO J 215 -32.35 -28.30 8.93
CA PRO J 215 -32.55 -27.20 7.98
C PRO J 215 -32.33 -27.60 6.52
N ASN J 216 -33.00 -28.67 6.10
CA ASN J 216 -32.95 -29.11 4.71
C ASN J 216 -34.30 -29.59 4.27
N SER J 217 -34.46 -29.78 2.98
CA SER J 217 -35.75 -30.19 2.47
C SER J 217 -35.56 -31.23 1.38
N ILE J 218 -36.54 -32.10 1.22
CA ILE J 218 -36.49 -33.11 0.18
C ILE J 218 -37.75 -33.00 -0.66
N VAL J 219 -37.58 -32.87 -1.96
CA VAL J 219 -38.71 -32.82 -2.85
C VAL J 219 -38.59 -33.93 -3.87
N GLU J 220 -39.68 -34.68 -4.06
CA GLU J 220 -39.78 -35.69 -5.09
C GLU J 220 -40.62 -35.17 -6.25
N CYS J 221 -40.15 -35.42 -7.46
CA CYS J 221 -40.89 -35.12 -8.67
C CYS J 221 -41.66 -36.35 -9.12
N ARG J 222 -42.98 -36.26 -9.26
CA ARG J 222 -43.77 -37.48 -9.55
C ARG J 222 -44.78 -37.35 -10.67
N VAL J 223 -45.13 -38.47 -11.28
CA VAL J 223 -46.23 -38.49 -12.23
C VAL J 223 -47.49 -38.99 -11.54
N GLY J 224 -48.55 -39.14 -12.32
CA GLY J 224 -49.87 -39.39 -11.78
C GLY J 224 -49.98 -40.68 -11.04
N ASP J 225 -49.36 -41.74 -11.57
CA ASP J 225 -49.48 -43.09 -10.98
C ASP J 225 -48.60 -43.27 -9.73
N GLY J 226 -47.84 -42.24 -9.35
CA GLY J 226 -47.02 -42.30 -8.16
C GLY J 226 -45.53 -42.44 -8.44
N THR J 227 -45.17 -42.82 -9.67
CA THR J 227 -43.78 -43.02 -10.03
C THR J 227 -42.94 -41.78 -9.74
N VAL J 228 -41.84 -41.97 -9.03
CA VAL J 228 -40.92 -40.86 -8.76
C VAL J 228 -39.86 -40.76 -9.85
N LEU J 229 -39.80 -39.62 -10.55
CA LEU J 229 -38.80 -39.42 -11.60
C LEU J 229 -37.54 -38.70 -11.13
N GLY J 230 -37.56 -38.10 -9.96
CA GLY J 230 -36.38 -37.37 -9.52
C GLY J 230 -36.48 -36.99 -8.08
N THR J 231 -35.32 -36.79 -7.44
CA THR J 231 -35.31 -36.37 -6.05
C THR J 231 -34.29 -35.27 -5.91
N GLY J 232 -34.53 -34.35 -4.99
CA GLY J 232 -33.60 -33.26 -4.80
C GLY J 232 -33.64 -32.81 -3.38
N VAL J 233 -32.52 -32.25 -2.96
CA VAL J 233 -32.30 -31.86 -1.59
C VAL J 233 -31.68 -30.48 -1.52
N GLY J 234 -32.22 -29.64 -0.66
CA GLY J 234 -31.78 -28.27 -0.59
C GLY J 234 -32.34 -27.57 0.61
N ARG J 235 -32.00 -26.30 0.73
CA ARG J 235 -32.34 -25.48 1.89
C ARG J 235 -33.82 -25.14 1.99
N ASN J 236 -34.47 -25.00 0.84
CA ASN J 236 -35.92 -24.80 0.82
C ASN J 236 -36.58 -25.60 -0.31
N ILE J 237 -37.90 -25.67 -0.28
CA ILE J 237 -38.68 -26.41 -1.26
C ILE J 237 -38.43 -25.98 -2.71
N LYS J 238 -38.15 -24.70 -2.94
CA LYS J 238 -37.89 -24.22 -4.30
C LYS J 238 -36.62 -24.88 -4.84
N ILE J 239 -35.52 -24.77 -4.10
CA ILE J 239 -34.22 -25.34 -4.50
C ILE J 239 -34.24 -26.84 -4.64
N ALA J 240 -34.85 -27.50 -3.65
CA ALA J 240 -34.98 -28.95 -3.66
C ALA J 240 -35.74 -29.39 -4.89
N GLY J 241 -36.82 -28.69 -5.18
CA GLY J 241 -37.62 -28.98 -6.34
C GLY J 241 -36.82 -28.74 -7.60
N ILE J 242 -35.99 -27.70 -7.62
CA ILE J 242 -35.18 -27.45 -8.80
C ILE J 242 -34.24 -28.65 -8.97
N ARG J 243 -33.74 -29.15 -7.85
CA ARG J 243 -32.79 -30.24 -7.96
C ARG J 243 -33.47 -31.56 -8.31
N ALA J 244 -34.70 -31.73 -7.86
CA ALA J 244 -35.48 -32.87 -8.29
C ALA J 244 -35.64 -32.87 -9.81
N ALA J 245 -36.00 -31.72 -10.36
CA ALA J 245 -36.16 -31.57 -11.81
C ALA J 245 -34.89 -31.91 -12.57
N GLU J 246 -33.76 -31.37 -12.14
CA GLU J 246 -32.48 -31.65 -12.78
C GLU J 246 -32.12 -33.12 -12.68
N ASN J 247 -32.53 -33.75 -11.59
CA ASN J 247 -32.33 -35.18 -11.39
C ASN J 247 -33.07 -35.88 -12.53
N ALA J 248 -34.33 -35.49 -12.75
CA ALA J 248 -35.15 -36.09 -13.80
C ALA J 248 -34.58 -35.83 -15.18
N LEU J 249 -34.00 -34.66 -15.37
CA LEU J 249 -33.48 -34.27 -16.66
C LEU J 249 -32.22 -35.05 -17.04
N ARG J 250 -31.56 -35.66 -16.07
CA ARG J 250 -30.35 -36.41 -16.35
C ARG J 250 -30.61 -37.85 -16.77
N ASP J 251 -31.79 -38.37 -16.47
CA ASP J 251 -32.07 -39.74 -16.83
C ASP J 251 -32.74 -39.74 -18.19
N LYS J 252 -31.96 -39.98 -19.23
CA LYS J 252 -32.44 -39.73 -20.57
C LYS J 252 -33.26 -40.91 -21.09
N LYS J 253 -33.04 -42.05 -20.47
CA LYS J 253 -33.74 -43.24 -20.87
C LYS J 253 -35.20 -43.12 -20.49
N MET J 254 -35.39 -42.50 -19.34
CA MET J 254 -36.70 -42.24 -18.76
C MET J 254 -37.41 -41.12 -19.52
N LEU J 255 -36.66 -40.07 -19.83
CA LEU J 255 -37.20 -38.94 -20.57
C LEU J 255 -37.75 -39.40 -21.90
N ASP J 256 -36.92 -40.13 -22.61
CA ASP J 256 -37.29 -40.68 -23.89
C ASP J 256 -38.54 -41.57 -23.77
N PHE J 257 -38.68 -42.28 -22.65
CA PHE J 257 -39.86 -43.12 -22.46
C PHE J 257 -41.14 -42.30 -22.34
N TYR J 258 -41.12 -41.29 -21.47
CA TYR J 258 -42.32 -40.50 -21.20
C TYR J 258 -42.57 -39.58 -22.38
N ALA J 259 -41.51 -39.17 -23.07
CA ALA J 259 -41.69 -38.40 -24.29
C ALA J 259 -42.45 -39.25 -25.33
N LYS J 260 -41.96 -40.47 -25.56
CA LYS J 260 -42.69 -41.42 -26.40
C LYS J 260 -44.12 -41.61 -25.89
N GLN J 261 -44.32 -41.64 -24.58
CA GLN J 261 -45.66 -41.92 -24.05
C GLN J 261 -46.65 -40.82 -24.43
N ARG J 262 -46.24 -39.56 -24.27
CA ARG J 262 -47.05 -38.40 -24.61
C ARG J 262 -47.52 -38.48 -26.06
N ALA J 263 -46.58 -38.73 -26.96
CA ALA J 263 -46.87 -38.78 -28.38
C ALA J 263 -47.99 -39.79 -28.70
N ALA J 264 -48.18 -40.78 -27.84
CA ALA J 264 -49.14 -41.85 -28.11
C ALA J 264 -50.54 -41.51 -27.65
N ILE J 265 -50.66 -40.42 -26.90
CA ILE J 265 -51.95 -40.07 -26.35
C ILE J 265 -52.71 -39.05 -27.19
N PRO J 266 -54.02 -39.32 -27.44
CA PRO J 266 -54.84 -38.35 -28.19
C PRO J 266 -54.91 -37.04 -27.43
N ARG J 267 -54.76 -35.91 -28.11
CA ARG J 267 -54.81 -34.63 -27.42
C ARG J 267 -56.21 -34.35 -26.85
N SER J 268 -57.19 -35.12 -27.29
CA SER J 268 -58.48 -35.19 -26.63
C SER J 268 -58.40 -35.47 -25.12
N GLU J 269 -57.74 -36.57 -24.76
CA GLU J 269 -57.48 -36.95 -23.36
C GLU J 269 -56.32 -36.21 -22.71
N SER J 270 -55.24 -36.09 -23.47
CA SER J 270 -54.00 -35.51 -23.02
C SER J 270 -54.14 -34.16 -22.29
N VAL J 271 -55.04 -33.30 -22.74
CA VAL J 271 -55.01 -31.92 -22.24
C VAL J 271 -55.91 -31.62 -21.04
N LEU J 272 -56.63 -32.63 -20.54
CA LEU J 272 -57.45 -32.38 -19.38
C LEU J 272 -56.99 -33.20 -18.16
N LYS J 273 -57.25 -32.69 -16.96
CA LYS J 273 -56.87 -33.45 -15.78
C LYS J 273 -57.94 -34.53 -15.63
N ASP J 274 -57.55 -35.79 -15.79
CA ASP J 274 -58.48 -36.93 -15.82
C ASP J 274 -59.78 -36.63 -16.56
N SER K 2 -44.19 33.32 64.40
CA SER K 2 -43.12 33.04 65.35
C SER K 2 -41.81 32.88 64.58
N ASN K 3 -40.72 33.19 65.23
CA ASN K 3 -39.41 33.05 64.64
C ASN K 3 -39.01 31.61 64.42
N TYR K 4 -38.80 30.84 65.49
CA TYR K 4 -38.42 29.42 65.33
C TYR K 4 -39.65 28.50 65.21
N LYS K 5 -39.60 27.60 64.23
CA LYS K 5 -40.63 26.58 64.02
C LYS K 5 -39.96 25.23 64.22
N TYR K 6 -40.75 24.26 64.66
CA TYR K 6 -40.22 22.94 64.97
C TYR K 6 -39.53 22.41 63.72
N LEU K 7 -40.24 22.50 62.60
CA LEU K 7 -39.72 22.03 61.32
C LEU K 7 -38.39 22.66 60.95
N GLU K 8 -38.16 23.91 61.31
CA GLU K 8 -36.89 24.58 61.02
C GLU K 8 -35.78 24.09 61.95
N VAL K 9 -36.16 23.85 63.19
CA VAL K 9 -35.20 23.46 64.23
C VAL K 9 -34.58 22.08 64.00
N ILE K 10 -35.43 21.10 63.69
CA ILE K 10 -34.97 19.74 63.47
C ILE K 10 -34.03 19.67 62.24
N GLN K 11 -34.27 20.52 61.24
CA GLN K 11 -33.36 20.57 60.10
C GLN K 11 -32.06 21.26 60.48
N LEU K 12 -32.15 22.23 61.36
CA LEU K 12 -30.98 23.03 61.71
C LEU K 12 -30.02 22.22 62.54
N GLU K 13 -30.55 21.53 63.56
CA GLU K 13 -29.73 20.67 64.40
C GLU K 13 -29.06 19.62 63.53
N HIS K 14 -29.84 19.02 62.64
CA HIS K 14 -29.32 18.04 61.72
C HIS K 14 -28.26 18.64 60.79
N ALA K 15 -28.49 19.85 60.30
CA ALA K 15 -27.52 20.46 59.39
C ALA K 15 -26.21 20.75 60.09
N VAL K 16 -26.29 21.33 61.27
CA VAL K 16 -25.11 21.65 62.06
C VAL K 16 -24.34 20.39 62.42
N THR K 17 -25.07 19.35 62.83
CA THR K 17 -24.48 18.07 63.17
C THR K 17 -23.73 17.53 61.96
N LYS K 18 -24.38 17.46 60.80
CA LYS K 18 -23.67 16.99 59.60
C LYS K 18 -22.52 17.90 59.21
N LEU K 19 -22.68 19.21 59.40
CA LEU K 19 -21.63 20.13 59.05
C LEU K 19 -20.33 19.77 59.72
N VAL K 20 -20.41 19.61 61.03
CA VAL K 20 -19.22 19.33 61.82
C VAL K 20 -18.62 17.96 61.47
N GLU K 21 -19.49 16.96 61.35
CA GLU K 21 -19.06 15.61 61.03
C GLU K 21 -18.28 15.51 59.71
N SER K 22 -18.73 16.28 58.71
CA SER K 22 -18.15 16.25 57.36
C SER K 22 -16.75 16.82 57.30
N TYR K 23 -16.55 17.99 57.91
CA TYR K 23 -15.24 18.61 57.96
C TYR K 23 -14.25 17.69 58.67
N ASN K 24 -14.73 17.04 59.73
CA ASN K 24 -13.93 16.07 60.45
C ASN K 24 -13.47 14.95 59.53
N LYS K 25 -14.40 14.40 58.76
CA LYS K 25 -14.11 13.29 57.87
C LYS K 25 -13.07 13.69 56.84
N ILE K 26 -13.17 14.92 56.36
CA ILE K 26 -12.29 15.41 55.33
C ILE K 26 -10.85 15.51 55.80
N ILE K 27 -10.63 16.16 56.94
CA ILE K 27 -9.29 16.34 57.49
C ILE K 27 -8.69 14.96 57.82
N GLU K 28 -9.56 14.06 58.25
CA GLU K 28 -9.16 12.71 58.52
C GLU K 28 -8.67 12.02 57.23
N LEU K 29 -9.51 12.00 56.21
CA LEU K 29 -9.25 11.26 54.96
C LEU K 29 -8.38 11.93 53.87
N SER K 30 -8.43 13.25 53.75
CA SER K 30 -7.81 13.90 52.60
C SER K 30 -6.33 14.27 52.74
N PRO K 31 -5.54 13.99 51.70
CA PRO K 31 -4.20 14.56 51.53
C PRO K 31 -4.31 16.00 51.10
N ASN K 32 -3.22 16.76 51.25
CA ASN K 32 -3.16 18.16 50.80
C ASN K 32 -2.80 18.27 49.33
N LEU K 33 -2.71 19.51 48.83
CA LEU K 33 -2.58 19.77 47.39
C LEU K 33 -1.34 19.16 46.75
N VAL K 34 -0.36 18.80 47.56
CA VAL K 34 0.87 18.24 47.02
C VAL K 34 0.56 16.89 46.41
N ALA K 35 -0.21 16.06 47.11
CA ALA K 35 -0.60 14.77 46.56
C ALA K 35 -1.64 14.94 45.46
N TYR K 36 -2.53 15.92 45.63
CA TYR K 36 -3.56 16.16 44.65
C TYR K 36 -2.89 16.53 43.34
N ASN K 37 -2.03 17.53 43.40
CA ASN K 37 -1.33 18.00 42.22
C ASN K 37 -0.46 16.93 41.58
N GLU K 38 0.19 16.10 42.39
CA GLU K 38 1.01 15.06 41.79
C GLU K 38 0.12 14.08 41.03
N ALA K 39 -1.06 13.78 41.55
CA ALA K 39 -1.92 12.82 40.84
C ALA K 39 -2.43 13.42 39.52
N VAL K 40 -2.85 14.68 39.50
CA VAL K 40 -3.39 15.25 38.27
C VAL K 40 -2.29 15.39 37.25
N ASN K 41 -1.05 15.55 37.71
CA ASN K 41 0.04 15.66 36.76
C ASN K 41 0.64 14.31 36.33
N ASN K 42 0.44 13.24 37.10
CA ASN K 42 0.71 11.91 36.54
C ASN K 42 -0.54 11.06 36.57
N GLN K 43 -1.41 11.22 35.58
CA GLN K 43 -2.68 10.49 35.63
C GLN K 43 -2.45 9.03 35.23
N ASP K 44 -1.26 8.78 34.70
CA ASP K 44 -0.93 7.48 34.22
C ASP K 44 -0.76 6.55 35.39
N ARG K 45 -0.43 7.13 36.53
CA ARG K 45 -0.19 6.30 37.69
C ARG K 45 -1.37 6.27 38.64
N VAL K 46 -2.45 6.92 38.25
CA VAL K 46 -3.66 6.88 39.05
C VAL K 46 -4.59 5.74 38.62
N PRO K 47 -5.13 4.98 39.60
CA PRO K 47 -6.10 3.91 39.32
C PRO K 47 -7.39 4.42 38.64
N VAL K 48 -7.88 3.60 37.72
CA VAL K 48 -8.92 3.94 36.76
C VAL K 48 -10.20 4.41 37.39
N GLN K 49 -10.60 3.77 38.48
CA GLN K 49 -11.89 4.08 39.09
C GLN K 49 -11.81 5.47 39.71
N ILE K 50 -10.59 5.93 39.95
CA ILE K 50 -10.38 7.21 40.57
C ILE K 50 -10.24 8.36 39.57
N LEU K 51 -10.05 8.05 38.29
CA LEU K 51 -9.81 9.12 37.32
C LEU K 51 -10.98 10.10 37.14
N PRO K 52 -12.23 9.59 37.07
CA PRO K 52 -13.31 10.57 36.94
C PRO K 52 -13.38 11.61 38.06
N SER K 53 -12.93 11.30 39.28
CA SER K 53 -13.01 12.25 40.39
C SER K 53 -12.31 13.56 40.10
N LEU K 54 -11.34 13.50 39.20
CA LEU K 54 -10.53 14.66 38.85
C LEU K 54 -11.28 15.62 37.93
N SER K 55 -12.33 15.12 37.30
CA SER K 55 -13.17 15.99 36.49
C SER K 55 -14.12 16.78 37.40
N ARG K 56 -14.22 16.37 38.66
CA ARG K 56 -15.21 16.94 39.56
C ARG K 56 -14.55 17.76 40.66
N TYR K 57 -15.32 18.65 41.29
CA TYR K 57 -14.71 19.61 42.20
C TYR K 57 -14.39 19.07 43.59
N GLN K 58 -15.20 18.11 44.06
CA GLN K 58 -15.12 17.72 45.47
C GLN K 58 -13.71 17.39 45.94
N LEU K 59 -12.94 16.61 45.19
CA LEU K 59 -11.59 16.26 45.65
C LEU K 59 -10.61 17.44 45.80
N LYS K 60 -10.62 18.39 44.86
CA LYS K 60 -9.69 19.49 44.95
C LYS K 60 -10.04 20.32 46.17
N LEU K 61 -11.33 20.58 46.35
CA LEU K 61 -11.78 21.31 47.53
C LEU K 61 -11.37 20.63 48.82
N ALA K 62 -11.50 19.31 48.88
CA ALA K 62 -11.11 18.58 50.08
C ALA K 62 -9.64 18.82 50.33
N ALA K 63 -8.85 18.67 49.28
CA ALA K 63 -7.41 18.86 49.36
C ALA K 63 -7.06 20.29 49.78
N GLU K 64 -7.76 21.29 49.24
CA GLU K 64 -7.48 22.66 49.59
C GLU K 64 -7.76 22.90 51.06
N LEU K 65 -8.82 22.29 51.58
CA LEU K 65 -9.17 22.44 52.99
C LEU K 65 -8.14 21.80 53.89
N LYS K 66 -7.70 20.60 53.52
CA LYS K 66 -6.69 19.91 54.31
C LYS K 66 -5.47 20.76 54.35
N THR K 67 -5.23 21.49 53.26
CA THR K 67 -4.09 22.39 53.20
C THR K 67 -4.17 23.51 54.23
N LEU K 68 -5.26 24.27 54.15
CA LEU K 68 -5.50 25.32 55.13
C LEU K 68 -5.36 24.76 56.53
N HIS K 69 -5.73 23.49 56.72
CA HIS K 69 -5.57 22.86 58.02
C HIS K 69 -4.11 22.58 58.28
N ASP K 70 -3.38 22.13 57.26
CA ASP K 70 -1.95 21.85 57.41
C ASP K 70 -1.14 23.13 57.58
N LEU K 71 -1.58 24.22 56.95
CA LEU K 71 -1.03 25.52 57.30
C LEU K 71 -1.94 25.77 58.49
N LYS K 72 -1.78 26.78 59.33
CA LYS K 72 -2.94 26.83 60.23
C LYS K 72 -3.55 28.19 59.98
N LYS K 73 -4.24 28.22 58.84
CA LYS K 73 -5.08 29.31 58.41
C LYS K 73 -6.56 28.97 58.51
N ASP K 74 -6.84 27.86 59.17
CA ASP K 74 -8.19 27.36 59.47
C ASP K 74 -9.18 28.37 60.04
N ALA K 75 -8.68 29.26 60.88
CA ALA K 75 -9.20 29.40 62.24
C ALA K 75 -10.71 29.24 62.40
N ILE K 76 -11.49 29.99 61.61
CA ILE K 76 -12.95 29.99 61.70
C ILE K 76 -13.50 28.59 61.64
N LEU K 77 -12.86 27.79 60.82
CA LEU K 77 -13.34 26.46 60.56
C LEU K 77 -12.95 25.46 61.67
N THR K 78 -11.75 25.61 62.23
CA THR K 78 -11.31 24.76 63.34
C THR K 78 -12.15 24.97 64.60
N GLU K 79 -12.43 26.25 64.89
CA GLU K 79 -13.23 26.64 66.04
C GLU K 79 -14.60 25.92 66.05
N ILE K 80 -15.18 25.73 64.86
CA ILE K 80 -16.46 25.02 64.72
C ILE K 80 -16.42 23.58 65.24
N THR K 81 -15.34 22.85 64.94
CA THR K 81 -15.21 21.50 65.45
C THR K 81 -15.11 21.54 66.99
N ASP K 82 -14.64 22.66 67.52
CA ASP K 82 -14.52 22.84 68.97
C ASP K 82 -15.77 23.40 69.62
N TYR K 83 -16.71 23.89 68.82
CA TYR K 83 -17.81 24.68 69.36
C TYR K 83 -18.61 23.96 70.43
N GLU K 84 -18.94 22.69 70.21
CA GLU K 84 -19.77 21.94 71.15
C GLU K 84 -19.21 21.85 72.57
N ASN K 85 -17.91 21.62 72.71
CA ASN K 85 -17.33 21.45 74.04
C ASN K 85 -17.16 22.78 74.77
N GLU K 86 -17.17 23.86 74.01
CA GLU K 86 -17.09 25.18 74.58
C GLU K 86 -18.48 25.79 74.76
N PHE K 87 -19.51 25.03 74.44
CA PHE K 87 -20.86 25.53 74.58
C PHE K 87 -21.27 25.48 76.03
N ASP K 88 -21.85 26.57 76.48
CA ASP K 88 -22.45 26.61 77.79
C ASP K 88 -23.77 27.38 77.77
N THR K 89 -24.79 26.72 78.32
CA THR K 89 -26.13 27.25 78.33
C THR K 89 -26.18 28.51 79.17
N GLU K 90 -25.30 28.63 80.16
CA GLU K 90 -25.27 29.79 81.05
C GLU K 90 -24.22 30.89 80.74
N GLN K 91 -23.49 30.74 79.63
CA GLN K 91 -22.68 31.83 79.07
C GLN K 91 -23.55 32.38 77.93
N LYS K 92 -23.93 33.65 77.97
CA LYS K 92 -24.90 34.23 77.04
C LYS K 92 -24.36 34.95 75.80
N GLN K 93 -23.03 34.93 75.60
CA GLN K 93 -22.42 35.62 74.44
C GLN K 93 -21.47 34.79 73.51
N PRO K 94 -21.24 35.28 72.27
CA PRO K 94 -20.62 34.51 71.19
C PRO K 94 -19.32 33.75 71.50
N ILE K 95 -19.27 32.50 71.04
CA ILE K 95 -18.10 31.64 71.22
C ILE K 95 -17.08 31.83 70.09
N LEU K 96 -17.50 32.51 69.03
CA LEU K 96 -16.60 32.80 67.92
C LEU K 96 -15.79 34.09 68.12
N GLN K 97 -14.48 34.02 67.89
CA GLN K 97 -13.64 35.19 68.12
C GLN K 97 -13.64 36.16 66.95
N GLU K 98 -14.38 35.82 65.91
CA GLU K 98 -14.49 36.72 64.76
C GLU K 98 -15.63 37.70 64.98
N ILE K 99 -16.47 37.44 65.98
CA ILE K 99 -17.58 38.34 66.26
C ILE K 99 -17.23 39.31 67.41
N SER K 100 -17.10 40.59 67.06
CA SER K 100 -16.68 41.62 68.02
C SER K 100 -17.89 42.18 68.75
N LYS K 101 -17.66 42.65 69.99
CA LYS K 101 -18.74 43.21 70.79
C LYS K 101 -19.38 44.43 70.13
N ALA K 102 -18.69 45.04 69.16
CA ALA K 102 -19.23 46.21 68.44
C ALA K 102 -20.29 45.77 67.43
N ASP K 103 -19.99 44.65 66.78
CA ASP K 103 -20.84 44.08 65.74
C ASP K 103 -22.26 43.75 66.24
N MET K 104 -22.39 43.29 67.47
CA MET K 104 -23.71 42.86 67.94
C MET K 104 -24.78 43.95 67.89
N GLU K 105 -24.50 45.06 68.56
CA GLU K 105 -25.39 46.22 68.59
C GLU K 105 -25.51 46.90 67.26
N LYS K 106 -24.46 46.81 66.43
CA LYS K 106 -24.56 47.32 65.07
C LYS K 106 -25.80 46.67 64.46
N LEU K 107 -25.94 45.40 64.78
CA LEU K 107 -27.02 44.59 64.25
C LEU K 107 -28.32 44.74 65.02
N GLU K 108 -28.21 44.87 66.34
CA GLU K 108 -29.41 44.81 67.19
C GLU K 108 -30.54 45.80 66.88
N LYS K 109 -30.29 47.07 66.63
CA LYS K 109 -31.53 47.77 66.28
C LYS K 109 -31.67 47.92 64.74
N LEU K 110 -30.68 47.44 63.95
CA LEU K 110 -30.98 47.40 62.48
C LEU K 110 -32.24 46.57 62.31
N GLU K 111 -32.39 45.55 63.16
CA GLU K 111 -33.58 44.76 63.14
C GLU K 111 -34.69 45.34 64.07
N GLN K 112 -34.32 46.23 65.00
CA GLN K 112 -35.36 46.94 65.79
C GLN K 112 -36.03 48.12 65.06
N VAL K 113 -35.36 48.77 64.11
CA VAL K 113 -36.08 49.63 63.16
C VAL K 113 -36.74 48.82 62.03
N LYS K 114 -36.44 47.53 61.95
CA LYS K 114 -37.11 46.74 60.91
C LYS K 114 -38.52 46.53 61.53
N ARG K 115 -38.56 46.31 62.85
CA ARG K 115 -39.73 46.74 63.66
C ARG K 115 -39.68 48.25 63.97
N ASN L 3 -0.79 9.41 47.64
CA ASN L 3 -1.57 8.26 47.16
C ASN L 3 -3.05 8.24 47.60
N TYR L 4 -3.96 8.03 46.64
CA TYR L 4 -5.41 8.01 46.84
C TYR L 4 -6.02 6.60 46.77
N LYS L 5 -6.96 6.27 47.66
CA LYS L 5 -7.57 4.94 47.58
C LYS L 5 -9.02 5.08 47.19
N TYR L 6 -9.54 4.13 46.42
CA TYR L 6 -10.88 4.31 45.87
C TYR L 6 -11.95 4.52 46.94
N LEU L 7 -12.10 3.57 47.86
CA LEU L 7 -13.14 3.69 48.88
C LEU L 7 -13.09 4.98 49.72
N GLU L 8 -11.90 5.50 49.94
CA GLU L 8 -11.76 6.75 50.67
C GLU L 8 -12.16 7.92 49.79
N VAL L 9 -11.96 7.81 48.48
CA VAL L 9 -12.30 8.89 47.55
C VAL L 9 -13.82 9.08 47.59
N ILE L 10 -14.56 7.97 47.57
CA ILE L 10 -16.00 8.01 47.64
C ILE L 10 -16.50 8.71 48.88
N GLN L 11 -15.81 8.51 49.98
CA GLN L 11 -16.23 9.11 51.22
C GLN L 11 -15.95 10.59 51.20
N LEU L 12 -14.86 10.95 50.52
CA LEU L 12 -14.44 12.33 50.46
C LEU L 12 -15.37 13.15 49.62
N GLU L 13 -15.68 12.64 48.44
CA GLU L 13 -16.57 13.35 47.52
C GLU L 13 -17.93 13.56 48.22
N HIS L 14 -18.41 12.50 48.85
CA HIS L 14 -19.70 12.53 49.50
C HIS L 14 -19.73 13.52 50.69
N ALA L 15 -18.67 13.52 51.49
CA ALA L 15 -18.60 14.41 52.65
C ALA L 15 -18.61 15.85 52.21
N VAL L 16 -17.79 16.16 51.20
CA VAL L 16 -17.70 17.51 50.66
C VAL L 16 -19.07 18.00 50.21
N THR L 17 -19.81 17.12 49.56
CA THR L 17 -21.17 17.43 49.18
C THR L 17 -22.02 17.73 50.42
N LYS L 18 -21.99 16.85 51.43
CA LYS L 18 -22.75 17.12 52.63
C LYS L 18 -22.27 18.40 53.29
N LEU L 19 -20.97 18.62 53.26
CA LEU L 19 -20.43 19.80 53.90
C LEU L 19 -21.07 21.03 53.33
N VAL L 20 -21.05 21.12 52.00
CA VAL L 20 -21.57 22.29 51.33
C VAL L 20 -23.08 22.42 51.51
N GLU L 21 -23.81 21.34 51.28
CA GLU L 21 -25.26 21.39 51.38
C GLU L 21 -25.65 21.81 52.79
N SER L 22 -24.87 21.38 53.77
CA SER L 22 -25.16 21.66 55.18
C SER L 22 -25.03 23.13 55.51
N TYR L 23 -23.92 23.73 55.09
CA TYR L 23 -23.73 25.13 55.35
C TYR L 23 -24.81 25.95 54.70
N ASN L 24 -25.12 25.60 53.45
CA ASN L 24 -26.19 26.24 52.70
C ASN L 24 -27.49 26.19 53.45
N LYS L 25 -27.83 25.02 54.01
CA LYS L 25 -29.09 24.90 54.75
C LYS L 25 -29.08 25.79 56.00
N ILE L 26 -27.92 25.88 56.63
CA ILE L 26 -27.83 26.65 57.86
C ILE L 26 -28.14 28.13 57.53
N ILE L 27 -27.47 28.67 56.53
CA ILE L 27 -27.68 30.06 56.15
C ILE L 27 -29.11 30.30 55.70
N GLU L 28 -29.68 29.31 55.02
CA GLU L 28 -31.06 29.41 54.57
C GLU L 28 -32.08 29.51 55.71
N LEU L 29 -32.06 28.53 56.62
CA LEU L 29 -33.06 28.42 57.67
C LEU L 29 -32.85 29.25 58.95
N SER L 30 -31.59 29.47 59.33
CA SER L 30 -31.28 30.05 60.63
C SER L 30 -31.32 31.56 60.68
N PRO L 31 -31.83 32.09 61.79
CA PRO L 31 -31.67 33.49 62.18
C PRO L 31 -30.28 33.76 62.73
N ASN L 32 -29.91 35.04 62.81
CA ASN L 32 -28.64 35.41 63.42
C ASN L 32 -28.82 35.55 64.93
N LEU L 33 -27.73 35.94 65.59
CA LEU L 33 -27.68 35.86 67.04
C LEU L 33 -28.77 36.66 67.75
N VAL L 34 -29.34 37.66 67.10
CA VAL L 34 -30.34 38.44 67.78
C VAL L 34 -31.62 37.64 67.99
N ALA L 35 -32.10 36.95 66.97
CA ALA L 35 -33.32 36.15 67.12
C ALA L 35 -33.01 34.96 68.04
N TYR L 36 -31.79 34.43 67.98
CA TYR L 36 -31.43 33.34 68.90
C TYR L 36 -31.51 33.84 70.33
N ASN L 37 -30.81 34.93 70.62
CA ASN L 37 -30.82 35.49 71.96
C ASN L 37 -32.24 35.90 72.38
N GLU L 38 -33.02 36.47 71.46
CA GLU L 38 -34.38 36.86 71.83
C GLU L 38 -35.15 35.62 72.26
N ALA L 39 -34.96 34.56 71.49
CA ALA L 39 -35.69 33.32 71.71
C ALA L 39 -35.30 32.61 73.00
N VAL L 40 -34.00 32.58 73.29
CA VAL L 40 -33.52 31.88 74.49
C VAL L 40 -34.01 32.67 75.72
N ASN L 41 -34.24 33.96 75.52
CA ASN L 41 -34.66 34.81 76.63
C ASN L 41 -36.17 34.88 76.92
N ASN L 42 -37.04 34.58 75.96
CA ASN L 42 -38.43 34.32 76.31
C ASN L 42 -38.90 32.93 75.86
N GLN L 43 -38.67 31.91 76.67
CA GLN L 43 -38.97 30.55 76.21
C GLN L 43 -40.47 30.22 76.35
N ASP L 44 -41.20 31.03 77.10
CA ASP L 44 -42.62 30.73 77.32
C ASP L 44 -43.45 31.02 76.06
N ARG L 45 -42.93 31.86 75.17
CA ARG L 45 -43.62 32.22 73.92
C ARG L 45 -43.19 31.48 72.64
N VAL L 46 -42.19 30.61 72.76
CA VAL L 46 -41.73 29.73 71.67
C VAL L 46 -42.51 28.39 71.71
N PRO L 47 -42.71 27.74 70.54
CA PRO L 47 -43.45 26.47 70.57
C PRO L 47 -42.79 25.45 71.50
N VAL L 48 -43.60 24.69 72.21
CA VAL L 48 -43.11 23.82 73.28
C VAL L 48 -42.08 22.83 72.77
N GLN L 49 -42.27 22.34 71.54
CA GLN L 49 -41.41 21.29 70.98
C GLN L 49 -39.96 21.68 70.72
N ILE L 50 -39.66 22.98 70.62
CA ILE L 50 -38.29 23.43 70.34
C ILE L 50 -37.46 23.66 71.59
N LEU L 51 -38.07 23.47 72.75
CA LEU L 51 -37.40 23.79 74.00
C LEU L 51 -36.10 22.99 74.18
N PRO L 52 -36.12 21.66 73.94
CA PRO L 52 -34.86 20.92 74.04
C PRO L 52 -33.78 21.42 73.11
N SER L 53 -34.20 21.86 71.95
CA SER L 53 -33.26 22.32 70.94
C SER L 53 -32.47 23.50 71.42
N LEU L 54 -33.12 24.30 72.26
CA LEU L 54 -32.55 25.56 72.71
C LEU L 54 -31.47 25.36 73.70
N SER L 55 -31.51 24.22 74.37
CA SER L 55 -30.50 23.85 75.32
C SER L 55 -29.22 23.33 74.68
N ARG L 56 -29.23 23.08 73.37
CA ARG L 56 -28.06 22.50 72.73
C ARG L 56 -27.31 23.54 71.91
N TYR L 57 -26.13 23.15 71.44
CA TYR L 57 -25.18 24.06 70.83
C TYR L 57 -25.53 24.38 69.38
N GLN L 58 -26.15 23.43 68.68
CA GLN L 58 -26.41 23.55 67.24
C GLN L 58 -27.12 24.84 66.87
N LEU L 59 -28.19 25.15 67.58
CA LEU L 59 -29.01 26.30 67.25
C LEU L 59 -28.18 27.57 67.38
N LYS L 60 -27.39 27.63 68.45
CA LYS L 60 -26.55 28.79 68.72
C LYS L 60 -25.43 28.90 67.68
N LEU L 61 -24.76 27.78 67.41
CA LEU L 61 -23.73 27.74 66.37
C LEU L 61 -24.31 28.13 65.00
N ALA L 62 -25.50 27.64 64.70
CA ALA L 62 -26.15 27.99 63.45
C ALA L 62 -26.37 29.50 63.42
N ALA L 63 -26.84 30.04 64.55
CA ALA L 63 -27.09 31.46 64.71
C ALA L 63 -25.82 32.29 64.59
N GLU L 64 -24.71 31.81 65.13
CA GLU L 64 -23.44 32.53 65.01
C GLU L 64 -22.94 32.59 63.57
N LEU L 65 -23.09 31.46 62.86
CA LEU L 65 -22.64 31.37 61.48
C LEU L 65 -23.45 32.29 60.60
N LYS L 66 -24.74 32.29 60.84
CA LYS L 66 -25.66 33.18 60.14
C LYS L 66 -25.30 34.63 60.47
N THR L 67 -24.83 34.91 61.68
CA THR L 67 -24.42 36.26 62.03
C THR L 67 -23.22 36.70 61.19
N LEU L 68 -22.16 35.91 61.17
CA LEU L 68 -21.00 36.19 60.32
C LEU L 68 -21.39 36.43 58.88
N HIS L 69 -22.42 35.72 58.44
CA HIS L 69 -22.82 35.85 57.05
C HIS L 69 -23.32 37.26 56.83
N ASP L 70 -24.10 37.75 57.79
CA ASP L 70 -24.67 39.07 57.70
C ASP L 70 -23.63 40.22 57.81
N LEU L 71 -22.54 39.97 58.52
CA LEU L 71 -21.47 40.96 58.67
C LEU L 71 -20.51 40.94 57.48
N LYS L 72 -20.68 39.93 56.65
CA LYS L 72 -19.87 39.70 55.47
C LYS L 72 -18.45 39.33 55.90
N LYS L 73 -18.36 38.71 57.07
CA LYS L 73 -17.10 38.17 57.60
C LYS L 73 -16.90 36.66 57.35
N ASP L 74 -17.77 36.06 56.52
CA ASP L 74 -17.66 34.64 56.16
C ASP L 74 -16.28 34.23 55.72
N ALA L 75 -15.73 35.00 54.79
CA ALA L 75 -14.42 34.73 54.18
C ALA L 75 -14.33 33.34 53.58
N ILE L 76 -13.46 32.54 54.20
CA ILE L 76 -13.13 31.18 53.78
C ILE L 76 -14.40 30.39 53.53
N LEU L 77 -15.40 30.66 54.34
CA LEU L 77 -16.60 29.88 54.32
C LEU L 77 -17.46 30.24 53.09
N THR L 78 -17.41 31.50 52.66
CA THR L 78 -18.12 31.92 51.44
C THR L 78 -17.50 31.29 50.19
N GLU L 79 -16.16 31.26 50.14
CA GLU L 79 -15.49 30.70 48.97
C GLU L 79 -15.92 29.27 48.70
N ILE L 80 -16.10 28.51 49.77
CA ILE L 80 -16.51 27.12 49.64
C ILE L 80 -17.84 26.90 48.92
N THR L 81 -18.87 27.65 49.27
CA THR L 81 -20.15 27.47 48.58
C THR L 81 -20.05 27.90 47.13
N ASP L 82 -19.13 28.80 46.82
CA ASP L 82 -18.98 29.24 45.45
C ASP L 82 -18.02 28.32 44.71
N TYR L 83 -17.38 27.43 45.47
CA TYR L 83 -16.27 26.65 44.93
C TYR L 83 -16.67 25.89 43.68
N GLU L 84 -17.85 25.27 43.70
CA GLU L 84 -18.26 24.44 42.57
C GLU L 84 -18.27 25.22 41.26
N ASN L 85 -18.79 26.45 41.29
CA ASN L 85 -18.89 27.27 40.07
C ASN L 85 -17.56 27.85 39.63
N GLU L 86 -16.59 27.88 40.52
CA GLU L 86 -15.29 28.45 40.18
C GLU L 86 -14.33 27.36 39.69
N PHE L 87 -14.76 26.11 39.74
CA PHE L 87 -13.88 24.99 39.43
C PHE L 87 -13.70 24.80 37.95
N ASP L 88 -12.44 24.68 37.52
CA ASP L 88 -12.12 24.37 36.14
C ASP L 88 -10.90 23.45 36.05
N THR L 89 -10.96 22.41 35.25
CA THR L 89 -9.85 21.47 35.16
C THR L 89 -8.57 22.09 34.58
N GLU L 90 -8.70 23.15 33.77
CA GLU L 90 -7.51 23.72 33.12
C GLU L 90 -6.89 24.80 33.98
N GLN L 91 -7.46 25.00 35.17
CA GLN L 91 -6.85 25.81 36.20
C GLN L 91 -6.12 24.95 37.22
N LYS L 92 -4.78 25.09 37.25
CA LYS L 92 -3.96 24.27 38.12
C LYS L 92 -3.67 25.02 39.40
N GLN L 93 -4.35 26.14 39.60
CA GLN L 93 -4.08 26.93 40.81
C GLN L 93 -5.24 26.91 41.78
N PRO L 94 -4.89 27.01 43.07
CA PRO L 94 -5.83 26.94 44.18
C PRO L 94 -6.91 27.98 43.99
N ILE L 95 -8.13 27.57 44.26
CA ILE L 95 -9.24 28.47 44.10
C ILE L 95 -9.44 29.24 45.39
N LEU L 96 -8.81 28.74 46.45
CA LEU L 96 -8.86 29.44 47.73
C LEU L 96 -7.74 30.45 47.82
N GLN L 97 -8.09 31.67 48.17
CA GLN L 97 -7.11 32.74 48.16
C GLN L 97 -6.24 32.83 49.43
N GLU L 98 -6.45 31.94 50.39
CA GLU L 98 -5.67 32.01 51.61
C GLU L 98 -4.37 31.28 51.45
N ILE L 99 -4.31 30.50 50.40
CA ILE L 99 -3.10 29.80 50.08
C ILE L 99 -2.31 30.55 49.01
N SER L 100 -1.17 31.08 49.44
CA SER L 100 -0.30 31.89 48.57
C SER L 100 0.61 30.94 47.80
N LYS L 101 1.10 31.38 46.64
CA LYS L 101 2.01 30.54 45.86
C LYS L 101 3.29 30.34 46.68
N ALA L 102 3.46 31.23 47.67
CA ALA L 102 4.57 31.17 48.59
C ALA L 102 4.36 30.03 49.59
N ASP L 103 3.14 29.94 50.12
CA ASP L 103 2.78 28.90 51.10
C ASP L 103 2.93 27.50 50.53
N MET L 104 2.60 27.39 49.25
CA MET L 104 2.58 26.09 48.56
C MET L 104 3.86 25.30 48.58
N GLU L 105 4.92 25.93 48.09
CA GLU L 105 6.20 25.26 48.02
C GLU L 105 6.80 25.01 49.43
N LYS L 106 6.45 25.80 50.47
CA LYS L 106 6.89 25.45 51.86
C LYS L 106 6.44 24.01 52.20
N LEU L 107 5.25 23.67 51.72
CA LEU L 107 4.62 22.39 52.01
C LEU L 107 5.23 21.37 51.07
N GLU L 108 5.43 21.79 49.83
CA GLU L 108 6.03 20.92 48.83
C GLU L 108 7.43 20.50 49.31
N LYS L 109 8.19 21.39 49.94
CA LYS L 109 9.51 20.95 50.39
C LYS L 109 9.37 19.98 51.57
N LEU L 110 8.31 20.15 52.36
CA LEU L 110 8.07 19.29 53.51
C LEU L 110 7.85 17.84 53.11
N GLU L 111 7.26 17.61 51.94
CA GLU L 111 7.08 16.24 51.47
C GLU L 111 8.32 15.65 50.80
N GLN L 112 9.17 16.51 50.26
CA GLN L 112 10.45 15.98 49.79
C GLN L 112 11.38 15.68 50.97
N VAL L 113 11.19 16.42 52.06
CA VAL L 113 11.92 16.09 53.29
C VAL L 113 11.46 14.77 53.89
N LYS L 114 10.16 14.44 53.78
CA LYS L 114 9.68 13.19 54.36
C LYS L 114 9.87 11.98 53.47
N ARG L 115 10.07 12.17 52.17
CA ARG L 115 10.32 11.03 51.28
C ARG L 115 11.75 10.47 51.45
N GLU L 116 12.69 11.39 51.69
CA GLU L 116 14.12 11.05 51.80
C GLU L 116 14.36 10.23 53.06
N LYS L 117 13.44 10.36 54.02
CA LYS L 117 13.46 9.50 55.19
C LYS L 117 13.20 8.03 54.78
N ARG L 118 12.74 7.79 53.54
CA ARG L 118 12.48 6.41 53.09
C ARG L 118 12.10 6.31 51.58
N ILE M 1 -31.74 -50.97 -35.53
CA ILE M 1 -31.48 -49.77 -34.73
C ILE M 1 -30.14 -49.08 -35.06
N SER M 2 -30.16 -47.73 -35.21
CA SER M 2 -28.93 -46.90 -35.16
C SER M 2 -29.20 -45.41 -34.81
N ASN M 3 -28.27 -44.79 -34.07
CA ASN M 3 -28.22 -43.32 -33.82
C ASN M 3 -29.43 -42.57 -33.17
N TYR M 4 -30.06 -41.64 -33.91
CA TYR M 4 -31.08 -40.68 -33.39
C TYR M 4 -32.14 -41.22 -32.42
N LYS M 5 -32.42 -40.46 -31.36
CA LYS M 5 -33.46 -40.82 -30.39
C LYS M 5 -34.56 -39.77 -30.41
N TYR M 6 -35.78 -40.18 -30.09
CA TYR M 6 -36.93 -39.28 -30.16
C TYR M 6 -36.70 -38.02 -29.36
N LEU M 7 -36.28 -38.18 -28.10
CA LEU M 7 -36.02 -37.05 -27.22
C LEU M 7 -35.02 -36.02 -27.80
N GLU M 8 -34.02 -36.48 -28.56
CA GLU M 8 -33.07 -35.55 -29.16
C GLU M 8 -33.74 -34.83 -30.30
N VAL M 9 -34.61 -35.54 -30.99
CA VAL M 9 -35.22 -34.94 -32.16
C VAL M 9 -36.13 -33.77 -31.78
N ILE M 10 -37.01 -33.94 -30.81
CA ILE M 10 -37.90 -32.85 -30.42
C ILE M 10 -37.12 -31.67 -29.87
N GLN M 11 -35.99 -31.91 -29.24
CA GLN M 11 -35.22 -30.77 -28.79
C GLN M 11 -34.61 -30.05 -30.01
N LEU M 12 -34.26 -30.83 -31.03
CA LEU M 12 -33.60 -30.26 -32.21
C LEU M 12 -34.52 -29.38 -33.01
N GLU M 13 -35.74 -29.84 -33.26
CA GLU M 13 -36.68 -29.06 -34.04
C GLU M 13 -36.93 -27.73 -33.36
N HIS M 14 -37.17 -27.78 -32.06
CA HIS M 14 -37.39 -26.59 -31.27
C HIS M 14 -36.20 -25.66 -31.30
N ALA M 15 -35.00 -26.20 -31.19
CA ALA M 15 -33.81 -25.37 -31.14
C ALA M 15 -33.64 -24.64 -32.44
N VAL M 16 -33.83 -25.35 -33.55
CA VAL M 16 -33.74 -24.76 -34.88
C VAL M 16 -34.78 -23.68 -35.12
N THR M 17 -36.02 -23.98 -34.75
CA THR M 17 -37.12 -23.06 -34.91
C THR M 17 -36.84 -21.77 -34.19
N LYS M 18 -36.49 -21.88 -32.92
CA LYS M 18 -36.18 -20.71 -32.13
C LYS M 18 -34.98 -20.00 -32.74
N LEU M 19 -34.03 -20.76 -33.24
CA LEU M 19 -32.84 -20.17 -33.84
C LEU M 19 -33.18 -19.21 -34.97
N VAL M 20 -33.98 -19.65 -35.95
CA VAL M 20 -34.35 -18.75 -37.04
C VAL M 20 -35.28 -17.67 -36.47
N GLU M 21 -36.24 -18.04 -35.65
CA GLU M 21 -37.16 -17.08 -35.08
C GLU M 21 -36.38 -15.98 -34.32
N SER M 22 -35.26 -16.35 -33.71
CA SER M 22 -34.45 -15.41 -32.94
C SER M 22 -33.70 -14.39 -33.79
N TYR M 23 -33.03 -14.85 -34.85
CA TYR M 23 -32.30 -13.96 -35.77
C TYR M 23 -33.27 -13.01 -36.48
N ASN M 24 -34.45 -13.53 -36.86
CA ASN M 24 -35.48 -12.70 -37.43
C ASN M 24 -35.87 -11.55 -36.52
N LYS M 25 -36.11 -11.84 -35.24
CA LYS M 25 -36.53 -10.81 -34.30
C LYS M 25 -35.42 -9.79 -34.13
N ILE M 26 -34.18 -10.26 -34.17
CA ILE M 26 -33.05 -9.36 -33.96
C ILE M 26 -32.95 -8.34 -35.07
N ILE M 27 -32.97 -8.84 -36.30
CA ILE M 27 -32.86 -7.96 -37.46
C ILE M 27 -34.03 -6.98 -37.54
N GLU M 28 -35.21 -7.44 -37.18
CA GLU M 28 -36.36 -6.56 -37.18
C GLU M 28 -36.19 -5.36 -36.21
N LEU M 29 -35.93 -5.67 -34.93
CA LEU M 29 -35.89 -4.67 -33.86
C LEU M 29 -34.59 -3.90 -33.67
N SER M 30 -33.46 -4.51 -33.93
CA SER M 30 -32.20 -3.90 -33.53
C SER M 30 -31.68 -2.92 -34.55
N PRO M 31 -31.17 -1.78 -34.09
CA PRO M 31 -30.34 -0.85 -34.86
C PRO M 31 -28.95 -1.41 -35.01
N ASN M 32 -28.18 -0.82 -35.91
CA ASN M 32 -26.78 -1.17 -36.10
C ASN M 32 -25.89 -0.47 -35.08
N LEU M 33 -24.58 -0.73 -35.20
CA LEU M 33 -23.61 -0.26 -34.23
C LEU M 33 -23.54 1.25 -34.10
N VAL M 34 -24.02 1.98 -35.11
CA VAL M 34 -23.94 3.43 -35.05
C VAL M 34 -24.88 3.97 -33.98
N ALA M 35 -26.12 3.49 -33.92
CA ALA M 35 -27.05 3.92 -32.88
C ALA M 35 -26.62 3.40 -31.51
N TYR M 36 -26.02 2.21 -31.50
CA TYR M 36 -25.55 1.67 -30.25
C TYR M 36 -24.47 2.57 -29.74
N ASN M 37 -23.45 2.82 -30.56
CA ASN M 37 -22.34 3.65 -30.10
C ASN M 37 -22.81 5.04 -29.68
N GLU M 38 -23.78 5.59 -30.41
CA GLU M 38 -24.33 6.88 -30.02
C GLU M 38 -24.97 6.77 -28.63
N ALA M 39 -25.65 5.64 -28.39
CA ALA M 39 -26.36 5.44 -27.13
C ALA M 39 -25.39 5.30 -25.99
N VAL M 40 -24.35 4.51 -26.19
CA VAL M 40 -23.37 4.29 -25.13
C VAL M 40 -22.57 5.57 -24.92
N ASN M 41 -22.41 6.36 -25.98
CA ASN M 41 -21.60 7.57 -25.85
C ASN M 41 -22.34 8.82 -25.39
N ASN M 42 -23.66 8.88 -25.49
CA ASN M 42 -24.33 9.91 -24.71
C ASN M 42 -25.34 9.29 -23.77
N GLN M 43 -24.88 8.92 -22.59
CA GLN M 43 -25.78 8.16 -21.73
C GLN M 43 -26.82 9.03 -21.04
N ASP M 44 -26.65 10.34 -21.16
CA ASP M 44 -27.48 11.29 -20.44
C ASP M 44 -28.90 11.33 -20.94
N ARG M 45 -29.06 11.02 -22.22
CA ARG M 45 -30.39 11.06 -22.80
C ARG M 45 -31.07 9.71 -22.99
N VAL M 46 -30.39 8.66 -22.53
CA VAL M 46 -30.96 7.32 -22.60
C VAL M 46 -31.87 7.12 -21.41
N PRO M 47 -33.08 6.61 -21.65
CA PRO M 47 -34.03 6.39 -20.57
C PRO M 47 -33.45 5.46 -19.51
N VAL M 48 -33.77 5.75 -18.24
CA VAL M 48 -33.06 5.17 -17.12
C VAL M 48 -33.11 3.63 -17.16
N GLN M 49 -34.23 3.07 -17.60
CA GLN M 49 -34.42 1.62 -17.60
C GLN M 49 -33.56 0.88 -18.60
N ILE M 50 -33.02 1.62 -19.57
CA ILE M 50 -32.23 1.00 -20.62
C ILE M 50 -30.76 0.92 -20.21
N LEU M 51 -30.40 1.66 -19.18
CA LEU M 51 -29.00 1.75 -18.81
C LEU M 51 -28.37 0.44 -18.32
N PRO M 52 -29.08 -0.33 -17.47
CA PRO M 52 -28.45 -1.61 -17.11
C PRO M 52 -28.12 -2.44 -18.34
N SER M 53 -28.89 -2.30 -19.42
CA SER M 53 -28.67 -3.06 -20.64
C SER M 53 -27.30 -2.81 -21.29
N LEU M 54 -26.73 -1.64 -21.05
CA LEU M 54 -25.47 -1.28 -21.68
C LEU M 54 -24.28 -1.97 -21.02
N SER M 55 -24.47 -2.46 -19.79
CA SER M 55 -23.45 -3.25 -19.11
C SER M 55 -23.45 -4.74 -19.52
N ARG M 56 -24.47 -5.16 -20.27
CA ARG M 56 -24.60 -6.56 -20.63
C ARG M 56 -24.34 -6.71 -22.12
N TYR M 57 -24.01 -7.93 -22.54
CA TYR M 57 -23.46 -8.16 -23.87
C TYR M 57 -24.49 -8.17 -25.00
N GLN M 58 -25.73 -8.55 -24.69
CA GLN M 58 -26.75 -8.79 -25.71
C GLN M 58 -26.98 -7.62 -26.71
N LEU M 59 -27.13 -6.39 -26.24
CA LEU M 59 -27.37 -5.29 -27.19
C LEU M 59 -26.19 -5.06 -28.10
N LYS M 60 -24.96 -5.15 -27.57
CA LYS M 60 -23.81 -4.92 -28.42
C LYS M 60 -23.77 -6.01 -29.49
N LEU M 61 -23.95 -7.25 -29.07
CA LEU M 61 -23.99 -8.35 -30.03
C LEU M 61 -25.12 -8.20 -31.04
N ALA M 62 -26.28 -7.74 -30.56
CA ALA M 62 -27.43 -7.53 -31.44
C ALA M 62 -27.11 -6.48 -32.49
N ALA M 63 -26.53 -5.37 -32.04
CA ALA M 63 -26.14 -4.33 -32.97
C ALA M 63 -25.10 -4.87 -33.95
N GLU M 64 -24.14 -5.64 -33.44
CA GLU M 64 -23.09 -6.17 -34.32
C GLU M 64 -23.70 -7.08 -35.39
N LEU M 65 -24.71 -7.85 -35.03
CA LEU M 65 -25.35 -8.71 -36.02
C LEU M 65 -26.10 -7.87 -37.06
N LYS M 66 -26.86 -6.88 -36.59
CA LYS M 66 -27.63 -6.01 -37.48
C LYS M 66 -26.68 -5.30 -38.42
N THR M 67 -25.50 -5.00 -37.90
CA THR M 67 -24.48 -4.36 -38.68
C THR M 67 -24.03 -5.24 -39.82
N LEU M 68 -23.61 -6.47 -39.51
CA LEU M 68 -23.21 -7.42 -40.53
C LEU M 68 -24.28 -7.55 -41.59
N HIS M 69 -25.53 -7.40 -41.17
CA HIS M 69 -26.65 -7.55 -42.08
C HIS M 69 -26.69 -6.39 -43.09
N ASP M 70 -26.48 -5.18 -42.60
CA ASP M 70 -26.53 -3.98 -43.43
C ASP M 70 -25.38 -4.03 -44.43
N LEU M 71 -24.25 -4.62 -44.02
CA LEU M 71 -23.06 -4.75 -44.87
C LEU M 71 -23.02 -6.03 -45.75
N LYS M 72 -24.16 -6.73 -45.84
CA LYS M 72 -24.29 -8.00 -46.58
C LYS M 72 -23.14 -9.00 -46.31
N LYS M 73 -22.59 -9.00 -45.10
CA LYS M 73 -21.61 -10.01 -44.67
C LYS M 73 -22.29 -11.15 -43.92
N ASP M 74 -23.62 -11.14 -44.00
CA ASP M 74 -24.50 -12.13 -43.42
C ASP M 74 -24.10 -13.59 -43.61
N ALA M 75 -23.44 -13.90 -44.71
CA ALA M 75 -23.79 -15.03 -45.58
C ALA M 75 -24.40 -16.27 -44.93
N ILE M 76 -23.73 -16.87 -43.95
CA ILE M 76 -24.25 -18.09 -43.35
C ILE M 76 -25.65 -17.88 -42.76
N LEU M 77 -25.86 -16.74 -42.10
CA LEU M 77 -27.11 -16.55 -41.37
C LEU M 77 -28.29 -16.28 -42.31
N THR M 78 -28.04 -15.63 -43.42
CA THR M 78 -29.11 -15.45 -44.39
C THR M 78 -29.57 -16.79 -44.98
N GLU M 79 -28.61 -17.67 -45.25
CA GLU M 79 -28.93 -19.00 -45.77
C GLU M 79 -29.88 -19.68 -44.81
N ILE M 80 -29.56 -19.56 -43.52
CA ILE M 80 -30.37 -20.12 -42.44
C ILE M 80 -31.80 -19.59 -42.44
N THR M 81 -31.98 -18.29 -42.60
CA THR M 81 -33.33 -17.74 -42.62
C THR M 81 -34.07 -18.25 -43.84
N ASP M 82 -33.32 -18.53 -44.89
CA ASP M 82 -33.92 -18.96 -46.15
C ASP M 82 -34.02 -20.48 -46.25
N TYR M 83 -33.37 -21.17 -45.33
CA TYR M 83 -33.18 -22.61 -45.45
C TYR M 83 -34.49 -23.37 -45.63
N GLU M 84 -35.48 -23.04 -44.82
CA GLU M 84 -36.74 -23.79 -44.84
C GLU M 84 -37.45 -23.78 -46.18
N ASN M 85 -37.47 -22.62 -46.83
CA ASN M 85 -38.23 -22.49 -48.07
C ASN M 85 -37.48 -23.15 -49.28
N GLU M 86 -36.18 -23.40 -49.16
CA GLU M 86 -35.44 -24.16 -50.17
C GLU M 86 -35.30 -25.66 -49.82
N PHE M 87 -35.90 -26.08 -48.72
CA PHE M 87 -35.79 -27.48 -48.33
C PHE M 87 -36.70 -28.35 -49.19
N ASP M 88 -36.13 -29.45 -49.70
CA ASP M 88 -36.89 -30.50 -50.37
C ASP M 88 -36.25 -31.84 -50.01
N THR M 89 -37.11 -32.82 -49.68
CA THR M 89 -36.65 -34.14 -49.27
C THR M 89 -35.95 -34.97 -50.35
N GLU M 90 -36.30 -34.77 -51.62
CA GLU M 90 -35.69 -35.55 -52.69
C GLU M 90 -34.52 -34.80 -53.36
N GLN M 91 -34.15 -33.65 -52.83
CA GLN M 91 -32.88 -33.03 -53.17
C GLN M 91 -31.98 -33.47 -52.03
N LYS M 92 -31.04 -34.32 -52.40
CA LYS M 92 -30.28 -35.08 -51.44
C LYS M 92 -28.92 -34.45 -51.12
N GLN M 93 -28.70 -33.22 -51.56
CA GLN M 93 -27.39 -32.62 -51.35
C GLN M 93 -27.53 -31.34 -50.51
N PRO M 94 -26.45 -30.97 -49.79
CA PRO M 94 -26.43 -29.84 -48.85
C PRO M 94 -26.93 -28.51 -49.43
N ILE M 95 -27.76 -27.79 -48.67
CA ILE M 95 -28.30 -26.52 -49.12
C ILE M 95 -27.35 -25.39 -48.74
N LEU M 96 -26.42 -25.70 -47.84
CA LEU M 96 -25.41 -24.73 -47.46
C LEU M 96 -24.20 -24.87 -48.38
N GLN M 97 -23.79 -23.76 -48.96
CA GLN M 97 -22.74 -23.79 -49.96
C GLN M 97 -21.32 -23.76 -49.40
N GLU M 98 -21.21 -23.69 -48.09
CA GLU M 98 -19.92 -23.70 -47.44
C GLU M 98 -19.51 -25.17 -47.30
N ILE M 99 -20.46 -26.06 -47.56
CA ILE M 99 -20.19 -27.50 -47.55
C ILE M 99 -19.99 -28.03 -48.98
N SER M 100 -18.79 -28.53 -49.23
CA SER M 100 -18.40 -28.95 -50.56
C SER M 100 -18.65 -30.42 -50.78
N LYS M 101 -18.92 -30.79 -52.03
CA LYS M 101 -19.07 -32.20 -52.41
C LYS M 101 -17.69 -32.79 -52.09
N ALA M 102 -16.68 -31.92 -52.09
CA ALA M 102 -15.31 -32.24 -51.71
C ALA M 102 -15.13 -32.29 -50.19
N ASP M 103 -15.71 -31.30 -49.47
CA ASP M 103 -15.61 -31.25 -47.99
C ASP M 103 -16.12 -32.50 -47.35
N MET M 104 -17.18 -33.02 -47.98
CA MET M 104 -17.84 -34.20 -47.50
C MET M 104 -16.75 -35.25 -47.44
N GLU M 105 -16.00 -35.48 -48.52
CA GLU M 105 -15.14 -36.63 -48.52
C GLU M 105 -14.14 -36.66 -47.36
N LYS M 106 -13.87 -35.57 -46.66
CA LYS M 106 -13.09 -35.82 -45.45
C LYS M 106 -13.93 -36.73 -44.50
N LEU M 107 -15.24 -36.47 -44.44
CA LEU M 107 -16.07 -37.01 -43.33
C LEU M 107 -16.66 -38.45 -43.36
N GLU M 108 -17.22 -38.91 -44.48
CA GLU M 108 -17.87 -40.24 -44.59
C GLU M 108 -16.88 -41.37 -44.22
N LYS M 109 -15.65 -41.18 -44.66
CA LYS M 109 -14.64 -42.17 -44.47
C LYS M 109 -13.87 -42.08 -43.14
N LEU M 110 -13.95 -40.94 -42.45
CA LEU M 110 -13.28 -40.88 -41.16
C LEU M 110 -13.92 -41.84 -40.13
N GLU M 111 -15.24 -42.05 -40.27
CA GLU M 111 -15.95 -42.99 -39.39
C GLU M 111 -15.84 -44.45 -39.90
N GLN M 112 -15.46 -44.59 -41.17
CA GLN M 112 -15.11 -45.88 -41.76
C GLN M 112 -13.89 -46.50 -41.06
N ASN N 3 -35.25 6.72 -29.96
CA ASN N 3 -34.31 5.73 -30.48
C ASN N 3 -34.65 4.35 -29.95
N TYR N 4 -33.89 3.87 -28.96
CA TYR N 4 -34.15 2.58 -28.30
C TYR N 4 -35.38 2.67 -27.40
N LYS N 5 -36.26 1.67 -27.42
CA LYS N 5 -37.42 1.72 -26.54
C LYS N 5 -37.31 0.59 -25.54
N TYR N 6 -37.80 0.80 -24.30
CA TYR N 6 -37.60 -0.18 -23.24
C TYR N 6 -38.15 -1.53 -23.65
N LEU N 7 -39.43 -1.59 -24.03
CA LEU N 7 -40.04 -2.84 -24.43
C LEU N 7 -39.32 -3.48 -25.61
N GLU N 8 -38.79 -2.68 -26.52
CA GLU N 8 -38.08 -3.27 -27.63
C GLU N 8 -36.76 -3.80 -27.14
N VAL N 9 -36.18 -3.13 -26.16
CA VAL N 9 -34.88 -3.54 -25.69
C VAL N 9 -34.94 -4.91 -24.98
N ILE N 10 -35.89 -5.12 -24.07
CA ILE N 10 -35.92 -6.41 -23.38
C ILE N 10 -36.19 -7.57 -24.34
N GLN N 11 -36.94 -7.34 -25.43
CA GLN N 11 -37.21 -8.40 -26.38
C GLN N 11 -35.94 -8.80 -27.10
N LEU N 12 -35.09 -7.83 -27.35
CA LEU N 12 -33.86 -8.05 -28.10
C LEU N 12 -32.91 -8.88 -27.28
N GLU N 13 -32.75 -8.48 -26.03
CA GLU N 13 -31.87 -9.14 -25.08
C GLU N 13 -32.30 -10.60 -24.94
N HIS N 14 -33.59 -10.78 -24.79
CA HIS N 14 -34.11 -12.12 -24.62
C HIS N 14 -33.83 -12.89 -25.89
N ALA N 15 -34.06 -12.23 -27.02
CA ALA N 15 -33.93 -12.84 -28.34
C ALA N 15 -32.50 -13.28 -28.59
N VAL N 16 -31.55 -12.44 -28.24
CA VAL N 16 -30.13 -12.78 -28.38
C VAL N 16 -29.76 -13.99 -27.50
N THR N 17 -30.25 -13.99 -26.27
CA THR N 17 -30.00 -15.11 -25.36
C THR N 17 -30.56 -16.39 -25.96
N LYS N 18 -31.82 -16.35 -26.38
CA LYS N 18 -32.45 -17.51 -26.98
C LYS N 18 -31.64 -17.97 -28.17
N LEU N 19 -31.11 -17.00 -28.91
CA LEU N 19 -30.32 -17.27 -30.10
C LEU N 19 -29.08 -18.10 -29.78
N VAL N 20 -28.28 -17.63 -28.84
CA VAL N 20 -27.03 -18.32 -28.51
C VAL N 20 -27.32 -19.70 -27.91
N GLU N 21 -28.28 -19.76 -26.99
CA GLU N 21 -28.60 -21.01 -26.34
C GLU N 21 -29.04 -22.05 -27.35
N SER N 22 -29.75 -21.60 -28.38
CA SER N 22 -30.28 -22.51 -29.38
C SER N 22 -29.19 -23.11 -30.21
N TYR N 23 -28.24 -22.30 -30.65
CA TYR N 23 -27.15 -22.83 -31.44
C TYR N 23 -26.33 -23.83 -30.65
N ASN N 24 -26.06 -23.50 -29.39
CA ASN N 24 -25.35 -24.37 -28.47
C ASN N 24 -26.02 -25.72 -28.38
N LYS N 25 -27.35 -25.73 -28.27
CA LYS N 25 -28.09 -26.98 -28.17
C LYS N 25 -27.93 -27.81 -29.45
N ILE N 26 -27.93 -27.16 -30.59
CA ILE N 26 -27.85 -27.86 -31.88
C ILE N 26 -26.54 -28.60 -32.01
N ILE N 27 -25.45 -27.91 -31.72
CA ILE N 27 -24.12 -28.48 -31.77
C ILE N 27 -23.97 -29.62 -30.76
N GLU N 28 -24.59 -29.44 -29.60
CA GLU N 28 -24.60 -30.47 -28.58
C GLU N 28 -25.32 -31.74 -29.02
N LEU N 29 -26.58 -31.60 -29.39
CA LEU N 29 -27.41 -32.76 -29.65
C LEU N 29 -27.28 -33.37 -31.04
N SER N 30 -27.00 -32.56 -32.05
CA SER N 30 -27.12 -33.06 -33.41
C SER N 30 -25.86 -33.74 -33.92
N PRO N 31 -26.03 -34.83 -34.66
CA PRO N 31 -24.98 -35.43 -35.50
C PRO N 31 -24.68 -34.62 -36.76
N ASN N 32 -23.55 -34.89 -37.40
CA ASN N 32 -23.25 -34.22 -38.67
C ASN N 32 -23.93 -34.94 -39.84
N LEU N 33 -23.77 -34.38 -41.03
CA LEU N 33 -24.52 -34.79 -42.19
C LEU N 33 -24.31 -36.25 -42.62
N VAL N 34 -23.23 -36.91 -42.22
CA VAL N 34 -23.09 -38.30 -42.64
C VAL N 34 -24.12 -39.16 -41.90
N ALA N 35 -24.23 -38.94 -40.59
CA ALA N 35 -25.17 -39.69 -39.75
C ALA N 35 -26.62 -39.41 -40.12
N TYR N 36 -26.88 -38.17 -40.55
CA TYR N 36 -28.20 -37.78 -41.04
C TYR N 36 -28.61 -38.55 -42.28
N ASN N 37 -27.71 -38.60 -43.26
CA ASN N 37 -27.97 -39.27 -44.52
C ASN N 37 -28.25 -40.75 -44.38
N GLU N 38 -27.51 -41.40 -43.49
CA GLU N 38 -27.74 -42.81 -43.23
C GLU N 38 -29.16 -42.98 -42.70
N ALA N 39 -29.56 -42.08 -41.82
CA ALA N 39 -30.87 -42.14 -41.17
C ALA N 39 -32.01 -41.91 -42.16
N VAL N 40 -31.86 -40.92 -43.05
CA VAL N 40 -32.93 -40.58 -43.99
C VAL N 40 -33.12 -41.68 -45.04
N ASN N 41 -32.04 -42.42 -45.30
CA ASN N 41 -32.08 -43.50 -46.28
C ASN N 41 -32.55 -44.84 -45.73
N ASN N 42 -32.47 -45.06 -44.42
CA ASN N 42 -33.16 -46.21 -43.84
C ASN N 42 -34.19 -45.85 -42.78
N GLN N 43 -35.45 -45.70 -43.17
CA GLN N 43 -36.43 -45.19 -42.23
C GLN N 43 -37.16 -46.36 -41.57
N ASP N 44 -36.94 -47.55 -42.11
CA ASP N 44 -37.50 -48.74 -41.49
C ASP N 44 -36.68 -49.14 -40.25
N ARG N 45 -35.42 -48.68 -40.15
CA ARG N 45 -34.60 -48.97 -38.96
C ARG N 45 -34.54 -47.87 -37.89
N VAL N 46 -35.15 -46.72 -38.19
CA VAL N 46 -35.31 -45.58 -37.26
C VAL N 46 -36.63 -45.67 -36.49
N PRO N 47 -36.66 -45.18 -35.22
CA PRO N 47 -37.90 -45.26 -34.43
C PRO N 47 -39.08 -44.60 -35.14
N VAL N 48 -40.26 -45.21 -35.10
CA VAL N 48 -41.36 -44.72 -35.93
C VAL N 48 -41.70 -43.27 -35.63
N GLN N 49 -41.52 -42.88 -34.38
CA GLN N 49 -41.93 -41.58 -33.88
C GLN N 49 -41.10 -40.43 -34.46
N ILE N 50 -39.90 -40.72 -34.95
CA ILE N 50 -39.05 -39.65 -35.51
C ILE N 50 -39.29 -39.44 -37.00
N LEU N 51 -40.14 -40.27 -37.58
CA LEU N 51 -40.33 -40.27 -39.01
C LEU N 51 -40.85 -38.90 -39.54
N PRO N 52 -41.90 -38.33 -38.90
CA PRO N 52 -42.32 -36.99 -39.37
C PRO N 52 -41.24 -35.93 -39.29
N SER N 53 -40.36 -36.01 -38.31
CA SER N 53 -39.31 -35.02 -38.19
C SER N 53 -38.38 -35.09 -39.40
N LEU N 54 -38.24 -36.29 -39.95
CA LEU N 54 -37.32 -36.46 -41.06
C LEU N 54 -37.89 -35.90 -42.33
N SER N 55 -39.21 -35.77 -42.38
CA SER N 55 -39.80 -35.16 -43.56
C SER N 55 -39.64 -33.61 -43.56
N ARG N 56 -39.21 -33.00 -42.44
CA ARG N 56 -39.07 -31.54 -42.32
C ARG N 56 -37.63 -31.05 -42.32
N TYR N 57 -37.44 -29.74 -42.36
CA TYR N 57 -36.11 -29.16 -42.62
C TYR N 57 -35.18 -29.11 -41.42
N GLN N 58 -35.75 -28.93 -40.23
CA GLN N 58 -34.95 -28.62 -39.07
C GLN N 58 -33.79 -29.58 -38.89
N LEU N 59 -34.09 -30.87 -39.04
CA LEU N 59 -33.13 -31.92 -38.75
C LEU N 59 -31.95 -31.84 -39.68
N LYS N 60 -32.23 -31.59 -40.95
CA LYS N 60 -31.18 -31.49 -41.96
C LYS N 60 -30.36 -30.25 -41.70
N LEU N 61 -31.04 -29.12 -41.46
CA LEU N 61 -30.38 -27.85 -41.12
C LEU N 61 -29.51 -27.97 -39.89
N ALA N 62 -30.00 -28.69 -38.88
CA ALA N 62 -29.23 -28.88 -37.67
C ALA N 62 -27.96 -29.66 -38.00
N ALA N 63 -28.11 -30.70 -38.81
CA ALA N 63 -26.97 -31.51 -39.24
C ALA N 63 -25.98 -30.70 -40.06
N GLU N 64 -26.50 -29.87 -40.95
CA GLU N 64 -25.65 -29.10 -41.84
C GLU N 64 -24.80 -28.16 -41.02
N LEU N 65 -25.42 -27.57 -40.01
CA LEU N 65 -24.74 -26.62 -39.14
C LEU N 65 -23.69 -27.36 -38.35
N LYS N 66 -24.05 -28.53 -37.86
CA LYS N 66 -23.12 -29.35 -37.08
C LYS N 66 -21.92 -29.71 -37.94
N THR N 67 -22.15 -29.94 -39.22
CA THR N 67 -21.09 -30.31 -40.15
C THR N 67 -20.06 -29.21 -40.28
N LEU N 68 -20.54 -28.00 -40.56
CA LEU N 68 -19.70 -26.83 -40.66
C LEU N 68 -18.79 -26.71 -39.44
N HIS N 69 -19.32 -27.13 -38.30
CA HIS N 69 -18.59 -27.03 -37.05
C HIS N 69 -17.41 -28.00 -37.05
N ASP N 70 -17.65 -29.20 -37.55
CA ASP N 70 -16.61 -30.21 -37.59
C ASP N 70 -15.51 -29.79 -38.56
N LEU N 71 -15.89 -29.05 -39.58
CA LEU N 71 -14.93 -28.62 -40.57
C LEU N 71 -14.22 -27.34 -40.09
N LYS N 72 -14.53 -26.94 -38.86
CA LYS N 72 -14.00 -25.71 -38.31
C LYS N 72 -14.22 -24.52 -39.27
N LYS N 73 -15.32 -24.56 -40.06
CA LYS N 73 -15.72 -23.44 -40.93
C LYS N 73 -16.77 -22.47 -40.35
N ASP N 74 -16.98 -22.63 -39.04
CA ASP N 74 -17.85 -21.85 -38.17
C ASP N 74 -17.85 -20.31 -38.23
N ALA N 75 -16.68 -19.73 -38.41
CA ALA N 75 -16.17 -18.68 -37.53
C ALA N 75 -17.21 -17.73 -36.92
N ILE N 76 -18.14 -17.21 -37.72
CA ILE N 76 -19.12 -16.26 -37.22
C ILE N 76 -19.91 -16.80 -36.01
N LEU N 77 -20.29 -18.08 -36.09
CA LEU N 77 -21.09 -18.72 -35.05
C LEU N 77 -20.20 -19.07 -33.87
N THR N 78 -18.94 -19.41 -34.15
CA THR N 78 -17.99 -19.66 -33.07
C THR N 78 -17.83 -18.36 -32.28
N GLU N 79 -17.73 -17.22 -32.98
CA GLU N 79 -17.65 -15.91 -32.33
C GLU N 79 -18.86 -15.59 -31.48
N ILE N 80 -20.04 -15.91 -32.00
CA ILE N 80 -21.27 -15.66 -31.29
C ILE N 80 -21.34 -16.38 -29.94
N THR N 81 -21.02 -17.66 -29.94
CA THR N 81 -21.06 -18.44 -28.72
C THR N 81 -19.99 -18.00 -27.72
N ASP N 82 -18.89 -17.47 -28.23
CA ASP N 82 -17.78 -17.01 -27.41
C ASP N 82 -17.90 -15.53 -27.06
N TYR N 83 -18.87 -14.87 -27.68
CA TYR N 83 -19.04 -13.43 -27.56
C TYR N 83 -19.20 -12.97 -26.11
N GLU N 84 -20.04 -13.65 -25.35
CA GLU N 84 -20.33 -13.23 -23.97
C GLU N 84 -19.05 -13.19 -23.13
N ASN N 85 -18.17 -14.15 -23.36
CA ASN N 85 -16.94 -14.27 -22.58
C ASN N 85 -15.91 -13.20 -22.99
N GLU N 86 -16.10 -12.63 -24.18
CA GLU N 86 -15.26 -11.54 -24.70
C GLU N 86 -15.80 -10.14 -24.50
N PHE N 87 -16.95 -10.00 -23.88
CA PHE N 87 -17.56 -8.68 -23.75
C PHE N 87 -16.87 -7.91 -22.64
N ASP N 88 -16.53 -6.64 -22.89
CA ASP N 88 -16.01 -5.72 -21.86
C ASP N 88 -16.60 -4.31 -22.05
N THR N 89 -17.07 -3.68 -20.96
CA THR N 89 -17.75 -2.38 -21.09
C THR N 89 -16.87 -1.23 -21.60
N GLU N 90 -15.60 -1.24 -21.21
CA GLU N 90 -14.69 -0.19 -21.65
C GLU N 90 -13.82 -0.68 -22.81
N GLN N 91 -14.18 -1.86 -23.32
CA GLN N 91 -13.72 -2.23 -24.65
C GLN N 91 -14.86 -1.84 -25.61
N LYS N 92 -14.63 -0.80 -26.39
CA LYS N 92 -15.72 -0.22 -27.17
C LYS N 92 -15.72 -0.61 -28.64
N GLN N 93 -14.92 -1.59 -29.02
CA GLN N 93 -14.81 -1.92 -30.43
C GLN N 93 -15.37 -3.29 -30.77
N PRO N 94 -15.86 -3.43 -32.03
CA PRO N 94 -16.60 -4.61 -32.48
C PRO N 94 -15.84 -5.89 -32.16
N ILE N 95 -16.54 -6.87 -31.62
CA ILE N 95 -15.88 -8.11 -31.24
C ILE N 95 -15.87 -9.06 -32.43
N LEU N 96 -16.72 -8.74 -33.41
CA LEU N 96 -16.77 -9.50 -34.64
C LEU N 96 -15.76 -8.90 -35.62
N GLN N 97 -14.96 -9.78 -36.20
CA GLN N 97 -13.89 -9.42 -37.10
C GLN N 97 -14.34 -9.33 -38.55
N GLU N 98 -15.61 -9.66 -38.82
CA GLU N 98 -16.07 -9.52 -40.19
C GLU N 98 -16.49 -8.07 -40.28
N ILE N 99 -16.64 -7.44 -39.13
CA ILE N 99 -16.82 -6.01 -39.16
C ILE N 99 -15.45 -5.41 -38.86
N SER N 100 -14.91 -4.78 -39.90
CA SER N 100 -13.58 -4.19 -39.87
C SER N 100 -13.80 -2.75 -39.48
N LYS N 101 -12.70 -2.05 -39.21
CA LYS N 101 -12.81 -0.63 -38.92
C LYS N 101 -13.35 -0.08 -40.25
N ALA N 102 -12.67 -0.44 -41.33
CA ALA N 102 -13.04 -0.03 -42.68
C ALA N 102 -14.54 -0.14 -43.00
N ASP N 103 -15.15 -1.23 -42.55
CA ASP N 103 -16.59 -1.43 -42.77
C ASP N 103 -17.35 -0.32 -41.99
N MET N 104 -16.81 0.03 -40.83
CA MET N 104 -17.46 1.02 -39.97
C MET N 104 -17.63 2.43 -40.56
N GLU N 105 -16.63 3.09 -41.16
CA GLU N 105 -16.86 4.51 -41.55
C GLU N 105 -17.92 4.62 -42.62
N LYS N 106 -17.82 3.69 -43.56
CA LYS N 106 -18.77 3.60 -44.65
C LYS N 106 -20.17 3.57 -44.08
N LEU N 107 -20.31 2.90 -42.96
CA LEU N 107 -21.60 2.75 -42.32
C LEU N 107 -21.96 3.98 -41.45
N GLU N 108 -20.98 4.52 -40.73
CA GLU N 108 -21.18 5.75 -39.93
C GLU N 108 -21.66 6.86 -40.85
N LYS N 109 -21.12 6.89 -42.06
CA LYS N 109 -21.46 7.97 -42.97
C LYS N 109 -22.76 7.73 -43.74
N LEU N 110 -23.17 6.47 -43.86
CA LEU N 110 -24.45 6.13 -44.52
C LEU N 110 -25.57 6.63 -43.63
N GLU N 111 -25.30 6.64 -42.33
CA GLU N 111 -26.26 7.16 -41.40
C GLU N 111 -26.17 8.67 -41.43
N GLN N 112 -25.00 9.22 -41.72
CA GLN N 112 -25.09 10.68 -41.90
C GLN N 112 -25.64 10.95 -43.26
N VAL N 113 -25.52 10.03 -44.22
CA VAL N 113 -26.28 10.31 -45.44
C VAL N 113 -27.80 9.90 -45.28
N LYS N 114 -28.33 9.18 -44.24
CA LYS N 114 -29.75 9.58 -43.91
C LYS N 114 -30.06 10.03 -42.43
N ARG N 115 -29.69 11.32 -42.29
CA ARG N 115 -29.73 12.24 -41.14
C ARG N 115 -30.15 13.71 -41.53
N GLU N 116 -29.40 14.31 -42.48
CA GLU N 116 -29.63 15.68 -42.99
C GLU N 116 -30.85 15.80 -43.98
N LYS N 117 -31.28 14.63 -44.51
CA LYS N 117 -32.47 14.30 -45.35
C LYS N 117 -33.76 14.47 -44.55
N ARG N 118 -33.63 14.55 -43.24
CA ARG N 118 -34.81 14.72 -42.37
C ARG N 118 -34.89 16.23 -42.09
N GLU N 119 -34.01 16.98 -42.77
CA GLU N 119 -33.93 18.45 -42.69
C GLU N 119 -33.43 19.06 -44.01
#